data_1O4D
# 
_entry.id   1O4D 
# 
_audit_conform.dict_name       mmcif_pdbx.dic 
_audit_conform.dict_version    5.399 
_audit_conform.dict_location   http://mmcif.pdb.org/dictionaries/ascii/mmcif_pdbx.dic 
# 
loop_
_database_2.database_id 
_database_2.database_code 
_database_2.pdbx_database_accession 
_database_2.pdbx_DOI 
PDB   1O4D         pdb_00001o4d 10.2210/pdb1o4d/pdb 
RCSB  RCSB001788   ?            ?                   
WWPDB D_1000001788 ?            ?                   
# 
loop_
_pdbx_audit_revision_history.ordinal 
_pdbx_audit_revision_history.data_content_type 
_pdbx_audit_revision_history.major_revision 
_pdbx_audit_revision_history.minor_revision 
_pdbx_audit_revision_history.revision_date 
1 'Structure model' 1 0 2004-02-17 
2 'Structure model' 1 1 2008-04-26 
3 'Structure model' 1 2 2011-07-13 
4 'Structure model' 1 3 2023-08-16 
5 'Structure model' 1 4 2024-11-20 
# 
_pdbx_audit_revision_details.ordinal             1 
_pdbx_audit_revision_details.revision_ordinal    1 
_pdbx_audit_revision_details.data_content_type   'Structure model' 
_pdbx_audit_revision_details.provider            repository 
_pdbx_audit_revision_details.type                'Initial release' 
_pdbx_audit_revision_details.description         ? 
_pdbx_audit_revision_details.details             ? 
# 
loop_
_pdbx_audit_revision_group.ordinal 
_pdbx_audit_revision_group.revision_ordinal 
_pdbx_audit_revision_group.data_content_type 
_pdbx_audit_revision_group.group 
1 2 'Structure model' 'Version format compliance' 
2 3 'Structure model' 'Version format compliance' 
3 4 'Structure model' 'Data collection'           
4 4 'Structure model' 'Database references'       
5 4 'Structure model' 'Derived calculations'      
6 4 'Structure model' 'Refinement description'    
7 5 'Structure model' 'Structure summary'         
# 
loop_
_pdbx_audit_revision_category.ordinal 
_pdbx_audit_revision_category.revision_ordinal 
_pdbx_audit_revision_category.data_content_type 
_pdbx_audit_revision_category.category 
1 4 'Structure model' chem_comp_atom                
2 4 'Structure model' chem_comp_bond                
3 4 'Structure model' database_2                    
4 4 'Structure model' pdbx_initial_refinement_model 
5 4 'Structure model' struct_conn                   
6 4 'Structure model' struct_site                   
7 5 'Structure model' pdbx_entry_details            
8 5 'Structure model' pdbx_modification_feature     
# 
loop_
_pdbx_audit_revision_item.ordinal 
_pdbx_audit_revision_item.revision_ordinal 
_pdbx_audit_revision_item.data_content_type 
_pdbx_audit_revision_item.item 
1 4 'Structure model' '_database_2.pdbx_DOI'                
2 4 'Structure model' '_database_2.pdbx_database_accession' 
3 4 'Structure model' '_struct_conn.pdbx_leaving_atom_flag' 
4 4 'Structure model' '_struct_site.pdbx_auth_asym_id'      
5 4 'Structure model' '_struct_site.pdbx_auth_comp_id'      
6 4 'Structure model' '_struct_site.pdbx_auth_seq_id'       
# 
_pdbx_database_status.status_code                     REL 
_pdbx_database_status.entry_id                        1O4D 
_pdbx_database_status.recvd_initial_deposition_date   2003-06-15 
_pdbx_database_status.deposit_site                    RCSB 
_pdbx_database_status.process_site                    RCSB 
_pdbx_database_status.SG_entry                        . 
_pdbx_database_status.pdb_format_compatible           Y 
_pdbx_database_status.status_code_mr                  ? 
_pdbx_database_status.status_code_sf                  ? 
_pdbx_database_status.status_code_cs                  ? 
_pdbx_database_status.status_code_nmr_data            ? 
_pdbx_database_status.methods_development_category    ? 
# 
loop_
_audit_author.name 
_audit_author.pdbx_ordinal 
'Lange, G.'  1 
'Loenze, P.' 2 
'Liesum, A.' 3 
# 
_citation.id                        primary 
_citation.title                     
;Requirements for specific binding of low affinity inhibitor fragments to the SH2 domain of (pp60)Src are identical to those for high affinity binding of full length inhibitors.
;
_citation.journal_abbrev            J.Med.Chem. 
_citation.journal_volume            46 
_citation.page_first                5184 
_citation.page_last                 5195 
_citation.year                      2003 
_citation.journal_id_ASTM           JMCMAR 
_citation.country                   US 
_citation.journal_id_ISSN           0022-2623 
_citation.journal_id_CSD            0151 
_citation.book_publisher            ? 
_citation.pdbx_database_id_PubMed   14613321 
_citation.pdbx_database_id_DOI      10.1021/jm020970s 
# 
loop_
_citation_author.citation_id 
_citation_author.name 
_citation_author.ordinal 
_citation_author.identifier_ORCID 
primary 'Lange, G.'       1  ? 
primary 'Lesuisse, D.'    2  ? 
primary 'Deprez, P.'      3  ? 
primary 'Schoot, B.'      4  ? 
primary 'Loenze, P.'      5  ? 
primary 'Benard, D.'      6  ? 
primary 'Marquette, J.P.' 7  ? 
primary 'Broto, P.'       8  ? 
primary 'Sarubbi, E.'     9  ? 
primary 'Mandine, E.'     10 ? 
# 
loop_
_entity.id 
_entity.type 
_entity.src_method 
_entity.pdbx_description 
_entity.formula_weight 
_entity.pdbx_number_of_molecules 
_entity.pdbx_ec 
_entity.pdbx_mutation 
_entity.pdbx_fragment 
_entity.details 
1 polymer     man 'PROTO-ONCOGENE TYROSINE-PROTEIN KINASE SRC' 12374.964 1   2.7.1.112 ? 'SH2 DOMAIN' ? 
2 non-polymer syn '2-FORMYLPHENYL DIHYDROGEN PHOSPHATE'        202.101   1   ?         ? ?            ? 
3 water       nat water                                        18.015    108 ?         ? ?            ? 
# 
_entity_name_com.entity_id   1 
_entity_name_com.name        'P60-SRC, C-SRC' 
# 
_entity_poly.entity_id                      1 
_entity_poly.type                           'polypeptide(L)' 
_entity_poly.nstd_linkage                   no 
_entity_poly.nstd_monomer                   no 
_entity_poly.pdbx_seq_one_letter_code       
;SIQAEEWYFGKITRRESERLLLNAENPRGTFLVRESETTKGAYCLSVSDFDNAKGLNVKHYKIRKLDSGGFYITSRTQFN
SLQQLVAYYSKHADGLCHRLTTVCPTSK
;
_entity_poly.pdbx_seq_one_letter_code_can   
;SIQAEEWYFGKITRRESERLLLNAENPRGTFLVRESETTKGAYCLSVSDFDNAKGLNVKHYKIRKLDSGGFYITSRTQFN
SLQQLVAYYSKHADGLCHRLTTVCPTSK
;
_entity_poly.pdbx_strand_id                 A 
_entity_poly.pdbx_target_identifier         ? 
# 
loop_
_pdbx_entity_nonpoly.entity_id 
_pdbx_entity_nonpoly.name 
_pdbx_entity_nonpoly.comp_id 
2 '2-FORMYLPHENYL DIHYDROGEN PHOSPHATE' 262 
3 water                                 HOH 
# 
loop_
_entity_poly_seq.entity_id 
_entity_poly_seq.num 
_entity_poly_seq.mon_id 
_entity_poly_seq.hetero 
1 1   SER n 
1 2   ILE n 
1 3   GLN n 
1 4   ALA n 
1 5   GLU n 
1 6   GLU n 
1 7   TRP n 
1 8   TYR n 
1 9   PHE n 
1 10  GLY n 
1 11  LYS n 
1 12  ILE n 
1 13  THR n 
1 14  ARG n 
1 15  ARG n 
1 16  GLU n 
1 17  SER n 
1 18  GLU n 
1 19  ARG n 
1 20  LEU n 
1 21  LEU n 
1 22  LEU n 
1 23  ASN n 
1 24  ALA n 
1 25  GLU n 
1 26  ASN n 
1 27  PRO n 
1 28  ARG n 
1 29  GLY n 
1 30  THR n 
1 31  PHE n 
1 32  LEU n 
1 33  VAL n 
1 34  ARG n 
1 35  GLU n 
1 36  SER n 
1 37  GLU n 
1 38  THR n 
1 39  THR n 
1 40  LYS n 
1 41  GLY n 
1 42  ALA n 
1 43  TYR n 
1 44  CYS n 
1 45  LEU n 
1 46  SER n 
1 47  VAL n 
1 48  SER n 
1 49  ASP n 
1 50  PHE n 
1 51  ASP n 
1 52  ASN n 
1 53  ALA n 
1 54  LYS n 
1 55  GLY n 
1 56  LEU n 
1 57  ASN n 
1 58  VAL n 
1 59  LYS n 
1 60  HIS n 
1 61  TYR n 
1 62  LYS n 
1 63  ILE n 
1 64  ARG n 
1 65  LYS n 
1 66  LEU n 
1 67  ASP n 
1 68  SER n 
1 69  GLY n 
1 70  GLY n 
1 71  PHE n 
1 72  TYR n 
1 73  ILE n 
1 74  THR n 
1 75  SER n 
1 76  ARG n 
1 77  THR n 
1 78  GLN n 
1 79  PHE n 
1 80  ASN n 
1 81  SER n 
1 82  LEU n 
1 83  GLN n 
1 84  GLN n 
1 85  LEU n 
1 86  VAL n 
1 87  ALA n 
1 88  TYR n 
1 89  TYR n 
1 90  SER n 
1 91  LYS n 
1 92  HIS n 
1 93  ALA n 
1 94  ASP n 
1 95  GLY n 
1 96  LEU n 
1 97  CYS n 
1 98  HIS n 
1 99  ARG n 
1 100 LEU n 
1 101 THR n 
1 102 THR n 
1 103 VAL n 
1 104 CYS n 
1 105 PRO n 
1 106 THR n 
1 107 SER n 
1 108 LYS n 
# 
_entity_src_gen.entity_id                          1 
_entity_src_gen.pdbx_src_id                        1 
_entity_src_gen.pdbx_alt_source_flag               sample 
_entity_src_gen.pdbx_seq_type                      ? 
_entity_src_gen.pdbx_beg_seq_num                   ? 
_entity_src_gen.pdbx_end_seq_num                   ? 
_entity_src_gen.gene_src_common_name               human 
_entity_src_gen.gene_src_genus                     Homo 
_entity_src_gen.pdbx_gene_src_gene                 SRC 
_entity_src_gen.gene_src_species                   ? 
_entity_src_gen.gene_src_strain                    ? 
_entity_src_gen.gene_src_tissue                    ? 
_entity_src_gen.gene_src_tissue_fraction           ? 
_entity_src_gen.gene_src_details                   ? 
_entity_src_gen.pdbx_gene_src_fragment             ? 
_entity_src_gen.pdbx_gene_src_scientific_name      'Homo sapiens' 
_entity_src_gen.pdbx_gene_src_ncbi_taxonomy_id     9606 
_entity_src_gen.pdbx_gene_src_variant              ? 
_entity_src_gen.pdbx_gene_src_cell_line            ? 
_entity_src_gen.pdbx_gene_src_atcc                 ? 
_entity_src_gen.pdbx_gene_src_organ                ? 
_entity_src_gen.pdbx_gene_src_organelle            ? 
_entity_src_gen.pdbx_gene_src_cell                 ? 
_entity_src_gen.pdbx_gene_src_cellular_location    ? 
_entity_src_gen.host_org_common_name               ? 
_entity_src_gen.pdbx_host_org_scientific_name      'Escherichia coli' 
_entity_src_gen.pdbx_host_org_ncbi_taxonomy_id     562 
_entity_src_gen.host_org_genus                     Escherichia 
_entity_src_gen.pdbx_host_org_gene                 ? 
_entity_src_gen.pdbx_host_org_organ                ? 
_entity_src_gen.host_org_species                   ? 
_entity_src_gen.pdbx_host_org_tissue               ? 
_entity_src_gen.pdbx_host_org_tissue_fraction      ? 
_entity_src_gen.pdbx_host_org_strain               ? 
_entity_src_gen.pdbx_host_org_variant              ? 
_entity_src_gen.pdbx_host_org_cell_line            ? 
_entity_src_gen.pdbx_host_org_atcc                 ? 
_entity_src_gen.pdbx_host_org_culture_collection   ? 
_entity_src_gen.pdbx_host_org_cell                 ? 
_entity_src_gen.pdbx_host_org_organelle            ? 
_entity_src_gen.pdbx_host_org_cellular_location    ? 
_entity_src_gen.pdbx_host_org_vector_type          ? 
_entity_src_gen.pdbx_host_org_vector               ? 
_entity_src_gen.host_org_details                   ? 
_entity_src_gen.expression_system_id               ? 
_entity_src_gen.plasmid_name                       'BL21 (DE3)' 
_entity_src_gen.plasmid_details                    ? 
_entity_src_gen.pdbx_description                   ? 
# 
loop_
_chem_comp.id 
_chem_comp.type 
_chem_comp.mon_nstd_flag 
_chem_comp.name 
_chem_comp.pdbx_synonyms 
_chem_comp.formula 
_chem_comp.formula_weight 
262 non-polymer         . '2-FORMYLPHENYL DIHYDROGEN PHOSPHATE' RU78262 'C7 H7 O5 P'     202.101 
ALA 'L-peptide linking' y ALANINE                               ?       'C3 H7 N O2'     89.093  
ARG 'L-peptide linking' y ARGININE                              ?       'C6 H15 N4 O2 1' 175.209 
ASN 'L-peptide linking' y ASPARAGINE                            ?       'C4 H8 N2 O3'    132.118 
ASP 'L-peptide linking' y 'ASPARTIC ACID'                       ?       'C4 H7 N O4'     133.103 
CYS 'L-peptide linking' y CYSTEINE                              ?       'C3 H7 N O2 S'   121.158 
GLN 'L-peptide linking' y GLUTAMINE                             ?       'C5 H10 N2 O3'   146.144 
GLU 'L-peptide linking' y 'GLUTAMIC ACID'                       ?       'C5 H9 N O4'     147.129 
GLY 'peptide linking'   y GLYCINE                               ?       'C2 H5 N O2'     75.067  
HIS 'L-peptide linking' y HISTIDINE                             ?       'C6 H10 N3 O2 1' 156.162 
HOH non-polymer         . WATER                                 ?       'H2 O'           18.015  
ILE 'L-peptide linking' y ISOLEUCINE                            ?       'C6 H13 N O2'    131.173 
LEU 'L-peptide linking' y LEUCINE                               ?       'C6 H13 N O2'    131.173 
LYS 'L-peptide linking' y LYSINE                                ?       'C6 H15 N2 O2 1' 147.195 
PHE 'L-peptide linking' y PHENYLALANINE                         ?       'C9 H11 N O2'    165.189 
PRO 'L-peptide linking' y PROLINE                               ?       'C5 H9 N O2'     115.130 
SER 'L-peptide linking' y SERINE                                ?       'C3 H7 N O3'     105.093 
THR 'L-peptide linking' y THREONINE                             ?       'C4 H9 N O3'     119.119 
TRP 'L-peptide linking' y TRYPTOPHAN                            ?       'C11 H12 N2 O2'  204.225 
TYR 'L-peptide linking' y TYROSINE                              ?       'C9 H11 N O3'    181.189 
VAL 'L-peptide linking' y VALINE                                ?       'C5 H11 N O2'    117.146 
# 
loop_
_pdbx_poly_seq_scheme.asym_id 
_pdbx_poly_seq_scheme.entity_id 
_pdbx_poly_seq_scheme.seq_id 
_pdbx_poly_seq_scheme.mon_id 
_pdbx_poly_seq_scheme.ndb_seq_num 
_pdbx_poly_seq_scheme.pdb_seq_num 
_pdbx_poly_seq_scheme.auth_seq_num 
_pdbx_poly_seq_scheme.pdb_mon_id 
_pdbx_poly_seq_scheme.auth_mon_id 
_pdbx_poly_seq_scheme.pdb_strand_id 
_pdbx_poly_seq_scheme.pdb_ins_code 
_pdbx_poly_seq_scheme.hetero 
A 1 1   SER 1   1   1   SER SER A . n 
A 1 2   ILE 2   2   2   ILE ILE A . n 
A 1 3   GLN 3   3   3   GLN GLN A . n 
A 1 4   ALA 4   4   4   ALA ALA A . n 
A 1 5   GLU 5   5   5   GLU GLU A . n 
A 1 6   GLU 6   6   6   GLU GLU A . n 
A 1 7   TRP 7   7   7   TRP TRP A . n 
A 1 8   TYR 8   8   8   TYR TYR A . n 
A 1 9   PHE 9   9   9   PHE PHE A . n 
A 1 10  GLY 10  10  10  GLY GLY A . n 
A 1 11  LYS 11  11  11  LYS LYS A . n 
A 1 12  ILE 12  12  12  ILE ILE A . n 
A 1 13  THR 13  13  13  THR THR A . n 
A 1 14  ARG 14  14  14  ARG ARG A . n 
A 1 15  ARG 15  15  15  ARG ARG A . n 
A 1 16  GLU 16  16  16  GLU GLU A . n 
A 1 17  SER 17  17  17  SER SER A . n 
A 1 18  GLU 18  18  18  GLU GLU A . n 
A 1 19  ARG 19  19  19  ARG ARG A . n 
A 1 20  LEU 20  20  20  LEU LEU A . n 
A 1 21  LEU 21  21  21  LEU LEU A . n 
A 1 22  LEU 22  22  22  LEU LEU A . n 
A 1 23  ASN 23  23  23  ASN ASN A . n 
A 1 24  ALA 24  24  24  ALA ALA A . n 
A 1 25  GLU 25  25  25  GLU GLU A . n 
A 1 26  ASN 26  26  26  ASN ASN A . n 
A 1 27  PRO 27  27  27  PRO PRO A . n 
A 1 28  ARG 28  28  28  ARG ARG A . n 
A 1 29  GLY 29  29  29  GLY GLY A . n 
A 1 30  THR 30  30  30  THR THR A . n 
A 1 31  PHE 31  31  31  PHE PHE A . n 
A 1 32  LEU 32  32  32  LEU LEU A . n 
A 1 33  VAL 33  33  33  VAL VAL A . n 
A 1 34  ARG 34  34  34  ARG ARG A . n 
A 1 35  GLU 35  35  35  GLU GLU A . n 
A 1 36  SER 36  36  36  SER SER A . n 
A 1 37  GLU 37  37  37  GLU GLU A . n 
A 1 38  THR 38  38  38  THR THR A . n 
A 1 39  THR 39  39  39  THR THR A . n 
A 1 40  LYS 40  40  40  LYS LYS A . n 
A 1 41  GLY 41  41  41  GLY GLY A . n 
A 1 42  ALA 42  42  42  ALA ALA A . n 
A 1 43  TYR 43  43  43  TYR TYR A . n 
A 1 44  CYS 44  44  44  CYS CYS A . n 
A 1 45  LEU 45  45  45  LEU LEU A . n 
A 1 46  SER 46  46  46  SER SER A . n 
A 1 47  VAL 47  47  47  VAL VAL A . n 
A 1 48  SER 48  48  48  SER SER A . n 
A 1 49  ASP 49  49  49  ASP ASP A . n 
A 1 50  PHE 50  50  50  PHE PHE A . n 
A 1 51  ASP 51  51  51  ASP ASP A . n 
A 1 52  ASN 52  52  52  ASN ASN A . n 
A 1 53  ALA 53  53  53  ALA ALA A . n 
A 1 54  LYS 54  54  54  LYS LYS A . n 
A 1 55  GLY 55  55  55  GLY GLY A . n 
A 1 56  LEU 56  56  56  LEU LEU A . n 
A 1 57  ASN 57  57  57  ASN ASN A . n 
A 1 58  VAL 58  58  58  VAL VAL A . n 
A 1 59  LYS 59  59  59  LYS LYS A . n 
A 1 60  HIS 60  60  60  HIS HIS A . n 
A 1 61  TYR 61  61  61  TYR TYR A . n 
A 1 62  LYS 62  62  62  LYS LYS A . n 
A 1 63  ILE 63  63  63  ILE ILE A . n 
A 1 64  ARG 64  64  64  ARG ARG A . n 
A 1 65  LYS 65  65  65  LYS LYS A . n 
A 1 66  LEU 66  66  66  LEU LEU A . n 
A 1 67  ASP 67  67  67  ASP ASP A . n 
A 1 68  SER 68  68  68  SER SER A . n 
A 1 69  GLY 69  69  69  GLY GLY A . n 
A 1 70  GLY 70  70  70  GLY GLY A . n 
A 1 71  PHE 71  71  71  PHE PHE A . n 
A 1 72  TYR 72  72  72  TYR TYR A . n 
A 1 73  ILE 73  73  73  ILE ILE A . n 
A 1 74  THR 74  74  74  THR THR A . n 
A 1 75  SER 75  75  75  SER SER A . n 
A 1 76  ARG 76  76  76  ARG ARG A . n 
A 1 77  THR 77  77  77  THR THR A . n 
A 1 78  GLN 78  78  78  GLN GLN A . n 
A 1 79  PHE 79  79  79  PHE PHE A . n 
A 1 80  ASN 80  80  80  ASN ASN A . n 
A 1 81  SER 81  81  81  SER SER A . n 
A 1 82  LEU 82  82  82  LEU LEU A . n 
A 1 83  GLN 83  83  83  GLN GLN A . n 
A 1 84  GLN 84  84  84  GLN GLN A . n 
A 1 85  LEU 85  85  85  LEU LEU A . n 
A 1 86  VAL 86  86  86  VAL VAL A . n 
A 1 87  ALA 87  87  87  ALA ALA A . n 
A 1 88  TYR 88  88  88  TYR TYR A . n 
A 1 89  TYR 89  89  89  TYR TYR A . n 
A 1 90  SER 90  90  90  SER SER A . n 
A 1 91  LYS 91  91  91  LYS LYS A . n 
A 1 92  HIS 92  92  92  HIS HIS A . n 
A 1 93  ALA 93  93  93  ALA ALA A . n 
A 1 94  ASP 94  94  94  ASP ASP A . n 
A 1 95  GLY 95  95  95  GLY GLY A . n 
A 1 96  LEU 96  96  96  LEU LEU A . n 
A 1 97  CYS 97  97  97  CYS CYS A . n 
A 1 98  HIS 98  98  98  HIS HIS A . n 
A 1 99  ARG 99  99  99  ARG ARG A . n 
A 1 100 LEU 100 100 100 LEU LEU A . n 
A 1 101 THR 101 101 101 THR THR A . n 
A 1 102 THR 102 102 102 THR THR A . n 
A 1 103 VAL 103 103 103 VAL VAL A . n 
A 1 104 CYS 104 104 104 CYS CYS A . n 
A 1 105 PRO 105 105 105 PRO PRO A . n 
A 1 106 THR 106 106 ?   ?   ?   A . n 
A 1 107 SER 107 107 ?   ?   ?   A . n 
A 1 108 LYS 108 108 ?   ?   ?   A . n 
# 
loop_
_pdbx_nonpoly_scheme.asym_id 
_pdbx_nonpoly_scheme.entity_id 
_pdbx_nonpoly_scheme.mon_id 
_pdbx_nonpoly_scheme.ndb_seq_num 
_pdbx_nonpoly_scheme.pdb_seq_num 
_pdbx_nonpoly_scheme.auth_seq_num 
_pdbx_nonpoly_scheme.pdb_mon_id 
_pdbx_nonpoly_scheme.auth_mon_id 
_pdbx_nonpoly_scheme.pdb_strand_id 
_pdbx_nonpoly_scheme.pdb_ins_code 
B 2 262 1   300 300 262 INH A . 
C 3 HOH 1   301 1   HOH HOH A . 
C 3 HOH 2   302 2   HOH HOH A . 
C 3 HOH 3   303 3   HOH HOH A . 
C 3 HOH 4   304 4   HOH HOH A . 
C 3 HOH 5   305 5   HOH HOH A . 
C 3 HOH 6   306 6   HOH HOH A . 
C 3 HOH 7   307 7   HOH HOH A . 
C 3 HOH 8   308 9   HOH HOH A . 
C 3 HOH 9   309 10  HOH HOH A . 
C 3 HOH 10  310 11  HOH HOH A . 
C 3 HOH 11  311 12  HOH HOH A . 
C 3 HOH 12  312 13  HOH HOH A . 
C 3 HOH 13  313 14  HOH HOH A . 
C 3 HOH 14  314 15  HOH HOH A . 
C 3 HOH 15  315 16  HOH HOH A . 
C 3 HOH 16  316 17  HOH HOH A . 
C 3 HOH 17  317 18  HOH HOH A . 
C 3 HOH 18  318 19  HOH HOH A . 
C 3 HOH 19  319 20  HOH HOH A . 
C 3 HOH 20  320 21  HOH HOH A . 
C 3 HOH 21  321 22  HOH HOH A . 
C 3 HOH 22  322 23  HOH HOH A . 
C 3 HOH 23  323 25  HOH HOH A . 
C 3 HOH 24  324 26  HOH HOH A . 
C 3 HOH 25  325 28  HOH HOH A . 
C 3 HOH 26  326 30  HOH HOH A . 
C 3 HOH 27  327 31  HOH HOH A . 
C 3 HOH 28  328 34  HOH HOH A . 
C 3 HOH 29  329 35  HOH HOH A . 
C 3 HOH 30  330 36  HOH HOH A . 
C 3 HOH 31  331 37  HOH HOH A . 
C 3 HOH 32  332 38  HOH HOH A . 
C 3 HOH 33  333 41  HOH HOH A . 
C 3 HOH 34  334 42  HOH HOH A . 
C 3 HOH 35  335 43  HOH HOH A . 
C 3 HOH 36  336 44  HOH HOH A . 
C 3 HOH 37  337 45  HOH HOH A . 
C 3 HOH 38  338 46  HOH HOH A . 
C 3 HOH 39  339 47  HOH HOH A . 
C 3 HOH 40  340 48  HOH HOH A . 
C 3 HOH 41  341 49  HOH HOH A . 
C 3 HOH 42  342 50  HOH HOH A . 
C 3 HOH 43  343 54  HOH HOH A . 
C 3 HOH 44  344 55  HOH HOH A . 
C 3 HOH 45  345 57  HOH HOH A . 
C 3 HOH 46  346 58  HOH HOH A . 
C 3 HOH 47  347 59  HOH HOH A . 
C 3 HOH 48  348 60  HOH HOH A . 
C 3 HOH 49  349 62  HOH HOH A . 
C 3 HOH 50  350 64  HOH HOH A . 
C 3 HOH 51  351 65  HOH HOH A . 
C 3 HOH 52  352 68  HOH HOH A . 
C 3 HOH 53  353 69  HOH HOH A . 
C 3 HOH 54  354 70  HOH HOH A . 
C 3 HOH 55  355 71  HOH HOH A . 
C 3 HOH 56  356 72  HOH HOH A . 
C 3 HOH 57  357 73  HOH HOH A . 
C 3 HOH 58  358 76  HOH HOH A . 
C 3 HOH 59  359 77  HOH HOH A . 
C 3 HOH 60  360 79  HOH HOH A . 
C 3 HOH 61  361 81  HOH HOH A . 
C 3 HOH 62  362 82  HOH HOH A . 
C 3 HOH 63  363 84  HOH HOH A . 
C 3 HOH 64  364 89  HOH HOH A . 
C 3 HOH 65  365 92  HOH HOH A . 
C 3 HOH 66  366 93  HOH HOH A . 
C 3 HOH 67  367 94  HOH HOH A . 
C 3 HOH 68  368 95  HOH HOH A . 
C 3 HOH 69  369 98  HOH HOH A . 
C 3 HOH 70  370 100 HOH HOH A . 
C 3 HOH 71  371 101 HOH HOH A . 
C 3 HOH 72  372 102 HOH HOH A . 
C 3 HOH 73  373 103 HOH HOH A . 
C 3 HOH 74  374 104 HOH HOH A . 
C 3 HOH 75  375 105 HOH HOH A . 
C 3 HOH 76  376 106 HOH HOH A . 
C 3 HOH 77  377 107 HOH HOH A . 
C 3 HOH 78  378 108 HOH HOH A . 
C 3 HOH 79  379 109 HOH HOH A . 
C 3 HOH 80  380 110 HOH HOH A . 
C 3 HOH 81  381 111 HOH HOH A . 
C 3 HOH 82  382 112 HOH HOH A . 
C 3 HOH 83  383 114 HOH HOH A . 
C 3 HOH 84  384 116 HOH HOH A . 
C 3 HOH 85  385 118 HOH HOH A . 
C 3 HOH 86  386 120 HOH HOH A . 
C 3 HOH 87  387 123 HOH HOH A . 
C 3 HOH 88  388 124 HOH HOH A . 
C 3 HOH 89  389 126 HOH HOH A . 
C 3 HOH 90  390 128 HOH HOH A . 
C 3 HOH 91  391 132 HOH HOH A . 
C 3 HOH 92  392 133 HOH HOH A . 
C 3 HOH 93  393 150 HOH HOH A . 
C 3 HOH 94  394 152 HOH HOH A . 
C 3 HOH 95  395 154 HOH HOH A . 
C 3 HOH 96  396 156 HOH HOH A . 
C 3 HOH 97  397 157 HOH HOH A . 
C 3 HOH 98  398 160 HOH HOH A . 
C 3 HOH 99  399 162 HOH HOH A . 
C 3 HOH 100 400 164 HOH HOH A . 
C 3 HOH 101 401 166 HOH HOH A . 
C 3 HOH 102 402 169 HOH HOH A . 
C 3 HOH 103 403 171 HOH HOH A . 
C 3 HOH 104 404 177 HOH HOH A . 
C 3 HOH 105 405 179 HOH HOH A . 
C 3 HOH 106 406 182 HOH HOH A . 
C 3 HOH 107 407 185 HOH HOH A . 
C 3 HOH 108 408 186 HOH HOH A . 
# 
loop_
_software.name 
_software.classification 
_software.version 
_software.citation_id 
_software.pdbx_ordinal 
XDS    'data scaling'   .     ? 1 
XDS    'data reduction' .     ? 2 
X-PLOR 'model building' 3.851 ? 3 
X-PLOR refinement       3.851 ? 4 
X-PLOR phasing          3.851 ? 5 
# 
_cell.entry_id           1O4D 
_cell.length_a           26.708 
_cell.length_b           59.639 
_cell.length_c           65.162 
_cell.angle_alpha        90.00 
_cell.angle_beta         90.00 
_cell.angle_gamma        90.00 
_cell.Z_PDB              4 
_cell.pdbx_unique_axis   ? 
# 
_symmetry.entry_id                         1O4D 
_symmetry.space_group_name_H-M             'P 21 21 21' 
_symmetry.pdbx_full_space_group_name_H-M   ? 
_symmetry.cell_setting                     ? 
_symmetry.Int_Tables_number                19 
# 
_exptl.entry_id          1O4D 
_exptl.method            'X-RAY DIFFRACTION' 
_exptl.crystals_number   1 
# 
_exptl_crystal.id                    1 
_exptl_crystal.density_meas          ? 
_exptl_crystal.density_Matthews      2.2 
_exptl_crystal.density_percent_sol   41.9 
_exptl_crystal.description           ? 
# 
_exptl_crystal_grow.crystal_id      1 
_exptl_crystal_grow.method          ? 
_exptl_crystal_grow.temp            ? 
_exptl_crystal_grow.temp_details    ? 
_exptl_crystal_grow.pH              5.50 
_exptl_crystal_grow.pdbx_pH_range   ? 
_exptl_crystal_grow.pdbx_details    'pH 5.50' 
# 
_diffrn.id                     1 
_diffrn.ambient_temp           100.0 
_diffrn.ambient_temp_details   ? 
_diffrn.crystal_id             1 
# 
_diffrn_detector.diffrn_id              1 
_diffrn_detector.detector               'IMAGE PLATE' 
_diffrn_detector.type                   'MAR scanner 345 mm plate' 
_diffrn_detector.pdbx_collection_date   1998-03-30 
_diffrn_detector.details                ? 
# 
_diffrn_radiation.diffrn_id                        1 
_diffrn_radiation.wavelength_id                    1 
_diffrn_radiation.pdbx_monochromatic_or_laue_m_l   M 
_diffrn_radiation.monochromator                    GRAPHITE 
_diffrn_radiation.pdbx_diffrn_protocol             'SINGLE WAVELENGTH' 
_diffrn_radiation.pdbx_scattering_type             x-ray 
# 
_diffrn_radiation_wavelength.id           1 
_diffrn_radiation_wavelength.wavelength   1.5418 
_diffrn_radiation_wavelength.wt           1.0 
# 
_diffrn_source.diffrn_id                   1 
_diffrn_source.source                      'ROTATING ANODE' 
_diffrn_source.type                        'ELLIOTT GX-21' 
_diffrn_source.pdbx_synchrotron_site       ? 
_diffrn_source.pdbx_synchrotron_beamline   ? 
_diffrn_source.pdbx_wavelength             1.5418 
_diffrn_source.pdbx_wavelength_list        ? 
# 
_reflns.entry_id                     1O4D 
_reflns.observed_criterion_sigma_I   -3.000 
_reflns.observed_criterion_sigma_F   ? 
_reflns.d_resolution_low             40.000 
_reflns.d_resolution_high            1.85 
_reflns.number_obs                   9031 
_reflns.number_all                   ? 
_reflns.percent_possible_obs         96.1 
_reflns.pdbx_Rmerge_I_obs            0.085 
_reflns.pdbx_Rsym_value              ? 
_reflns.pdbx_netI_over_sigmaI        13 
_reflns.B_iso_Wilson_estimate        ? 
_reflns.pdbx_redundancy              ? 
_reflns.pdbx_diffrn_id               1 
_reflns.pdbx_ordinal                 1 
# 
_reflns_shell.d_res_high             1.85 
_reflns_shell.d_res_low              1.90 
_reflns_shell.percent_possible_all   97.0 
_reflns_shell.Rmerge_I_obs           0.31 
_reflns_shell.pdbx_Rsym_value        ? 
_reflns_shell.meanI_over_sigI_obs    5 
_reflns_shell.pdbx_redundancy        ? 
_reflns_shell.pdbx_diffrn_id         ? 
_reflns_shell.pdbx_ordinal           1 
# 
_refine.entry_id                                 1O4D 
_refine.ls_number_reflns_obs                     9031 
_refine.ls_number_reflns_all                     ? 
_refine.pdbx_ls_sigma_I                          ? 
_refine.pdbx_ls_sigma_F                          ? 
_refine.pdbx_data_cutoff_high_absF               1000000.000 
_refine.pdbx_data_cutoff_low_absF                0.1000 
_refine.pdbx_data_cutoff_high_rms_absF           ? 
_refine.ls_d_res_low                             8.00 
_refine.ls_d_res_high                            1.85 
_refine.ls_percent_reflns_obs                    96.1 
_refine.ls_R_factor_obs                          0.176 
_refine.ls_R_factor_all                          ? 
_refine.ls_R_factor_R_work                       0.176 
_refine.ls_R_factor_R_free                       ? 
_refine.ls_R_factor_R_free_error                 ? 
_refine.ls_R_factor_R_free_error_details         ? 
_refine.ls_percent_reflns_R_free                 ? 
_refine.ls_number_reflns_R_free                  ? 
_refine.ls_number_parameters                     ? 
_refine.ls_number_restraints                     ? 
_refine.occupancy_min                            ? 
_refine.occupancy_max                            ? 
_refine.correlation_coeff_Fo_to_Fc               ? 
_refine.correlation_coeff_Fo_to_Fc_free          ? 
_refine.B_iso_mean                               23.4 
_refine.aniso_B[1][1]                            ? 
_refine.aniso_B[2][2]                            ? 
_refine.aniso_B[3][3]                            ? 
_refine.aniso_B[1][2]                            ? 
_refine.aniso_B[1][3]                            ? 
_refine.aniso_B[2][3]                            ? 
_refine.solvent_model_details                    ? 
_refine.solvent_model_param_ksol                 ? 
_refine.solvent_model_param_bsol                 ? 
_refine.pdbx_solvent_vdw_probe_radii             ? 
_refine.pdbx_solvent_ion_probe_radii             ? 
_refine.pdbx_solvent_shrinkage_radii             ? 
_refine.pdbx_ls_cross_valid_method               ? 
_refine.details                                  ? 
_refine.pdbx_starting_model                      1SHD 
_refine.pdbx_method_to_determine_struct          MR 
_refine.pdbx_isotropic_thermal_model             ? 
_refine.pdbx_stereochemistry_target_values       ? 
_refine.pdbx_stereochem_target_val_spec_case     ? 
_refine.pdbx_R_Free_selection_details            ? 
_refine.pdbx_overall_ESU_R                       ? 
_refine.pdbx_overall_ESU_R_Free                  ? 
_refine.overall_SU_ML                            ? 
_refine.overall_SU_B                             ? 
_refine.pdbx_refine_id                           'X-RAY DIFFRACTION' 
_refine.pdbx_diffrn_id                           1 
_refine.pdbx_TLS_residual_ADP_flag               ? 
_refine.pdbx_overall_phase_error                 ? 
_refine.overall_SU_R_Cruickshank_DPI             ? 
_refine.pdbx_overall_SU_R_free_Cruickshank_DPI   ? 
_refine.pdbx_overall_SU_R_Blow_DPI               ? 
_refine.pdbx_overall_SU_R_free_Blow_DPI          ? 
# 
_refine_hist.pdbx_refine_id                   'X-RAY DIFFRACTION' 
_refine_hist.cycle_id                         LAST 
_refine_hist.pdbx_number_atoms_protein        849 
_refine_hist.pdbx_number_atoms_nucleic_acid   0 
_refine_hist.pdbx_number_atoms_ligand         13 
_refine_hist.number_atoms_solvent             108 
_refine_hist.number_atoms_total               970 
_refine_hist.d_res_high                       1.85 
_refine_hist.d_res_low                        8.00 
# 
loop_
_refine_ls_restr.type 
_refine_ls_restr.dev_ideal 
_refine_ls_restr.dev_ideal_target 
_refine_ls_restr.weight 
_refine_ls_restr.number 
_refine_ls_restr.pdbx_refine_id 
_refine_ls_restr.pdbx_restraint_function 
x_bond_d                0.013 ? ? ? 'X-RAY DIFFRACTION' ? 
x_bond_d_na             ?     ? ? ? 'X-RAY DIFFRACTION' ? 
x_bond_d_prot           ?     ? ? ? 'X-RAY DIFFRACTION' ? 
x_angle_d               ?     ? ? ? 'X-RAY DIFFRACTION' ? 
x_angle_d_na            ?     ? ? ? 'X-RAY DIFFRACTION' ? 
x_angle_d_prot          ?     ? ? ? 'X-RAY DIFFRACTION' ? 
x_angle_deg             1.3   ? ? ? 'X-RAY DIFFRACTION' ? 
x_angle_deg_na          ?     ? ? ? 'X-RAY DIFFRACTION' ? 
x_angle_deg_prot        ?     ? ? ? 'X-RAY DIFFRACTION' ? 
x_dihedral_angle_d      ?     ? ? ? 'X-RAY DIFFRACTION' ? 
x_dihedral_angle_d_na   ?     ? ? ? 'X-RAY DIFFRACTION' ? 
x_dihedral_angle_d_prot ?     ? ? ? 'X-RAY DIFFRACTION' ? 
x_improper_angle_d      ?     ? ? ? 'X-RAY DIFFRACTION' ? 
x_improper_angle_d_na   ?     ? ? ? 'X-RAY DIFFRACTION' ? 
x_improper_angle_d_prot ?     ? ? ? 'X-RAY DIFFRACTION' ? 
x_mcbond_it             ?     ? ? ? 'X-RAY DIFFRACTION' ? 
x_mcangle_it            ?     ? ? ? 'X-RAY DIFFRACTION' ? 
x_scbond_it             ?     ? ? ? 'X-RAY DIFFRACTION' ? 
x_scangle_it            ?     ? ? ? 'X-RAY DIFFRACTION' ? 
# 
_struct.entry_id                  1O4D 
_struct.title                     'CRYSTAL STRUCTURE OF SH2 IN COMPLEX WITH RU78262.' 
_struct.pdbx_model_details        ? 
_struct.pdbx_CASP_flag            ? 
_struct.pdbx_model_type_details   ? 
# 
_struct_keywords.entry_id        1O4D 
_struct_keywords.pdbx_keywords   'SIGNALING PROTEIN' 
_struct_keywords.text            'SH2 DOMAIN FRAGMENT APPROACH, SIGNALING PROTEIN' 
# 
loop_
_struct_asym.id 
_struct_asym.pdbx_blank_PDB_chainid_flag 
_struct_asym.pdbx_modified 
_struct_asym.entity_id 
_struct_asym.details 
A N N 1 ? 
B N N 2 ? 
C N N 3 ? 
# 
_struct_ref.id                         1 
_struct_ref.db_name                    UNP 
_struct_ref.db_code                    SRC_HUMAN 
_struct_ref.pdbx_db_accession          P12931 
_struct_ref.entity_id                  1 
_struct_ref.pdbx_seq_one_letter_code   
;SIQAEEWYFGKITRRESERLLLNAENPRGTFLVRESETTKGAYCLSVSDFDNAKGLNVKHYKIRKLDSGGFYITSRTQFN
SLQQLVAYYSKHADGLCHRLTTVCPTSK
;
_struct_ref.pdbx_align_begin           144 
_struct_ref.pdbx_db_isoform            ? 
# 
_struct_ref_seq.align_id                      1 
_struct_ref_seq.ref_id                        1 
_struct_ref_seq.pdbx_PDB_id_code              1O4D 
_struct_ref_seq.pdbx_strand_id                A 
_struct_ref_seq.seq_align_beg                 1 
_struct_ref_seq.pdbx_seq_align_beg_ins_code   ? 
_struct_ref_seq.seq_align_end                 108 
_struct_ref_seq.pdbx_seq_align_end_ins_code   ? 
_struct_ref_seq.pdbx_db_accession             P12931 
_struct_ref_seq.db_align_beg                  144 
_struct_ref_seq.pdbx_db_align_beg_ins_code    ? 
_struct_ref_seq.db_align_end                  251 
_struct_ref_seq.pdbx_db_align_end_ins_code    ? 
_struct_ref_seq.pdbx_auth_seq_align_beg       1 
_struct_ref_seq.pdbx_auth_seq_align_end       108 
# 
_pdbx_struct_assembly.id                   1 
_pdbx_struct_assembly.details              author_defined_assembly 
_pdbx_struct_assembly.method_details       ? 
_pdbx_struct_assembly.oligomeric_details   monomeric 
_pdbx_struct_assembly.oligomeric_count     1 
# 
_pdbx_struct_assembly_gen.assembly_id       1 
_pdbx_struct_assembly_gen.oper_expression   1 
_pdbx_struct_assembly_gen.asym_id_list      A,B,C 
# 
_pdbx_struct_oper_list.id                   1 
_pdbx_struct_oper_list.type                 'identity operation' 
_pdbx_struct_oper_list.name                 1_555 
_pdbx_struct_oper_list.symmetry_operation   x,y,z 
_pdbx_struct_oper_list.matrix[1][1]         1.0000000000 
_pdbx_struct_oper_list.matrix[1][2]         0.0000000000 
_pdbx_struct_oper_list.matrix[1][3]         0.0000000000 
_pdbx_struct_oper_list.vector[1]            0.0000000000 
_pdbx_struct_oper_list.matrix[2][1]         0.0000000000 
_pdbx_struct_oper_list.matrix[2][2]         1.0000000000 
_pdbx_struct_oper_list.matrix[2][3]         0.0000000000 
_pdbx_struct_oper_list.vector[2]            0.0000000000 
_pdbx_struct_oper_list.matrix[3][1]         0.0000000000 
_pdbx_struct_oper_list.matrix[3][2]         0.0000000000 
_pdbx_struct_oper_list.matrix[3][3]         1.0000000000 
_pdbx_struct_oper_list.vector[3]            0.0000000000 
# 
_struct_biol.id   1 
# 
loop_
_struct_conf.conf_type_id 
_struct_conf.id 
_struct_conf.pdbx_PDB_helix_id 
_struct_conf.beg_label_comp_id 
_struct_conf.beg_label_asym_id 
_struct_conf.beg_label_seq_id 
_struct_conf.pdbx_beg_PDB_ins_code 
_struct_conf.end_label_comp_id 
_struct_conf.end_label_asym_id 
_struct_conf.end_label_seq_id 
_struct_conf.pdbx_end_PDB_ins_code 
_struct_conf.beg_auth_comp_id 
_struct_conf.beg_auth_asym_id 
_struct_conf.beg_auth_seq_id 
_struct_conf.end_auth_comp_id 
_struct_conf.end_auth_asym_id 
_struct_conf.end_auth_seq_id 
_struct_conf.pdbx_PDB_helix_class 
_struct_conf.details 
_struct_conf.pdbx_PDB_helix_length 
HELX_P HELX_P1 1 SER A 1  ? GLU A 5  ? SER A 1  GLU A 5  5 ? 5  
HELX_P HELX_P2 2 THR A 13 ? LEU A 22 ? THR A 13 LEU A 22 1 ? 10 
HELX_P HELX_P3 3 SER A 81 ? SER A 90 ? SER A 81 SER A 90 1 ? 10 
# 
_struct_conf_type.id          HELX_P 
_struct_conf_type.criteria    ? 
_struct_conf_type.reference   ? 
# 
_struct_conn.id                            covale1 
_struct_conn.conn_type_id                  covale 
_struct_conn.pdbx_leaving_atom_flag        none 
_struct_conn.pdbx_PDB_id                   ? 
_struct_conn.ptnr1_label_asym_id           A 
_struct_conn.ptnr1_label_comp_id           CYS 
_struct_conn.ptnr1_label_seq_id            44 
_struct_conn.ptnr1_label_atom_id           SG 
_struct_conn.pdbx_ptnr1_label_alt_id       ? 
_struct_conn.pdbx_ptnr1_PDB_ins_code       ? 
_struct_conn.pdbx_ptnr1_standard_comp_id   ? 
_struct_conn.ptnr1_symmetry                1_555 
_struct_conn.ptnr2_label_asym_id           B 
_struct_conn.ptnr2_label_comp_id           262 
_struct_conn.ptnr2_label_seq_id            . 
_struct_conn.ptnr2_label_atom_id           C7 
_struct_conn.pdbx_ptnr2_label_alt_id       ? 
_struct_conn.pdbx_ptnr2_PDB_ins_code       ? 
_struct_conn.ptnr1_auth_asym_id            A 
_struct_conn.ptnr1_auth_comp_id            CYS 
_struct_conn.ptnr1_auth_seq_id             44 
_struct_conn.ptnr2_auth_asym_id            A 
_struct_conn.ptnr2_auth_comp_id            262 
_struct_conn.ptnr2_auth_seq_id             300 
_struct_conn.ptnr2_symmetry                1_555 
_struct_conn.pdbx_ptnr3_label_atom_id      ? 
_struct_conn.pdbx_ptnr3_label_seq_id       ? 
_struct_conn.pdbx_ptnr3_label_comp_id      ? 
_struct_conn.pdbx_ptnr3_label_asym_id      ? 
_struct_conn.pdbx_ptnr3_label_alt_id       ? 
_struct_conn.pdbx_ptnr3_PDB_ins_code       ? 
_struct_conn.details                       ? 
_struct_conn.pdbx_dist_value               1.752 
_struct_conn.pdbx_value_order              ? 
_struct_conn.pdbx_role                     ? 
# 
_struct_conn_type.id          covale 
_struct_conn_type.criteria    ? 
_struct_conn_type.reference   ? 
# 
_pdbx_modification_feature.ordinal                            1 
_pdbx_modification_feature.label_comp_id                      262 
_pdbx_modification_feature.label_asym_id                      B 
_pdbx_modification_feature.label_seq_id                       . 
_pdbx_modification_feature.label_alt_id                       ? 
_pdbx_modification_feature.modified_residue_label_comp_id     CYS 
_pdbx_modification_feature.modified_residue_label_asym_id     A 
_pdbx_modification_feature.modified_residue_label_seq_id      44 
_pdbx_modification_feature.modified_residue_label_alt_id      ? 
_pdbx_modification_feature.auth_comp_id                       262 
_pdbx_modification_feature.auth_asym_id                       A 
_pdbx_modification_feature.auth_seq_id                        300 
_pdbx_modification_feature.PDB_ins_code                       ? 
_pdbx_modification_feature.symmetry                           1_555 
_pdbx_modification_feature.modified_residue_auth_comp_id      CYS 
_pdbx_modification_feature.modified_residue_auth_asym_id      A 
_pdbx_modification_feature.modified_residue_auth_seq_id       44 
_pdbx_modification_feature.modified_residue_PDB_ins_code      ? 
_pdbx_modification_feature.modified_residue_symmetry          1_555 
_pdbx_modification_feature.comp_id_linking_atom               C7 
_pdbx_modification_feature.modified_residue_id_linking_atom   SG 
_pdbx_modification_feature.modified_residue_id                CYS 
_pdbx_modification_feature.ref_pcm_id                         1 
_pdbx_modification_feature.ref_comp_id                        262 
_pdbx_modification_feature.type                               None 
_pdbx_modification_feature.category                           'Covalent chemical modification' 
# 
_struct_sheet.id               A 
_struct_sheet.type             ? 
_struct_sheet.number_strands   5 
_struct_sheet.details          ? 
# 
loop_
_struct_sheet_order.sheet_id 
_struct_sheet_order.range_id_1 
_struct_sheet_order.range_id_2 
_struct_sheet_order.offset 
_struct_sheet_order.sense 
A 1 2 ? anti-parallel 
A 2 3 ? anti-parallel 
A 3 4 ? anti-parallel 
A 4 5 ? anti-parallel 
# 
loop_
_struct_sheet_range.sheet_id 
_struct_sheet_range.id 
_struct_sheet_range.beg_label_comp_id 
_struct_sheet_range.beg_label_asym_id 
_struct_sheet_range.beg_label_seq_id 
_struct_sheet_range.pdbx_beg_PDB_ins_code 
_struct_sheet_range.end_label_comp_id 
_struct_sheet_range.end_label_asym_id 
_struct_sheet_range.end_label_seq_id 
_struct_sheet_range.pdbx_end_PDB_ins_code 
_struct_sheet_range.beg_auth_comp_id 
_struct_sheet_range.beg_auth_asym_id 
_struct_sheet_range.beg_auth_seq_id 
_struct_sheet_range.end_auth_comp_id 
_struct_sheet_range.end_auth_asym_id 
_struct_sheet_range.end_auth_seq_id 
A 1 PHE A 31 ? GLU A 35 ? PHE A 31 GLU A 35 
A 2 TYR A 43 ? ASP A 51 ? TYR A 43 ASP A 51 
A 3 GLY A 55 ? LYS A 65 ? GLY A 55 LYS A 65 
A 4 PHE A 71 ? TYR A 72 ? PHE A 71 TYR A 72 
A 5 GLN A 78 ? PHE A 79 ? GLN A 78 PHE A 79 
# 
loop_
_pdbx_struct_sheet_hbond.sheet_id 
_pdbx_struct_sheet_hbond.range_id_1 
_pdbx_struct_sheet_hbond.range_id_2 
_pdbx_struct_sheet_hbond.range_1_label_atom_id 
_pdbx_struct_sheet_hbond.range_1_label_comp_id 
_pdbx_struct_sheet_hbond.range_1_label_asym_id 
_pdbx_struct_sheet_hbond.range_1_label_seq_id 
_pdbx_struct_sheet_hbond.range_1_PDB_ins_code 
_pdbx_struct_sheet_hbond.range_1_auth_atom_id 
_pdbx_struct_sheet_hbond.range_1_auth_comp_id 
_pdbx_struct_sheet_hbond.range_1_auth_asym_id 
_pdbx_struct_sheet_hbond.range_1_auth_seq_id 
_pdbx_struct_sheet_hbond.range_2_label_atom_id 
_pdbx_struct_sheet_hbond.range_2_label_comp_id 
_pdbx_struct_sheet_hbond.range_2_label_asym_id 
_pdbx_struct_sheet_hbond.range_2_label_seq_id 
_pdbx_struct_sheet_hbond.range_2_PDB_ins_code 
_pdbx_struct_sheet_hbond.range_2_auth_atom_id 
_pdbx_struct_sheet_hbond.range_2_auth_comp_id 
_pdbx_struct_sheet_hbond.range_2_auth_asym_id 
_pdbx_struct_sheet_hbond.range_2_auth_seq_id 
A 1 2 N ARG A 34 ? N ARG A 34 O CYS A 44 ? O CYS A 44 
A 2 3 N VAL A 47 ? N VAL A 47 O LYS A 59 ? O LYS A 59 
A 3 4 N ARG A 64 ? N ARG A 64 O TYR A 72 ? O TYR A 72 
A 4 5 N PHE A 71 ? N PHE A 71 O PHE A 79 ? O PHE A 79 
# 
_struct_site.id                   AC1 
_struct_site.pdbx_evidence_code   Software 
_struct_site.pdbx_auth_asym_id    A 
_struct_site.pdbx_auth_comp_id    262 
_struct_site.pdbx_auth_seq_id     300 
_struct_site.pdbx_auth_ins_code   ? 
_struct_site.pdbx_num_residues    9 
_struct_site.details              'BINDING SITE FOR RESIDUE 262 A 300' 
# 
loop_
_struct_site_gen.id 
_struct_site_gen.site_id 
_struct_site_gen.pdbx_num_res 
_struct_site_gen.label_comp_id 
_struct_site_gen.label_asym_id 
_struct_site_gen.label_seq_id 
_struct_site_gen.pdbx_auth_ins_code 
_struct_site_gen.auth_comp_id 
_struct_site_gen.auth_asym_id 
_struct_site_gen.auth_seq_id 
_struct_site_gen.label_atom_id 
_struct_site_gen.label_alt_id 
_struct_site_gen.symmetry 
_struct_site_gen.details 
1 AC1 9 ARG A 14 ? ARG A 14 . ? 1_555 ? 
2 AC1 9 ARG A 34 ? ARG A 34 . ? 1_555 ? 
3 AC1 9 SER A 36 ? SER A 36 . ? 1_555 ? 
4 AC1 9 GLU A 37 ? GLU A 37 . ? 1_555 ? 
5 AC1 9 TYR A 43 ? TYR A 43 . ? 1_555 ? 
6 AC1 9 CYS A 44 ? CYS A 44 . ? 1_555 ? 
7 AC1 9 HIS A 60 ? HIS A 60 . ? 1_555 ? 
8 AC1 9 TYR A 61 ? TYR A 61 . ? 1_555 ? 
9 AC1 9 LYS A 62 ? LYS A 62 . ? 1_555 ? 
# 
_pdbx_entry_details.entry_id                   1O4D 
_pdbx_entry_details.compound_details           ? 
_pdbx_entry_details.source_details             ? 
_pdbx_entry_details.nonpolymer_details         ? 
_pdbx_entry_details.sequence_details           ? 
_pdbx_entry_details.has_ligand_of_interest     ? 
_pdbx_entry_details.has_protein_modification   Y 
# 
_pdbx_validate_torsion.id              1 
_pdbx_validate_torsion.PDB_model_num   1 
_pdbx_validate_torsion.auth_comp_id    ASP 
_pdbx_validate_torsion.auth_asym_id    A 
_pdbx_validate_torsion.auth_seq_id     94 
_pdbx_validate_torsion.PDB_ins_code    ? 
_pdbx_validate_torsion.label_alt_id    ? 
_pdbx_validate_torsion.phi             47.79 
_pdbx_validate_torsion.psi             -118.10 
# 
loop_
_pdbx_unobs_or_zero_occ_residues.id 
_pdbx_unobs_or_zero_occ_residues.PDB_model_num 
_pdbx_unobs_or_zero_occ_residues.polymer_flag 
_pdbx_unobs_or_zero_occ_residues.occupancy_flag 
_pdbx_unobs_or_zero_occ_residues.auth_asym_id 
_pdbx_unobs_or_zero_occ_residues.auth_comp_id 
_pdbx_unobs_or_zero_occ_residues.auth_seq_id 
_pdbx_unobs_or_zero_occ_residues.PDB_ins_code 
_pdbx_unobs_or_zero_occ_residues.label_asym_id 
_pdbx_unobs_or_zero_occ_residues.label_comp_id 
_pdbx_unobs_or_zero_occ_residues.label_seq_id 
1 1 Y 1 A THR 106 ? A THR 106 
2 1 Y 1 A SER 107 ? A SER 107 
3 1 Y 1 A LYS 108 ? A LYS 108 
# 
loop_
_chem_comp_atom.comp_id 
_chem_comp_atom.atom_id 
_chem_comp_atom.type_symbol 
_chem_comp_atom.pdbx_aromatic_flag 
_chem_comp_atom.pdbx_stereo_config 
_chem_comp_atom.pdbx_ordinal 
262 C1   C Y N 1   
262 C2   C Y N 2   
262 C3   C Y N 3   
262 C4   C Y N 4   
262 C5   C Y N 5   
262 C6   C Y N 6   
262 C7   C N N 7   
262 O8   O N N 8   
262 P9   P N N 9   
262 O10  O N N 10  
262 O11  O N N 11  
262 O14  O N N 12  
262 O12  O N N 13  
262 H1   H N N 14  
262 H2   H N N 15  
262 H3   H N N 16  
262 H4   H N N 17  
262 H7   H N N 18  
262 H10  H N N 19  
262 H11  H N N 20  
ALA N    N N N 21  
ALA CA   C N S 22  
ALA C    C N N 23  
ALA O    O N N 24  
ALA CB   C N N 25  
ALA OXT  O N N 26  
ALA H    H N N 27  
ALA H2   H N N 28  
ALA HA   H N N 29  
ALA HB1  H N N 30  
ALA HB2  H N N 31  
ALA HB3  H N N 32  
ALA HXT  H N N 33  
ARG N    N N N 34  
ARG CA   C N S 35  
ARG C    C N N 36  
ARG O    O N N 37  
ARG CB   C N N 38  
ARG CG   C N N 39  
ARG CD   C N N 40  
ARG NE   N N N 41  
ARG CZ   C N N 42  
ARG NH1  N N N 43  
ARG NH2  N N N 44  
ARG OXT  O N N 45  
ARG H    H N N 46  
ARG H2   H N N 47  
ARG HA   H N N 48  
ARG HB2  H N N 49  
ARG HB3  H N N 50  
ARG HG2  H N N 51  
ARG HG3  H N N 52  
ARG HD2  H N N 53  
ARG HD3  H N N 54  
ARG HE   H N N 55  
ARG HH11 H N N 56  
ARG HH12 H N N 57  
ARG HH21 H N N 58  
ARG HH22 H N N 59  
ARG HXT  H N N 60  
ASN N    N N N 61  
ASN CA   C N S 62  
ASN C    C N N 63  
ASN O    O N N 64  
ASN CB   C N N 65  
ASN CG   C N N 66  
ASN OD1  O N N 67  
ASN ND2  N N N 68  
ASN OXT  O N N 69  
ASN H    H N N 70  
ASN H2   H N N 71  
ASN HA   H N N 72  
ASN HB2  H N N 73  
ASN HB3  H N N 74  
ASN HD21 H N N 75  
ASN HD22 H N N 76  
ASN HXT  H N N 77  
ASP N    N N N 78  
ASP CA   C N S 79  
ASP C    C N N 80  
ASP O    O N N 81  
ASP CB   C N N 82  
ASP CG   C N N 83  
ASP OD1  O N N 84  
ASP OD2  O N N 85  
ASP OXT  O N N 86  
ASP H    H N N 87  
ASP H2   H N N 88  
ASP HA   H N N 89  
ASP HB2  H N N 90  
ASP HB3  H N N 91  
ASP HD2  H N N 92  
ASP HXT  H N N 93  
CYS N    N N N 94  
CYS CA   C N R 95  
CYS C    C N N 96  
CYS O    O N N 97  
CYS CB   C N N 98  
CYS SG   S N N 99  
CYS OXT  O N N 100 
CYS H    H N N 101 
CYS H2   H N N 102 
CYS HA   H N N 103 
CYS HB2  H N N 104 
CYS HB3  H N N 105 
CYS HG   H N N 106 
CYS HXT  H N N 107 
GLN N    N N N 108 
GLN CA   C N S 109 
GLN C    C N N 110 
GLN O    O N N 111 
GLN CB   C N N 112 
GLN CG   C N N 113 
GLN CD   C N N 114 
GLN OE1  O N N 115 
GLN NE2  N N N 116 
GLN OXT  O N N 117 
GLN H    H N N 118 
GLN H2   H N N 119 
GLN HA   H N N 120 
GLN HB2  H N N 121 
GLN HB3  H N N 122 
GLN HG2  H N N 123 
GLN HG3  H N N 124 
GLN HE21 H N N 125 
GLN HE22 H N N 126 
GLN HXT  H N N 127 
GLU N    N N N 128 
GLU CA   C N S 129 
GLU C    C N N 130 
GLU O    O N N 131 
GLU CB   C N N 132 
GLU CG   C N N 133 
GLU CD   C N N 134 
GLU OE1  O N N 135 
GLU OE2  O N N 136 
GLU OXT  O N N 137 
GLU H    H N N 138 
GLU H2   H N N 139 
GLU HA   H N N 140 
GLU HB2  H N N 141 
GLU HB3  H N N 142 
GLU HG2  H N N 143 
GLU HG3  H N N 144 
GLU HE2  H N N 145 
GLU HXT  H N N 146 
GLY N    N N N 147 
GLY CA   C N N 148 
GLY C    C N N 149 
GLY O    O N N 150 
GLY OXT  O N N 151 
GLY H    H N N 152 
GLY H2   H N N 153 
GLY HA2  H N N 154 
GLY HA3  H N N 155 
GLY HXT  H N N 156 
HIS N    N N N 157 
HIS CA   C N S 158 
HIS C    C N N 159 
HIS O    O N N 160 
HIS CB   C N N 161 
HIS CG   C Y N 162 
HIS ND1  N Y N 163 
HIS CD2  C Y N 164 
HIS CE1  C Y N 165 
HIS NE2  N Y N 166 
HIS OXT  O N N 167 
HIS H    H N N 168 
HIS H2   H N N 169 
HIS HA   H N N 170 
HIS HB2  H N N 171 
HIS HB3  H N N 172 
HIS HD1  H N N 173 
HIS HD2  H N N 174 
HIS HE1  H N N 175 
HIS HE2  H N N 176 
HIS HXT  H N N 177 
HOH O    O N N 178 
HOH H1   H N N 179 
HOH H2   H N N 180 
ILE N    N N N 181 
ILE CA   C N S 182 
ILE C    C N N 183 
ILE O    O N N 184 
ILE CB   C N S 185 
ILE CG1  C N N 186 
ILE CG2  C N N 187 
ILE CD1  C N N 188 
ILE OXT  O N N 189 
ILE H    H N N 190 
ILE H2   H N N 191 
ILE HA   H N N 192 
ILE HB   H N N 193 
ILE HG12 H N N 194 
ILE HG13 H N N 195 
ILE HG21 H N N 196 
ILE HG22 H N N 197 
ILE HG23 H N N 198 
ILE HD11 H N N 199 
ILE HD12 H N N 200 
ILE HD13 H N N 201 
ILE HXT  H N N 202 
LEU N    N N N 203 
LEU CA   C N S 204 
LEU C    C N N 205 
LEU O    O N N 206 
LEU CB   C N N 207 
LEU CG   C N N 208 
LEU CD1  C N N 209 
LEU CD2  C N N 210 
LEU OXT  O N N 211 
LEU H    H N N 212 
LEU H2   H N N 213 
LEU HA   H N N 214 
LEU HB2  H N N 215 
LEU HB3  H N N 216 
LEU HG   H N N 217 
LEU HD11 H N N 218 
LEU HD12 H N N 219 
LEU HD13 H N N 220 
LEU HD21 H N N 221 
LEU HD22 H N N 222 
LEU HD23 H N N 223 
LEU HXT  H N N 224 
LYS N    N N N 225 
LYS CA   C N S 226 
LYS C    C N N 227 
LYS O    O N N 228 
LYS CB   C N N 229 
LYS CG   C N N 230 
LYS CD   C N N 231 
LYS CE   C N N 232 
LYS NZ   N N N 233 
LYS OXT  O N N 234 
LYS H    H N N 235 
LYS H2   H N N 236 
LYS HA   H N N 237 
LYS HB2  H N N 238 
LYS HB3  H N N 239 
LYS HG2  H N N 240 
LYS HG3  H N N 241 
LYS HD2  H N N 242 
LYS HD3  H N N 243 
LYS HE2  H N N 244 
LYS HE3  H N N 245 
LYS HZ1  H N N 246 
LYS HZ2  H N N 247 
LYS HZ3  H N N 248 
LYS HXT  H N N 249 
PHE N    N N N 250 
PHE CA   C N S 251 
PHE C    C N N 252 
PHE O    O N N 253 
PHE CB   C N N 254 
PHE CG   C Y N 255 
PHE CD1  C Y N 256 
PHE CD2  C Y N 257 
PHE CE1  C Y N 258 
PHE CE2  C Y N 259 
PHE CZ   C Y N 260 
PHE OXT  O N N 261 
PHE H    H N N 262 
PHE H2   H N N 263 
PHE HA   H N N 264 
PHE HB2  H N N 265 
PHE HB3  H N N 266 
PHE HD1  H N N 267 
PHE HD2  H N N 268 
PHE HE1  H N N 269 
PHE HE2  H N N 270 
PHE HZ   H N N 271 
PHE HXT  H N N 272 
PRO N    N N N 273 
PRO CA   C N S 274 
PRO C    C N N 275 
PRO O    O N N 276 
PRO CB   C N N 277 
PRO CG   C N N 278 
PRO CD   C N N 279 
PRO OXT  O N N 280 
PRO H    H N N 281 
PRO HA   H N N 282 
PRO HB2  H N N 283 
PRO HB3  H N N 284 
PRO HG2  H N N 285 
PRO HG3  H N N 286 
PRO HD2  H N N 287 
PRO HD3  H N N 288 
PRO HXT  H N N 289 
SER N    N N N 290 
SER CA   C N S 291 
SER C    C N N 292 
SER O    O N N 293 
SER CB   C N N 294 
SER OG   O N N 295 
SER OXT  O N N 296 
SER H    H N N 297 
SER H2   H N N 298 
SER HA   H N N 299 
SER HB2  H N N 300 
SER HB3  H N N 301 
SER HG   H N N 302 
SER HXT  H N N 303 
THR N    N N N 304 
THR CA   C N S 305 
THR C    C N N 306 
THR O    O N N 307 
THR CB   C N R 308 
THR OG1  O N N 309 
THR CG2  C N N 310 
THR OXT  O N N 311 
THR H    H N N 312 
THR H2   H N N 313 
THR HA   H N N 314 
THR HB   H N N 315 
THR HG1  H N N 316 
THR HG21 H N N 317 
THR HG22 H N N 318 
THR HG23 H N N 319 
THR HXT  H N N 320 
TRP N    N N N 321 
TRP CA   C N S 322 
TRP C    C N N 323 
TRP O    O N N 324 
TRP CB   C N N 325 
TRP CG   C Y N 326 
TRP CD1  C Y N 327 
TRP CD2  C Y N 328 
TRP NE1  N Y N 329 
TRP CE2  C Y N 330 
TRP CE3  C Y N 331 
TRP CZ2  C Y N 332 
TRP CZ3  C Y N 333 
TRP CH2  C Y N 334 
TRP OXT  O N N 335 
TRP H    H N N 336 
TRP H2   H N N 337 
TRP HA   H N N 338 
TRP HB2  H N N 339 
TRP HB3  H N N 340 
TRP HD1  H N N 341 
TRP HE1  H N N 342 
TRP HE3  H N N 343 
TRP HZ2  H N N 344 
TRP HZ3  H N N 345 
TRP HH2  H N N 346 
TRP HXT  H N N 347 
TYR N    N N N 348 
TYR CA   C N S 349 
TYR C    C N N 350 
TYR O    O N N 351 
TYR CB   C N N 352 
TYR CG   C Y N 353 
TYR CD1  C Y N 354 
TYR CD2  C Y N 355 
TYR CE1  C Y N 356 
TYR CE2  C Y N 357 
TYR CZ   C Y N 358 
TYR OH   O N N 359 
TYR OXT  O N N 360 
TYR H    H N N 361 
TYR H2   H N N 362 
TYR HA   H N N 363 
TYR HB2  H N N 364 
TYR HB3  H N N 365 
TYR HD1  H N N 366 
TYR HD2  H N N 367 
TYR HE1  H N N 368 
TYR HE2  H N N 369 
TYR HH   H N N 370 
TYR HXT  H N N 371 
VAL N    N N N 372 
VAL CA   C N S 373 
VAL C    C N N 374 
VAL O    O N N 375 
VAL CB   C N N 376 
VAL CG1  C N N 377 
VAL CG2  C N N 378 
VAL OXT  O N N 379 
VAL H    H N N 380 
VAL H2   H N N 381 
VAL HA   H N N 382 
VAL HB   H N N 383 
VAL HG11 H N N 384 
VAL HG12 H N N 385 
VAL HG13 H N N 386 
VAL HG21 H N N 387 
VAL HG22 H N N 388 
VAL HG23 H N N 389 
VAL HXT  H N N 390 
# 
loop_
_chem_comp_bond.comp_id 
_chem_comp_bond.atom_id_1 
_chem_comp_bond.atom_id_2 
_chem_comp_bond.value_order 
_chem_comp_bond.pdbx_aromatic_flag 
_chem_comp_bond.pdbx_stereo_config 
_chem_comp_bond.pdbx_ordinal 
262 C1  C2   doub Y N 1   
262 C1  C6   sing Y N 2   
262 C1  H1   sing N N 3   
262 C2  C3   sing Y N 4   
262 C2  H2   sing N N 5   
262 C3  C4   doub Y N 6   
262 C3  H3   sing N N 7   
262 C4  C5   sing Y N 8   
262 C4  H4   sing N N 9   
262 C5  C6   doub Y N 10  
262 C5  O8   sing N N 11  
262 C6  C7   sing N N 12  
262 C7  O12  doub N N 13  
262 C7  H7   sing N N 14  
262 O8  P9   sing N N 15  
262 P9  O10  sing N N 16  
262 P9  O11  sing N N 17  
262 P9  O14  doub N N 18  
262 O10 H10  sing N N 19  
262 O11 H11  sing N N 20  
ALA N   CA   sing N N 21  
ALA N   H    sing N N 22  
ALA N   H2   sing N N 23  
ALA CA  C    sing N N 24  
ALA CA  CB   sing N N 25  
ALA CA  HA   sing N N 26  
ALA C   O    doub N N 27  
ALA C   OXT  sing N N 28  
ALA CB  HB1  sing N N 29  
ALA CB  HB2  sing N N 30  
ALA CB  HB3  sing N N 31  
ALA OXT HXT  sing N N 32  
ARG N   CA   sing N N 33  
ARG N   H    sing N N 34  
ARG N   H2   sing N N 35  
ARG CA  C    sing N N 36  
ARG CA  CB   sing N N 37  
ARG CA  HA   sing N N 38  
ARG C   O    doub N N 39  
ARG C   OXT  sing N N 40  
ARG CB  CG   sing N N 41  
ARG CB  HB2  sing N N 42  
ARG CB  HB3  sing N N 43  
ARG CG  CD   sing N N 44  
ARG CG  HG2  sing N N 45  
ARG CG  HG3  sing N N 46  
ARG CD  NE   sing N N 47  
ARG CD  HD2  sing N N 48  
ARG CD  HD3  sing N N 49  
ARG NE  CZ   sing N N 50  
ARG NE  HE   sing N N 51  
ARG CZ  NH1  sing N N 52  
ARG CZ  NH2  doub N N 53  
ARG NH1 HH11 sing N N 54  
ARG NH1 HH12 sing N N 55  
ARG NH2 HH21 sing N N 56  
ARG NH2 HH22 sing N N 57  
ARG OXT HXT  sing N N 58  
ASN N   CA   sing N N 59  
ASN N   H    sing N N 60  
ASN N   H2   sing N N 61  
ASN CA  C    sing N N 62  
ASN CA  CB   sing N N 63  
ASN CA  HA   sing N N 64  
ASN C   O    doub N N 65  
ASN C   OXT  sing N N 66  
ASN CB  CG   sing N N 67  
ASN CB  HB2  sing N N 68  
ASN CB  HB3  sing N N 69  
ASN CG  OD1  doub N N 70  
ASN CG  ND2  sing N N 71  
ASN ND2 HD21 sing N N 72  
ASN ND2 HD22 sing N N 73  
ASN OXT HXT  sing N N 74  
ASP N   CA   sing N N 75  
ASP N   H    sing N N 76  
ASP N   H2   sing N N 77  
ASP CA  C    sing N N 78  
ASP CA  CB   sing N N 79  
ASP CA  HA   sing N N 80  
ASP C   O    doub N N 81  
ASP C   OXT  sing N N 82  
ASP CB  CG   sing N N 83  
ASP CB  HB2  sing N N 84  
ASP CB  HB3  sing N N 85  
ASP CG  OD1  doub N N 86  
ASP CG  OD2  sing N N 87  
ASP OD2 HD2  sing N N 88  
ASP OXT HXT  sing N N 89  
CYS N   CA   sing N N 90  
CYS N   H    sing N N 91  
CYS N   H2   sing N N 92  
CYS CA  C    sing N N 93  
CYS CA  CB   sing N N 94  
CYS CA  HA   sing N N 95  
CYS C   O    doub N N 96  
CYS C   OXT  sing N N 97  
CYS CB  SG   sing N N 98  
CYS CB  HB2  sing N N 99  
CYS CB  HB3  sing N N 100 
CYS SG  HG   sing N N 101 
CYS OXT HXT  sing N N 102 
GLN N   CA   sing N N 103 
GLN N   H    sing N N 104 
GLN N   H2   sing N N 105 
GLN CA  C    sing N N 106 
GLN CA  CB   sing N N 107 
GLN CA  HA   sing N N 108 
GLN C   O    doub N N 109 
GLN C   OXT  sing N N 110 
GLN CB  CG   sing N N 111 
GLN CB  HB2  sing N N 112 
GLN CB  HB3  sing N N 113 
GLN CG  CD   sing N N 114 
GLN CG  HG2  sing N N 115 
GLN CG  HG3  sing N N 116 
GLN CD  OE1  doub N N 117 
GLN CD  NE2  sing N N 118 
GLN NE2 HE21 sing N N 119 
GLN NE2 HE22 sing N N 120 
GLN OXT HXT  sing N N 121 
GLU N   CA   sing N N 122 
GLU N   H    sing N N 123 
GLU N   H2   sing N N 124 
GLU CA  C    sing N N 125 
GLU CA  CB   sing N N 126 
GLU CA  HA   sing N N 127 
GLU C   O    doub N N 128 
GLU C   OXT  sing N N 129 
GLU CB  CG   sing N N 130 
GLU CB  HB2  sing N N 131 
GLU CB  HB3  sing N N 132 
GLU CG  CD   sing N N 133 
GLU CG  HG2  sing N N 134 
GLU CG  HG3  sing N N 135 
GLU CD  OE1  doub N N 136 
GLU CD  OE2  sing N N 137 
GLU OE2 HE2  sing N N 138 
GLU OXT HXT  sing N N 139 
GLY N   CA   sing N N 140 
GLY N   H    sing N N 141 
GLY N   H2   sing N N 142 
GLY CA  C    sing N N 143 
GLY CA  HA2  sing N N 144 
GLY CA  HA3  sing N N 145 
GLY C   O    doub N N 146 
GLY C   OXT  sing N N 147 
GLY OXT HXT  sing N N 148 
HIS N   CA   sing N N 149 
HIS N   H    sing N N 150 
HIS N   H2   sing N N 151 
HIS CA  C    sing N N 152 
HIS CA  CB   sing N N 153 
HIS CA  HA   sing N N 154 
HIS C   O    doub N N 155 
HIS C   OXT  sing N N 156 
HIS CB  CG   sing N N 157 
HIS CB  HB2  sing N N 158 
HIS CB  HB3  sing N N 159 
HIS CG  ND1  sing Y N 160 
HIS CG  CD2  doub Y N 161 
HIS ND1 CE1  doub Y N 162 
HIS ND1 HD1  sing N N 163 
HIS CD2 NE2  sing Y N 164 
HIS CD2 HD2  sing N N 165 
HIS CE1 NE2  sing Y N 166 
HIS CE1 HE1  sing N N 167 
HIS NE2 HE2  sing N N 168 
HIS OXT HXT  sing N N 169 
HOH O   H1   sing N N 170 
HOH O   H2   sing N N 171 
ILE N   CA   sing N N 172 
ILE N   H    sing N N 173 
ILE N   H2   sing N N 174 
ILE CA  C    sing N N 175 
ILE CA  CB   sing N N 176 
ILE CA  HA   sing N N 177 
ILE C   O    doub N N 178 
ILE C   OXT  sing N N 179 
ILE CB  CG1  sing N N 180 
ILE CB  CG2  sing N N 181 
ILE CB  HB   sing N N 182 
ILE CG1 CD1  sing N N 183 
ILE CG1 HG12 sing N N 184 
ILE CG1 HG13 sing N N 185 
ILE CG2 HG21 sing N N 186 
ILE CG2 HG22 sing N N 187 
ILE CG2 HG23 sing N N 188 
ILE CD1 HD11 sing N N 189 
ILE CD1 HD12 sing N N 190 
ILE CD1 HD13 sing N N 191 
ILE OXT HXT  sing N N 192 
LEU N   CA   sing N N 193 
LEU N   H    sing N N 194 
LEU N   H2   sing N N 195 
LEU CA  C    sing N N 196 
LEU CA  CB   sing N N 197 
LEU CA  HA   sing N N 198 
LEU C   O    doub N N 199 
LEU C   OXT  sing N N 200 
LEU CB  CG   sing N N 201 
LEU CB  HB2  sing N N 202 
LEU CB  HB3  sing N N 203 
LEU CG  CD1  sing N N 204 
LEU CG  CD2  sing N N 205 
LEU CG  HG   sing N N 206 
LEU CD1 HD11 sing N N 207 
LEU CD1 HD12 sing N N 208 
LEU CD1 HD13 sing N N 209 
LEU CD2 HD21 sing N N 210 
LEU CD2 HD22 sing N N 211 
LEU CD2 HD23 sing N N 212 
LEU OXT HXT  sing N N 213 
LYS N   CA   sing N N 214 
LYS N   H    sing N N 215 
LYS N   H2   sing N N 216 
LYS CA  C    sing N N 217 
LYS CA  CB   sing N N 218 
LYS CA  HA   sing N N 219 
LYS C   O    doub N N 220 
LYS C   OXT  sing N N 221 
LYS CB  CG   sing N N 222 
LYS CB  HB2  sing N N 223 
LYS CB  HB3  sing N N 224 
LYS CG  CD   sing N N 225 
LYS CG  HG2  sing N N 226 
LYS CG  HG3  sing N N 227 
LYS CD  CE   sing N N 228 
LYS CD  HD2  sing N N 229 
LYS CD  HD3  sing N N 230 
LYS CE  NZ   sing N N 231 
LYS CE  HE2  sing N N 232 
LYS CE  HE3  sing N N 233 
LYS NZ  HZ1  sing N N 234 
LYS NZ  HZ2  sing N N 235 
LYS NZ  HZ3  sing N N 236 
LYS OXT HXT  sing N N 237 
PHE N   CA   sing N N 238 
PHE N   H    sing N N 239 
PHE N   H2   sing N N 240 
PHE CA  C    sing N N 241 
PHE CA  CB   sing N N 242 
PHE CA  HA   sing N N 243 
PHE C   O    doub N N 244 
PHE C   OXT  sing N N 245 
PHE CB  CG   sing N N 246 
PHE CB  HB2  sing N N 247 
PHE CB  HB3  sing N N 248 
PHE CG  CD1  doub Y N 249 
PHE CG  CD2  sing Y N 250 
PHE CD1 CE1  sing Y N 251 
PHE CD1 HD1  sing N N 252 
PHE CD2 CE2  doub Y N 253 
PHE CD2 HD2  sing N N 254 
PHE CE1 CZ   doub Y N 255 
PHE CE1 HE1  sing N N 256 
PHE CE2 CZ   sing Y N 257 
PHE CE2 HE2  sing N N 258 
PHE CZ  HZ   sing N N 259 
PHE OXT HXT  sing N N 260 
PRO N   CA   sing N N 261 
PRO N   CD   sing N N 262 
PRO N   H    sing N N 263 
PRO CA  C    sing N N 264 
PRO CA  CB   sing N N 265 
PRO CA  HA   sing N N 266 
PRO C   O    doub N N 267 
PRO C   OXT  sing N N 268 
PRO CB  CG   sing N N 269 
PRO CB  HB2  sing N N 270 
PRO CB  HB3  sing N N 271 
PRO CG  CD   sing N N 272 
PRO CG  HG2  sing N N 273 
PRO CG  HG3  sing N N 274 
PRO CD  HD2  sing N N 275 
PRO CD  HD3  sing N N 276 
PRO OXT HXT  sing N N 277 
SER N   CA   sing N N 278 
SER N   H    sing N N 279 
SER N   H2   sing N N 280 
SER CA  C    sing N N 281 
SER CA  CB   sing N N 282 
SER CA  HA   sing N N 283 
SER C   O    doub N N 284 
SER C   OXT  sing N N 285 
SER CB  OG   sing N N 286 
SER CB  HB2  sing N N 287 
SER CB  HB3  sing N N 288 
SER OG  HG   sing N N 289 
SER OXT HXT  sing N N 290 
THR N   CA   sing N N 291 
THR N   H    sing N N 292 
THR N   H2   sing N N 293 
THR CA  C    sing N N 294 
THR CA  CB   sing N N 295 
THR CA  HA   sing N N 296 
THR C   O    doub N N 297 
THR C   OXT  sing N N 298 
THR CB  OG1  sing N N 299 
THR CB  CG2  sing N N 300 
THR CB  HB   sing N N 301 
THR OG1 HG1  sing N N 302 
THR CG2 HG21 sing N N 303 
THR CG2 HG22 sing N N 304 
THR CG2 HG23 sing N N 305 
THR OXT HXT  sing N N 306 
TRP N   CA   sing N N 307 
TRP N   H    sing N N 308 
TRP N   H2   sing N N 309 
TRP CA  C    sing N N 310 
TRP CA  CB   sing N N 311 
TRP CA  HA   sing N N 312 
TRP C   O    doub N N 313 
TRP C   OXT  sing N N 314 
TRP CB  CG   sing N N 315 
TRP CB  HB2  sing N N 316 
TRP CB  HB3  sing N N 317 
TRP CG  CD1  doub Y N 318 
TRP CG  CD2  sing Y N 319 
TRP CD1 NE1  sing Y N 320 
TRP CD1 HD1  sing N N 321 
TRP CD2 CE2  doub Y N 322 
TRP CD2 CE3  sing Y N 323 
TRP NE1 CE2  sing Y N 324 
TRP NE1 HE1  sing N N 325 
TRP CE2 CZ2  sing Y N 326 
TRP CE3 CZ3  doub Y N 327 
TRP CE3 HE3  sing N N 328 
TRP CZ2 CH2  doub Y N 329 
TRP CZ2 HZ2  sing N N 330 
TRP CZ3 CH2  sing Y N 331 
TRP CZ3 HZ3  sing N N 332 
TRP CH2 HH2  sing N N 333 
TRP OXT HXT  sing N N 334 
TYR N   CA   sing N N 335 
TYR N   H    sing N N 336 
TYR N   H2   sing N N 337 
TYR CA  C    sing N N 338 
TYR CA  CB   sing N N 339 
TYR CA  HA   sing N N 340 
TYR C   O    doub N N 341 
TYR C   OXT  sing N N 342 
TYR CB  CG   sing N N 343 
TYR CB  HB2  sing N N 344 
TYR CB  HB3  sing N N 345 
TYR CG  CD1  doub Y N 346 
TYR CG  CD2  sing Y N 347 
TYR CD1 CE1  sing Y N 348 
TYR CD1 HD1  sing N N 349 
TYR CD2 CE2  doub Y N 350 
TYR CD2 HD2  sing N N 351 
TYR CE1 CZ   doub Y N 352 
TYR CE1 HE1  sing N N 353 
TYR CE2 CZ   sing Y N 354 
TYR CE2 HE2  sing N N 355 
TYR CZ  OH   sing N N 356 
TYR OH  HH   sing N N 357 
TYR OXT HXT  sing N N 358 
VAL N   CA   sing N N 359 
VAL N   H    sing N N 360 
VAL N   H2   sing N N 361 
VAL CA  C    sing N N 362 
VAL CA  CB   sing N N 363 
VAL CA  HA   sing N N 364 
VAL C   O    doub N N 365 
VAL C   OXT  sing N N 366 
VAL CB  CG1  sing N N 367 
VAL CB  CG2  sing N N 368 
VAL CB  HB   sing N N 369 
VAL CG1 HG11 sing N N 370 
VAL CG1 HG12 sing N N 371 
VAL CG1 HG13 sing N N 372 
VAL CG2 HG21 sing N N 373 
VAL CG2 HG22 sing N N 374 
VAL CG2 HG23 sing N N 375 
VAL OXT HXT  sing N N 376 
# 
_pdbx_initial_refinement_model.id               1 
_pdbx_initial_refinement_model.entity_id_list   ? 
_pdbx_initial_refinement_model.type             'experimental model' 
_pdbx_initial_refinement_model.source_name      PDB 
_pdbx_initial_refinement_model.accession_code   1SHD 
_pdbx_initial_refinement_model.details          ? 
# 
_atom_sites.entry_id                    1O4D 
_atom_sites.fract_transf_matrix[1][1]   -0.03484803 
_atom_sites.fract_transf_matrix[1][2]   -0.01363281 
_atom_sites.fract_transf_matrix[1][3]   -0.00129029 
_atom_sites.fract_transf_matrix[2][1]   0.00046527 
_atom_sites.fract_transf_matrix[2][2]   0.00039666 
_atom_sites.fract_transf_matrix[2][3]   -0.01675685 
_atom_sites.fract_transf_matrix[3][1]   0.00559634 
_atom_sites.fract_transf_matrix[3][2]   -0.01428801 
_atom_sites.fract_transf_matrix[3][3]   -0.00018283 
_atom_sites.fract_transf_vector[1]      0.396938 
_atom_sites.fract_transf_vector[2]      0.322150 
_atom_sites.fract_transf_vector[3]      0.313896 
# 
loop_
_atom_type.symbol 
C 
N 
O 
P 
S 
# 
loop_
_atom_site.group_PDB 
_atom_site.id 
_atom_site.type_symbol 
_atom_site.label_atom_id 
_atom_site.label_alt_id 
_atom_site.label_comp_id 
_atom_site.label_asym_id 
_atom_site.label_entity_id 
_atom_site.label_seq_id 
_atom_site.pdbx_PDB_ins_code 
_atom_site.Cartn_x 
_atom_site.Cartn_y 
_atom_site.Cartn_z 
_atom_site.occupancy 
_atom_site.B_iso_or_equiv 
_atom_site.pdbx_formal_charge 
_atom_site.auth_seq_id 
_atom_site.auth_comp_id 
_atom_site.auth_asym_id 
_atom_site.auth_atom_id 
_atom_site.pdbx_PDB_model_num 
ATOM   1   N N   . SER A 1 1   ? 1.816   15.806  5.838   1.00 54.62  ? 1   SER A N   1 
ATOM   2   C CA  . SER A 1 1   ? 1.865   16.060  4.371   1.00 52.90  ? 1   SER A CA  1 
ATOM   3   C C   . SER A 1 1   ? 2.256   14.760  3.679   1.00 50.96  ? 1   SER A C   1 
ATOM   4   O O   . SER A 1 1   ? 3.418   14.335  3.712   1.00 51.35  ? 1   SER A O   1 
ATOM   5   C CB  . SER A 1 1   ? 2.869   17.167  4.051   1.00 55.50  ? 1   SER A CB  1 
ATOM   6   O OG  . SER A 1 1   ? 2.720   17.581  2.704   1.00 61.02  ? 1   SER A OG  1 
ATOM   7   N N   . ILE A 1 2   ? 1.260   14.127  3.077   1.00 48.44  ? 2   ILE A N   1 
ATOM   8   C CA  . ILE A 1 2   ? 1.427   12.856  2.394   1.00 45.95  ? 2   ILE A CA  1 
ATOM   9   C C   . ILE A 1 2   ? 2.571   12.832  1.376   1.00 42.28  ? 2   ILE A C   1 
ATOM   10  O O   . ILE A 1 2   ? 3.341   11.884  1.322   1.00 41.93  ? 2   ILE A O   1 
ATOM   11  C CB  . ILE A 1 2   ? 0.087   12.451  1.735   1.00 47.91  ? 2   ILE A CB  1 
ATOM   12  C CG1 . ILE A 1 2   ? 0.240   11.153  0.973   1.00 51.66  ? 2   ILE A CG1 1 
ATOM   13  C CG2 . ILE A 1 2   ? -0.419  13.560  0.815   1.00 53.14  ? 2   ILE A CG2 1 
ATOM   14  C CD1 . ILE A 1 2   ? -0.992  10.802  0.189   1.00 57.73  ? 2   ILE A CD1 1 
ATOM   15  N N   . GLN A 1 3   ? 2.732   13.916  0.640   1.00 39.46  ? 3   GLN A N   1 
ATOM   16  C CA  . GLN A 1 3   ? 3.773   13.987  -0.372  1.00 38.94  ? 3   GLN A CA  1 
ATOM   17  C C   . GLN A 1 3   ? 5.210   13.998  0.127   1.00 35.23  ? 3   GLN A C   1 
ATOM   18  O O   . GLN A 1 3   ? 6.142   13.820  -0.650  1.00 36.69  ? 3   GLN A O   1 
ATOM   19  C CB  . GLN A 1 3   ? 3.523   15.181  -1.284  1.00 47.08  ? 3   GLN A CB  1 
ATOM   20  C CG  . GLN A 1 3   ? 2.241   15.043  -2.094  1.00 59.61  ? 3   GLN A CG  1 
ATOM   21  C CD  . GLN A 1 3   ? 1.922   16.272  -2.917  1.00 70.72  ? 3   GLN A CD  1 
ATOM   22  O OE1 . GLN A 1 3   ? 0.993   16.255  -3.733  1.00 75.34  ? 3   GLN A OE1 1 
ATOM   23  N NE2 . GLN A 1 3   ? 2.687   17.351  -2.716  1.00 74.68  ? 3   GLN A NE2 1 
ATOM   24  N N   . ALA A 1 4   ? 5.386   14.251  1.411   1.00 30.64  ? 4   ALA A N   1 
ATOM   25  C CA  . ALA A 1 4   ? 6.708   14.277  2.008   1.00 27.42  ? 4   ALA A CA  1 
ATOM   26  C C   . ALA A 1 4   ? 7.178   12.863  2.449   1.00 24.85  ? 4   ALA A C   1 
ATOM   27  O O   . ALA A 1 4   ? 8.361   12.639  2.721   1.00 23.02  ? 4   ALA A O   1 
ATOM   28  C CB  . ALA A 1 4   ? 6.685   15.213  3.199   1.00 29.94  ? 4   ALA A CB  1 
ATOM   29  N N   . GLU A 1 5   ? 6.240   11.926  2.530   1.00 21.20  ? 5   GLU A N   1 
ATOM   30  C CA  . GLU A 1 5   ? 6.536   10.570  2.958   1.00 19.38  ? 5   GLU A CA  1 
ATOM   31  C C   . GLU A 1 5   ? 7.331   9.812   1.894   1.00 16.27  ? 5   GLU A C   1 
ATOM   32  O O   . GLU A 1 5   ? 6.963   9.791   0.732   1.00 14.45  ? 5   GLU A O   1 
ATOM   33  C CB  . GLU A 1 5   ? 5.221   9.841   3.288   1.00 23.46  ? 5   GLU A CB  1 
ATOM   34  C CG  . GLU A 1 5   ? 4.286   10.611  4.269   1.00 24.54  ? 5   GLU A CG  1 
ATOM   35  C CD  . GLU A 1 5   ? 4.934   10.861  5.628   1.00 32.09  ? 5   GLU A CD  1 
ATOM   36  O OE1 . GLU A 1 5   ? 4.772   11.972  6.177   1.00 40.31  ? 5   GLU A OE1 1 
ATOM   37  O OE2 . GLU A 1 5   ? 5.627   9.957   6.143   1.00 31.77  ? 5   GLU A OE2 1 
ATOM   38  N N   . GLU A 1 6   ? 8.432   9.195   2.302   1.00 14.28  ? 6   GLU A N   1 
ATOM   39  C CA  . GLU A 1 6   ? 9.257   8.438   1.363   1.00 14.02  ? 6   GLU A CA  1 
ATOM   40  C C   . GLU A 1 6   ? 8.529   7.237   0.727   1.00 12.12  ? 6   GLU A C   1 
ATOM   41  O O   . GLU A 1 6   ? 8.965   6.748   -0.325  1.00 13.21  ? 6   GLU A O   1 
ATOM   42  C CB  . GLU A 1 6   ? 10.578  7.976   1.994   1.00 13.07  ? 6   GLU A CB  1 
ATOM   43  C CG  . GLU A 1 6   ? 10.472  6.818   2.969   1.00 13.58  ? 6   GLU A CG  1 
ATOM   44  C CD  . GLU A 1 6   ? 9.994   7.210   4.380   1.00 18.65  ? 6   GLU A CD  1 
ATOM   45  O OE1 . GLU A 1 6   ? 9.877   6.294   5.229   1.00 18.84  ? 6   GLU A OE1 1 
ATOM   46  O OE2 . GLU A 1 6   ? 9.740   8.408   4.654   1.00 12.96  ? 6   GLU A OE2 1 
ATOM   47  N N   . TRP A 1 7   ? 7.445   6.761   1.356   1.00 12.00  ? 7   TRP A N   1 
ATOM   48  C CA  . TRP A 1 7   ? 6.672   5.651   0.803   1.00 10.64  ? 7   TRP A CA  1 
ATOM   49  C C   . TRP A 1 7   ? 5.589   6.129   -0.169  1.00 13.13  ? 7   TRP A C   1 
ATOM   50  O O   . TRP A 1 7   ? 4.923   5.322   -0.830  1.00 12.27  ? 7   TRP A O   1 
ATOM   51  C CB  . TRP A 1 7   ? 6.077   4.743   1.892   1.00 8.11   ? 7   TRP A CB  1 
ATOM   52  C CG  . TRP A 1 7   ? 5.520   5.446   3.079   1.00 11.68  ? 7   TRP A CG  1 
ATOM   53  C CD1 . TRP A 1 7   ? 6.105   5.556   4.314   1.00 13.18  ? 7   TRP A CD1 1 
ATOM   54  C CD2 . TRP A 1 7   ? 4.255   6.135   3.172   1.00 11.31  ? 7   TRP A CD2 1 
ATOM   55  N NE1 . TRP A 1 7   ? 5.279   6.262   5.166   1.00 16.01  ? 7   TRP A NE1 1 
ATOM   56  C CE2 . TRP A 1 7   ? 4.143   6.624   4.494   1.00 14.23  ? 7   TRP A CE2 1 
ATOM   57  C CE3 . TRP A 1 7   ? 3.211   6.375   2.274   1.00 10.88  ? 7   TRP A CE3 1 
ATOM   58  C CZ2 . TRP A 1 7   ? 3.031   7.349   4.928   1.00 16.02  ? 7   TRP A CZ2 1 
ATOM   59  C CZ3 . TRP A 1 7   ? 2.106   7.091   2.708   1.00 13.59  ? 7   TRP A CZ3 1 
ATOM   60  C CH2 . TRP A 1 7   ? 2.023   7.568   4.023   1.00 13.31  ? 7   TRP A CH2 1 
ATOM   61  N N   . TYR A 1 8   ? 5.434   7.445   -0.295  1.00 13.67  ? 8   TYR A N   1 
ATOM   62  C CA  . TYR A 1 8   ? 4.438   7.983   -1.216  1.00 14.88  ? 8   TYR A CA  1 
ATOM   63  C C   . TYR A 1 8   ? 5.083   8.188   -2.582  1.00 15.76  ? 8   TYR A C   1 
ATOM   64  O O   . TYR A 1 8   ? 5.945   9.047   -2.732  1.00 17.56  ? 8   TYR A O   1 
ATOM   65  C CB  . TYR A 1 8   ? 3.868   9.314   -0.724  1.00 14.93  ? 8   TYR A CB  1 
ATOM   66  C CG  . TYR A 1 8   ? 2.748   9.783   -1.627  1.00 20.70  ? 8   TYR A CG  1 
ATOM   67  C CD1 . TYR A 1 8   ? 1.601   8.995   -1.784  1.00 22.83  ? 8   TYR A CD1 1 
ATOM   68  C CD2 . TYR A 1 8   ? 2.843   10.980  -2.350  1.00 15.41  ? 8   TYR A CD2 1 
ATOM   69  C CE1 . TYR A 1 8   ? 0.581   9.374   -2.629  1.00 25.31  ? 8   TYR A CE1 1 
ATOM   70  C CE2 . TYR A 1 8   ? 1.821   11.370  -3.191  1.00 20.26  ? 8   TYR A CE2 1 
ATOM   71  C CZ  . TYR A 1 8   ? 0.692   10.559  -3.324  1.00 23.45  ? 8   TYR A CZ  1 
ATOM   72  O OH  . TYR A 1 8   ? -0.360  10.925  -4.123  1.00 31.07  ? 8   TYR A OH  1 
ATOM   73  N N   . PHE A 1 9   ? 4.686   7.379   -3.560  1.00 16.01  ? 9   PHE A N   1 
ATOM   74  C CA  . PHE A 1 9   ? 5.242   7.459   -4.907  1.00 17.24  ? 9   PHE A CA  1 
ATOM   75  C C   . PHE A 1 9   ? 4.411   8.320   -5.881  1.00 18.68  ? 9   PHE A C   1 
ATOM   76  O O   . PHE A 1 9   ? 4.749   8.449   -7.045  1.00 20.39  ? 9   PHE A O   1 
ATOM   77  C CB  . PHE A 1 9   ? 5.525   6.055   -5.473  1.00 11.87  ? 9   PHE A CB  1 
ATOM   78  C CG  . PHE A 1 9   ? 6.776   5.414   -4.920  1.00 13.57  ? 9   PHE A CG  1 
ATOM   79  C CD1 . PHE A 1 9   ? 7.004   5.345   -3.549  1.00 14.89  ? 9   PHE A CD1 1 
ATOM   80  C CD2 . PHE A 1 9   ? 7.712   4.841   -5.769  1.00 20.45  ? 9   PHE A CD2 1 
ATOM   81  C CE1 . PHE A 1 9   ? 8.145   4.720   -3.035  1.00 16.58  ? 9   PHE A CE1 1 
ATOM   82  C CE2 . PHE A 1 9   ? 8.867   4.207   -5.256  1.00 22.09  ? 9   PHE A CE2 1 
ATOM   83  C CZ  . PHE A 1 9   ? 9.073   4.147   -3.894  1.00 19.60  ? 9   PHE A CZ  1 
ATOM   84  N N   . GLY A 1 10  ? 3.311   8.880   -5.403  1.00 18.88  ? 10  GLY A N   1 
ATOM   85  C CA  . GLY A 1 10  ? 2.523   9.763   -6.241  1.00 19.42  ? 10  GLY A CA  1 
ATOM   86  C C   . GLY A 1 10  ? 1.823   9.167   -7.434  1.00 19.55  ? 10  GLY A C   1 
ATOM   87  O O   . GLY A 1 10  ? 1.268   8.082   -7.379  1.00 18.07  ? 10  GLY A O   1 
ATOM   88  N N   . LYS A 1 11  ? 1.881   9.880   -8.544  1.00 19.77  ? 11  LYS A N   1 
ATOM   89  C CA  . LYS A 1 11  ? 1.191   9.454   -9.747  1.00 21.88  ? 11  LYS A CA  1 
ATOM   90  C C   . LYS A 1 11  ? 1.999   8.481   -10.621 1.00 21.07  ? 11  LYS A C   1 
ATOM   91  O O   . LYS A 1 11  ? 2.595   8.899   -11.601 1.00 24.21  ? 11  LYS A O   1 
ATOM   92  C CB  . LYS A 1 11  ? 0.773   10.712  -10.539 1.00 24.23  ? 11  LYS A CB  1 
ATOM   93  C CG  . LYS A 1 11  ? -0.155  10.459  -11.719 1.00 37.61  ? 11  LYS A CG  1 
ATOM   94  C CD  . LYS A 1 11  ? 0.011   11.543  -12.800 1.00 41.39  ? 11  LYS A CD  1 
ATOM   95  C CE  . LYS A 1 11  ? -1.008  11.385  -13.925 1.00 43.42  ? 11  LYS A CE  1 
ATOM   96  N NZ  . LYS A 1 11  ? -0.895  12.489  -14.944 1.00 41.65  ? 11  LYS A NZ  1 
ATOM   97  N N   . ILE A 1 12  ? 2.138   7.224   -10.206 1.00 18.40  ? 12  ILE A N   1 
ATOM   98  C CA  . ILE A 1 12  ? 2.839   6.242   -11.033 1.00 16.65  ? 12  ILE A CA  1 
ATOM   99  C C   . ILE A 1 12  ? 1.763   5.235   -11.360 1.00 14.26  ? 12  ILE A C   1 
ATOM   100 O O   . ILE A 1 12  ? 0.772   5.145   -10.630 1.00 15.30  ? 12  ILE A O   1 
ATOM   101 C CB  . ILE A 1 12  ? 4.053   5.543   -10.334 1.00 18.18  ? 12  ILE A CB  1 
ATOM   102 C CG1 . ILE A 1 12  ? 3.636   4.824   -9.048  1.00 18.50  ? 12  ILE A CG1 1 
ATOM   103 C CG2 . ILE A 1 12  ? 5.158   6.547   -10.079 1.00 17.26  ? 12  ILE A CG2 1 
ATOM   104 C CD1 . ILE A 1 12  ? 4.655   3.829   -8.588  1.00 22.70  ? 12  ILE A CD1 1 
ATOM   105 N N   . THR A 1 13  ? 1.880   4.544   -12.484 1.00 13.26  ? 13  THR A N   1 
ATOM   106 C CA  . THR A 1 13  ? 0.866   3.555   -12.857 1.00 12.67  ? 13  THR A CA  1 
ATOM   107 C C   . THR A 1 13  ? 0.982   2.243   -12.072 1.00 12.46  ? 13  THR A C   1 
ATOM   108 O O   . THR A 1 13  ? 1.976   1.965   -11.408 1.00 12.34  ? 13  THR A O   1 
ATOM   109 C CB  . THR A 1 13  ? 0.951   3.134   -14.343 1.00 9.59   ? 13  THR A CB  1 
ATOM   110 O OG1 . THR A 1 13  ? 2.204   2.482   -14.577 1.00 9.79   ? 13  THR A OG1 1 
ATOM   111 C CG2 . THR A 1 13  ? 0.793   4.350   -15.255 1.00 14.88  ? 13  THR A CG2 1 
ATOM   112 N N   . ARG A 1 14  ? -0.065  1.445   -12.170 1.00 11.97  ? 14  ARG A N   1 
ATOM   113 C CA  . ARG A 1 14  ? -0.102  0.144   -11.546 1.00 13.53  ? 14  ARG A CA  1 
ATOM   114 C C   . ARG A 1 14  ? 1.027   -0.731  -12.115 1.00 14.51  ? 14  ARG A C   1 
ATOM   115 O O   . ARG A 1 14  ? 1.713   -1.446  -11.371 1.00 12.16  ? 14  ARG A O   1 
ATOM   116 C CB  . ARG A 1 14  ? -1.439  -0.485  -11.856 1.00 13.15  ? 14  ARG A CB  1 
ATOM   117 C CG  . ARG A 1 14  ? -1.593  -1.875  -11.353 1.00 14.23  ? 14  ARG A CG  1 
ATOM   118 C CD  . ARG A 1 14  ? -2.889  -2.339  -11.901 1.00 24.45  ? 14  ARG A CD  1 
ATOM   119 N NE  . ARG A 1 14  ? -3.244  -3.671  -11.476 1.00 38.48  ? 14  ARG A NE  1 
ATOM   120 C CZ  . ARG A 1 14  ? -4.380  -3.948  -10.847 1.00 48.90  ? 14  ARG A CZ  1 
ATOM   121 N NH1 . ARG A 1 14  ? -4.656  -5.197  -10.482 1.00 50.47  ? 14  ARG A NH1 1 
ATOM   122 N NH2 . ARG A 1 14  ? -5.230  -2.964  -10.571 1.00 54.14  ? 14  ARG A NH2 1 
ATOM   123 N N   . ARG A 1 15  ? 1.208   -0.697  -13.439 1.00 13.95  ? 15  ARG A N   1 
ATOM   124 C CA  . ARG A 1 15  ? 2.259   -1.497  -14.074 1.00 11.86  ? 15  ARG A CA  1 
ATOM   125 C C   . ARG A 1 15  ? 3.642   -1.083  -13.567 1.00 10.90  ? 15  ARG A C   1 
ATOM   126 O O   . ARG A 1 15  ? 4.509   -1.918  -13.370 1.00 12.03  ? 15  ARG A O   1 
ATOM   127 C CB  . ARG A 1 15  ? 2.184   -1.368  -15.598 1.00 14.25  ? 15  ARG A CB  1 
ATOM   128 C CG  . ARG A 1 15  ? 3.326   -2.071  -16.290 1.00 16.68  ? 15  ARG A CG  1 
ATOM   129 C CD  . ARG A 1 15  ? 3.161   -2.042  -17.790 1.00 22.51  ? 15  ARG A CD  1 
ATOM   130 N NE  . ARG A 1 15  ? 4.241   -2.781  -18.441 1.00 29.61  ? 15  ARG A NE  1 
ATOM   131 C CZ  . ARG A 1 15  ? 4.238   -4.103  -18.621 1.00 36.52  ? 15  ARG A CZ  1 
ATOM   132 N NH1 . ARG A 1 15  ? 3.198   -4.832  -18.209 1.00 36.03  ? 15  ARG A NH1 1 
ATOM   133 N NH2 . ARG A 1 15  ? 5.292   -4.709  -19.165 1.00 39.91  ? 15  ARG A NH2 1 
ATOM   134 N N   . GLU A 1 16  ? 3.841   0.211   -13.365 1.00 10.72  ? 16  GLU A N   1 
ATOM   135 C CA  . GLU A 1 16  ? 5.103   0.725   -12.855 1.00 12.06  ? 16  GLU A CA  1 
ATOM   136 C C   . GLU A 1 16  ? 5.300   0.254   -11.403 1.00 11.28  ? 16  GLU A C   1 
ATOM   137 O O   . GLU A 1 16  ? 6.408   -0.143  -11.016 1.00 10.92  ? 16  GLU A O   1 
ATOM   138 C CB  . GLU A 1 16  ? 5.134   2.257   -12.961 1.00 14.91  ? 16  GLU A CB  1 
ATOM   139 C CG  . GLU A 1 16  ? 6.333   2.959   -12.353 1.00 19.45  ? 16  GLU A CG  1 
ATOM   140 C CD  . GLU A 1 16  ? 7.675   2.633   -12.993 1.00 28.18  ? 16  GLU A CD  1 
ATOM   141 O OE1 . GLU A 1 16  ? 8.675   3.217   -12.515 1.00 34.35  ? 16  GLU A OE1 1 
ATOM   142 O OE2 . GLU A 1 16  ? 7.758   1.810   -13.936 1.00 29.70  ? 16  GLU A OE2 1 
ATOM   143 N N   . SER A 1 17  ? 4.234   0.275   -10.620 1.00 10.77  ? 17  SER A N   1 
ATOM   144 C CA  . SER A 1 17  ? 4.338   -0.182  -9.240  1.00 11.11  ? 17  SER A CA  1 
ATOM   145 C C   . SER A 1 17  ? 4.712   -1.679  -9.232  1.00 11.41  ? 17  SER A C   1 
ATOM   146 O O   . SER A 1 17  ? 5.508   -2.118  -8.391  1.00 10.62  ? 17  SER A O   1 
ATOM   147 C CB  . SER A 1 17  ? 3.037   0.091   -8.462  1.00 9.46   ? 17  SER A CB  1 
ATOM   148 O OG  . SER A 1 17  ? 2.003   -0.838  -8.782  1.00 13.77  ? 17  SER A OG  1 
ATOM   149 N N   . GLU A 1 18  ? 4.171   -2.463  -10.164 1.00 8.03   ? 18  GLU A N   1 
ATOM   150 C CA  . GLU A 1 18  ? 4.540   -3.872  -10.221 1.00 10.40  ? 18  GLU A CA  1 
ATOM   151 C C   . GLU A 1 18  ? 5.996   -4.087  -10.652 1.00 11.49  ? 18  GLU A C   1 
ATOM   152 O O   . GLU A 1 18  ? 6.665   -4.978  -10.148 1.00 13.52  ? 18  GLU A O   1 
ATOM   153 C CB  . GLU A 1 18  ? 3.569   -4.634  -11.097 1.00 8.62   ? 18  GLU A CB  1 
ATOM   154 C CG  . GLU A 1 18  ? 2.179   -4.599  -10.495 1.00 14.20  ? 18  GLU A CG  1 
ATOM   155 C CD  . GLU A 1 18  ? 1.114   -5.174  -11.390 1.00 21.32  ? 18  GLU A CD  1 
ATOM   156 O OE1 . GLU A 1 18  ? 0.033   -5.528  -10.893 1.00 21.41  ? 18  GLU A OE1 1 
ATOM   157 O OE2 . GLU A 1 18  ? 1.347   -5.263  -12.605 1.00 24.86  ? 18  GLU A OE2 1 
ATOM   158 N N   . ARG A 1 19  ? 6.475   -3.289  -11.597 1.00 11.49  ? 19  ARG A N   1 
ATOM   159 C CA  . ARG A 1 19  ? 7.850   -3.376  -12.049 1.00 12.67  ? 19  ARG A CA  1 
ATOM   160 C C   . ARG A 1 19  ? 8.807   -3.162  -10.866 1.00 12.06  ? 19  ARG A C   1 
ATOM   161 O O   . ARG A 1 19  ? 9.771   -3.897  -10.695 1.00 13.56  ? 19  ARG A O   1 
ATOM   162 C CB  . ARG A 1 19  ? 8.138   -2.320  -13.130 1.00 13.16  ? 19  ARG A CB  1 
ATOM   163 C CG  . ARG A 1 19  ? 9.508   -2.523  -13.790 1.00 23.40  ? 19  ARG A CG  1 
ATOM   164 C CD  . ARG A 1 19  ? 9.903   -1.424  -14.762 1.00 25.39  ? 19  ARG A CD  1 
ATOM   165 N NE  . ARG A 1 19  ? 10.074  -0.134  -14.096 1.00 31.13  ? 19  ARG A NE  1 
ATOM   166 C CZ  . ARG A 1 19  ? 11.132  0.215   -13.369 1.00 32.59  ? 19  ARG A CZ  1 
ATOM   167 N NH1 . ARG A 1 19  ? 12.143  -0.629  -13.198 1.00 32.44  ? 19  ARG A NH1 1 
ATOM   168 N NH2 . ARG A 1 19  ? 11.172  1.419   -12.804 1.00 26.84  ? 19  ARG A NH2 1 
ATOM   169 N N   . LEU A 1 20  ? 8.538   -2.151  -10.053 1.00 13.30  ? 20  LEU A N   1 
ATOM   170 C CA  . LEU A 1 20  ? 9.373   -1.846  -8.891  1.00 14.68  ? 20  LEU A CA  1 
ATOM   171 C C   . LEU A 1 20  ? 9.309   -2.934  -7.807  1.00 14.63  ? 20  LEU A C   1 
ATOM   172 O O   . LEU A 1 20  ? 10.329  -3.299  -7.215  1.00 15.15  ? 20  LEU A O   1 
ATOM   173 C CB  . LEU A 1 20  ? 8.961   -0.491  -8.269  1.00 17.94  ? 20  LEU A CB  1 
ATOM   174 C CG  . LEU A 1 20  ? 9.240   0.799   -9.074  1.00 21.67  ? 20  LEU A CG  1 
ATOM   175 C CD1 . LEU A 1 20  ? 8.417   1.988   -8.546  1.00 20.43  ? 20  LEU A CD1 1 
ATOM   176 C CD2 . LEU A 1 20  ? 10.711  1.103   -9.066  1.00 21.43  ? 20  LEU A CD2 1 
ATOM   177 N N   . LEU A 1 21  ? 8.118   -3.451  -7.551  1.00 13.41  ? 21  LEU A N   1 
ATOM   178 C CA  . LEU A 1 21  ? 7.942   -4.452  -6.508  1.00 13.23  ? 21  LEU A CA  1 
ATOM   179 C C   . LEU A 1 21  ? 8.363   -5.891  -6.847  1.00 16.19  ? 21  LEU A C   1 
ATOM   180 O O   . LEU A 1 21  ? 8.760   -6.646  -5.953  1.00 15.59  ? 21  LEU A O   1 
ATOM   181 C CB  . LEU A 1 21  ? 6.511   -4.398  -5.967  1.00 10.67  ? 21  LEU A CB  1 
ATOM   182 C CG  . LEU A 1 21  ? 6.167   -3.084  -5.229  1.00 11.75  ? 21  LEU A CG  1 
ATOM   183 C CD1 . LEU A 1 21  ? 4.664   -2.940  -5.044  1.00 10.40  ? 21  LEU A CD1 1 
ATOM   184 C CD2 . LEU A 1 21  ? 6.881   -3.013  -3.882  1.00 11.34  ? 21  LEU A CD2 1 
ATOM   185 N N   . LEU A 1 22  ? 8.333   -6.253  -8.130  1.00 15.78  ? 22  LEU A N   1 
ATOM   186 C CA  . LEU A 1 22  ? 8.686   -7.596  -8.548  1.00 15.59  ? 22  LEU A CA  1 
ATOM   187 C C   . LEU A 1 22  ? 10.170  -7.730  -8.679  1.00 17.63  ? 22  LEU A C   1 
ATOM   188 O O   . LEU A 1 22  ? 10.677  -7.987  -9.749  1.00 20.95  ? 22  LEU A O   1 
ATOM   189 C CB  . LEU A 1 22  ? 8.006   -7.951  -9.866  1.00 14.11  ? 22  LEU A CB  1 
ATOM   190 C CG  . LEU A 1 22  ? 6.489   -8.104  -9.739  1.00 17.90  ? 22  LEU A CG  1 
ATOM   191 C CD1 . LEU A 1 22  ? 5.847   -8.175  -11.113 1.00 19.74  ? 22  LEU A CD1 1 
ATOM   192 C CD2 . LEU A 1 22  ? 6.117   -9.306  -8.852  1.00 19.83  ? 22  LEU A CD2 1 
ATOM   193 N N   . ASN A 1 23  ? 10.877  -7.470  -7.607  1.00 17.27  ? 23  ASN A N   1 
ATOM   194 C CA  . ASN A 1 23  ? 12.318  -7.593  -7.625  1.00 18.25  ? 23  ASN A CA  1 
ATOM   195 C C   . ASN A 1 23  ? 12.612  -8.726  -6.608  1.00 18.18  ? 23  ASN A C   1 
ATOM   196 O O   . ASN A 1 23  ? 12.051  -8.729  -5.510  1.00 15.48  ? 23  ASN A O   1 
ATOM   197 C CB  . ASN A 1 23  ? 12.933  -6.251  -7.224  1.00 20.64  ? 23  ASN A CB  1 
ATOM   198 C CG  . ASN A 1 23  ? 14.446  -6.260  -7.268  1.00 27.63  ? 23  ASN A CG  1 
ATOM   199 O OD1 . ASN A 1 23  ? 15.088  -7.185  -6.782  1.00 28.40  ? 23  ASN A OD1 1 
ATOM   200 N ND2 . ASN A 1 23  ? 15.024  -5.239  -7.875  1.00 34.98  ? 23  ASN A ND2 1 
ATOM   201 N N   . ALA A 1 24  ? 13.399  -9.731  -7.006  1.00 16.42  ? 24  ALA A N   1 
ATOM   202 C CA  . ALA A 1 24  ? 13.712  -10.870 -6.138  1.00 17.32  ? 24  ALA A CA  1 
ATOM   203 C C   . ALA A 1 24  ? 14.356  -10.526 -4.797  1.00 15.51  ? 24  ALA A C   1 
ATOM   204 O O   . ALA A 1 24  ? 14.417  -11.368 -3.901  1.00 16.42  ? 24  ALA A O   1 
ATOM   205 C CB  . ALA A 1 24  ? 14.583  -11.882 -6.878  1.00 19.54  ? 24  ALA A CB  1 
ATOM   206 N N   . GLU A 1 25  ? 14.890  -9.319  -4.691  1.00 14.67  ? 25  GLU A N   1 
ATOM   207 C CA  . GLU A 1 25  ? 15.521  -8.862  -3.467  1.00 14.15  ? 25  GLU A CA  1 
ATOM   208 C C   . GLU A 1 25  ? 14.513  -8.306  -2.462  1.00 14.98  ? 25  GLU A C   1 
ATOM   209 O O   . GLU A 1 25  ? 14.854  -8.080  -1.293  1.00 14.21  ? 25  GLU A O   1 
ATOM   210 C CB  . GLU A 1 25  ? 16.536  -7.786  -3.795  1.00 16.76  ? 25  GLU A CB  1 
ATOM   211 C CG  . GLU A 1 25  ? 17.713  -8.333  -4.594  1.00 25.01  ? 25  GLU A CG  1 
ATOM   212 C CD  . GLU A 1 25  ? 18.822  -7.308  -4.805  1.00 32.38  ? 25  GLU A CD  1 
ATOM   213 O OE1 . GLU A 1 25  ? 19.748  -7.612  -5.584  1.00 34.12  ? 25  GLU A OE1 1 
ATOM   214 O OE2 . GLU A 1 25  ? 18.779  -6.212  -4.195  1.00 37.02  ? 25  GLU A OE2 1 
ATOM   215 N N   . ASN A 1 26  ? 13.291  -8.050  -2.911  1.00 12.84  ? 26  ASN A N   1 
ATOM   216 C CA  . ASN A 1 26  ? 12.289  -7.495  -2.016  1.00 12.69  ? 26  ASN A CA  1 
ATOM   217 C C   . ASN A 1 26  ? 11.649  -8.565  -1.131  1.00 11.03  ? 26  ASN A C   1 
ATOM   218 O O   . ASN A 1 26  ? 11.093  -9.539  -1.635  1.00 11.62  ? 26  ASN A O   1 
ATOM   219 C CB  . ASN A 1 26  ? 11.170  -6.786  -2.806  1.00 11.15  ? 26  ASN A CB  1 
ATOM   220 C CG  . ASN A 1 26  ? 11.633  -5.523  -3.498  1.00 10.52  ? 26  ASN A CG  1 
ATOM   221 O OD1 . ASN A 1 26  ? 12.615  -4.905  -3.110  1.00 13.66  ? 26  ASN A OD1 1 
ATOM   222 N ND2 . ASN A 1 26  ? 10.910  -5.126  -4.524  1.00 12.12  ? 26  ASN A ND2 1 
ATOM   223 N N   . PRO A 1 27  ? 11.700  -8.387  0.203   1.00 11.66  ? 27  PRO A N   1 
ATOM   224 C CA  . PRO A 1 27  ? 11.079  -9.380  1.085   1.00 11.59  ? 27  PRO A CA  1 
ATOM   225 C C   . PRO A 1 27  ? 9.567   -9.119  1.084   1.00 10.68  ? 27  PRO A C   1 
ATOM   226 O O   . PRO A 1 27  ? 9.131   -8.061  0.579   1.00 10.45  ? 27  PRO A O   1 
ATOM   227 C CB  . PRO A 1 27  ? 11.701  -9.057  2.457   1.00 10.80  ? 27  PRO A CB  1 
ATOM   228 C CG  . PRO A 1 27  ? 11.866  -7.605  2.415   1.00 15.22  ? 27  PRO A CG  1 
ATOM   229 C CD  . PRO A 1 27  ? 12.406  -7.356  0.993   1.00 11.81  ? 27  PRO A CD  1 
ATOM   230 N N   . ARG A 1 28  ? 8.776   -10.039 1.656   1.00 9.84   ? 28  ARG A N   1 
ATOM   231 C CA  . ARG A 1 28  ? 7.325   -9.856  1.745   1.00 8.93   ? 28  ARG A CA  1 
ATOM   232 C C   . ARG A 1 28  ? 7.005   -8.573  2.516   1.00 9.04   ? 28  ARG A C   1 
ATOM   233 O O   . ARG A 1 28  ? 7.688   -8.236  3.484   1.00 10.14  ? 28  ARG A O   1 
ATOM   234 C CB  . ARG A 1 28  ? 6.677   -11.024 2.486   1.00 11.04  ? 28  ARG A CB  1 
ATOM   235 C CG  . ARG A 1 28  ? 6.931   -12.383 1.859   1.00 16.95  ? 28  ARG A CG  1 
ATOM   236 C CD  . ARG A 1 28  ? 6.293   -13.519 2.660   1.00 21.92  ? 28  ARG A CD  1 
ATOM   237 N NE  . ARG A 1 28  ? 4.840   -13.524 2.522   1.00 31.90  ? 28  ARG A NE  1 
ATOM   238 C CZ  . ARG A 1 28  ? 4.005   -14.208 3.308   1.00 37.64  ? 28  ARG A CZ  1 
ATOM   239 N NH1 . ARG A 1 28  ? 4.491   -14.943 4.304   1.00 35.13  ? 28  ARG A NH1 1 
ATOM   240 N NH2 . ARG A 1 28  ? 2.686   -14.171 3.091   1.00 30.68  ? 28  ARG A NH2 1 
ATOM   241 N N   . GLY A 1 29  ? 5.973   -7.857  2.089   1.00 8.85   ? 29  GLY A N   1 
ATOM   242 C CA  . GLY A 1 29  ? 5.585   -6.636  2.766   1.00 5.26   ? 29  GLY A CA  1 
ATOM   243 C C   . GLY A 1 29  ? 6.269   -5.400  2.266   1.00 7.91   ? 29  GLY A C   1 
ATOM   244 O O   . GLY A 1 29  ? 6.072   -4.364  2.858   1.00 9.24   ? 29  GLY A O   1 
ATOM   245 N N   . THR A 1 30  ? 7.109   -5.491  1.236   1.00 7.63   ? 30  THR A N   1 
ATOM   246 C CA  . THR A 1 30  ? 7.739   -4.292  0.649   1.00 8.73   ? 30  THR A CA  1 
ATOM   247 C C   . THR A 1 30  ? 6.541   -3.537  0.015   1.00 8.20   ? 30  THR A C   1 
ATOM   248 O O   . THR A 1 30  ? 5.654   -4.135  -0.621  1.00 6.94   ? 30  THR A O   1 
ATOM   249 C CB  . THR A 1 30  ? 8.837   -4.650  -0.415  1.00 9.94   ? 30  THR A CB  1 
ATOM   250 O OG1 . THR A 1 30  ? 9.903   -5.389  0.217   1.00 10.62  ? 30  THR A OG1 1 
ATOM   251 C CG2 . THR A 1 30  ? 9.401   -3.373  -1.038  1.00 7.47   ? 30  THR A CG2 1 
ATOM   252 N N   . PHE A 1 31  ? 6.491   -2.226  0.178   1.00 8.30   ? 31  PHE A N   1 
ATOM   253 C CA  . PHE A 1 31  ? 5.308   -1.523  -0.277  1.00 6.57   ? 31  PHE A CA  1 
ATOM   254 C C   . PHE A 1 31  ? 5.547   -0.104  -0.738  1.00 8.18   ? 31  PHE A C   1 
ATOM   255 O O   . PHE A 1 31  ? 6.630   0.443   -0.570  1.00 8.26   ? 31  PHE A O   1 
ATOM   256 C CB  . PHE A 1 31  ? 4.300   -1.475  0.890   1.00 6.57   ? 31  PHE A CB  1 
ATOM   257 C CG  . PHE A 1 31  ? 4.700   -0.519  2.030   1.00 9.98   ? 31  PHE A CG  1 
ATOM   258 C CD1 . PHE A 1 31  ? 4.158   0.773   2.103   1.00 11.29  ? 31  PHE A CD1 1 
ATOM   259 C CD2 . PHE A 1 31  ? 5.651   -0.893  2.983   1.00 11.10  ? 31  PHE A CD2 1 
ATOM   260 C CE1 . PHE A 1 31  ? 4.558   1.687   3.111   1.00 11.44  ? 31  PHE A CE1 1 
ATOM   261 C CE2 . PHE A 1 31  ? 6.059   0.004   3.994   1.00 11.62  ? 31  PHE A CE2 1 
ATOM   262 C CZ  . PHE A 1 31  ? 5.516   1.295   4.057   1.00 11.53  ? 31  PHE A CZ  1 
ATOM   263 N N   . LEU A 1 32  ? 4.488   0.484   -1.287  1.00 9.75   ? 32  LEU A N   1 
ATOM   264 C CA  . LEU A 1 32  ? 4.484   1.861   -1.706  1.00 8.95   ? 32  LEU A CA  1 
ATOM   265 C C   . LEU A 1 32  ? 3.019   2.277   -1.773  1.00 8.27   ? 32  LEU A C   1 
ATOM   266 O O   . LEU A 1 32  ? 2.128   1.432   -1.794  1.00 7.61   ? 32  LEU A O   1 
ATOM   267 C CB  . LEU A 1 32  ? 5.207   2.038   -3.065  1.00 7.92   ? 32  LEU A CB  1 
ATOM   268 C CG  . LEU A 1 32  ? 4.686   1.313   -4.326  1.00 10.62  ? 32  LEU A CG  1 
ATOM   269 C CD1 . LEU A 1 32  ? 3.534   2.113   -4.946  1.00 11.49  ? 32  LEU A CD1 1 
ATOM   270 C CD2 . LEU A 1 32  ? 5.814   1.174   -5.356  1.00 12.52  ? 32  LEU A CD2 1 
ATOM   271 N N   . VAL A 1 33  ? 2.776   3.584   -1.703  1.00 7.84   ? 33  VAL A N   1 
ATOM   272 C CA  . VAL A 1 33  ? 1.434   4.148   -1.812  1.00 8.21   ? 33  VAL A CA  1 
ATOM   273 C C   . VAL A 1 33  ? 1.481   5.026   -3.049  1.00 9.73   ? 33  VAL A C   1 
ATOM   274 O O   . VAL A 1 33  ? 2.476   5.712   -3.299  1.00 10.41  ? 33  VAL A O   1 
ATOM   275 C CB  . VAL A 1 33  ? 1.068   4.997   -0.582  1.00 8.93   ? 33  VAL A CB  1 
ATOM   276 C CG1 . VAL A 1 33  ? -0.242  5.740   -0.808  1.00 11.65  ? 33  VAL A CG1 1 
ATOM   277 C CG2 . VAL A 1 33  ? 0.952   4.063   0.656   1.00 12.32  ? 33  VAL A CG2 1 
ATOM   278 N N   . ARG A 1 34  ? 0.438   4.957   -3.856  1.00 10.33  ? 34  ARG A N   1 
ATOM   279 C CA  . ARG A 1 34  ? 0.368   5.755   -5.076  1.00 12.71  ? 34  ARG A CA  1 
ATOM   280 C C   . ARG A 1 34  ? -1.063  6.221   -5.291  1.00 10.48  ? 34  ARG A C   1 
ATOM   281 O O   . ARG A 1 34  ? -1.964  5.871   -4.540  1.00 11.68  ? 34  ARG A O   1 
ATOM   282 C CB  . ARG A 1 34  ? 0.824   4.899   -6.280  1.00 10.67  ? 34  ARG A CB  1 
ATOM   283 C CG  . ARG A 1 34  ? -0.055  3.657   -6.486  1.00 7.57   ? 34  ARG A CG  1 
ATOM   284 C CD  . ARG A 1 34  ? 0.403   2.838   -7.657  1.00 12.77  ? 34  ARG A CD  1 
ATOM   285 N NE  . ARG A 1 34  ? -0.304  1.554   -7.747  1.00 13.07  ? 34  ARG A NE  1 
ATOM   286 C CZ  . ARG A 1 34  ? -1.475  1.374   -8.339  1.00 12.74  ? 34  ARG A CZ  1 
ATOM   287 N NH1 . ARG A 1 34  ? -2.020  0.165   -8.362  1.00 11.21  ? 34  ARG A NH1 1 
ATOM   288 N NH2 . ARG A 1 34  ? -2.086  2.396   -8.928  1.00 14.16  ? 34  ARG A NH2 1 
ATOM   289 N N   . GLU A 1 35  ? -1.257  7.074   -6.279  1.00 13.42  ? 35  GLU A N   1 
ATOM   290 C CA  . GLU A 1 35  ? -2.597  7.507   -6.620  1.00 15.70  ? 35  GLU A CA  1 
ATOM   291 C C   . GLU A 1 35  ? -3.234  6.380   -7.425  1.00 15.03  ? 35  GLU A C   1 
ATOM   292 O O   . GLU A 1 35  ? -2.525  5.607   -8.097  1.00 14.64  ? 35  GLU A O   1 
ATOM   293 C CB  . GLU A 1 35  ? -2.540  8.733   -7.510  1.00 19.31  ? 35  GLU A CB  1 
ATOM   294 C CG  . GLU A 1 35  ? -2.228  10.001  -6.762  1.00 29.79  ? 35  GLU A CG  1 
ATOM   295 C CD  . GLU A 1 35  ? -2.451  11.232  -7.625  1.00 42.66  ? 35  GLU A CD  1 
ATOM   296 O OE1 . GLU A 1 35  ? -2.325  12.340  -7.064  1.00 49.58  ? 35  GLU A OE1 1 
ATOM   297 O OE2 . GLU A 1 35  ? -2.758  11.092  -8.844  1.00 44.46  ? 35  GLU A OE2 1 
ATOM   298 N N   . SER A 1 36  ? -4.546  6.224   -7.274  1.00 14.81  ? 36  SER A N   1 
ATOM   299 C CA  . SER A 1 36  ? -5.261  5.226   -8.033  1.00 16.63  ? 36  SER A CA  1 
ATOM   300 C C   . SER A 1 36  ? -5.357  5.725   -9.499  1.00 18.98  ? 36  SER A C   1 
ATOM   301 O O   . SER A 1 36  ? -5.454  6.928   -9.754  1.00 17.80  ? 36  SER A O   1 
ATOM   302 C CB  . SER A 1 36  ? -6.649  5.043   -7.449  1.00 16.18  ? 36  SER A CB  1 
ATOM   303 O OG  . SER A 1 36  ? -7.480  4.369   -8.375  1.00 18.88  ? 36  SER A OG  1 
ATOM   304 N N   . GLU A 1 37  ? -5.302  4.804   -10.454 1.00 19.79  ? 37  GLU A N   1 
ATOM   305 C CA  . GLU A 1 37  ? -5.418  5.156   -11.875 1.00 23.04  ? 37  GLU A CA  1 
ATOM   306 C C   . GLU A 1 37  ? -6.836  5.557   -12.261 1.00 24.53  ? 37  GLU A C   1 
ATOM   307 O O   . GLU A 1 37  ? -7.044  6.452   -13.071 1.00 25.84  ? 37  GLU A O   1 
ATOM   308 C CB  . GLU A 1 37  ? -5.057  3.960   -12.754 1.00 20.16  ? 37  GLU A CB  1 
ATOM   309 C CG  . GLU A 1 37  ? -3.581  3.715   -12.899 1.00 19.55  ? 37  GLU A CG  1 
ATOM   310 C CD  . GLU A 1 37  ? -3.281  2.559   -13.826 1.00 23.00  ? 37  GLU A CD  1 
ATOM   311 O OE1 . GLU A 1 37  ? -4.220  1.954   -14.403 1.00 27.12  ? 37  GLU A OE1 1 
ATOM   312 O OE2 . GLU A 1 37  ? -2.090  2.237   -13.989 1.00 24.52  ? 37  GLU A OE2 1 
ATOM   313 N N   . THR A 1 38  ? -7.804  4.855   -11.692 1.00 27.71  ? 38  THR A N   1 
ATOM   314 C CA  . THR A 1 38  ? -9.199  5.057   -12.021 1.00 30.86  ? 38  THR A CA  1 
ATOM   315 C C   . THR A 1 38  ? -10.086 5.731   -10.991 1.00 31.57  ? 38  THR A C   1 
ATOM   316 O O   . THR A 1 38  ? -11.146 6.271   -11.339 1.00 32.14  ? 38  THR A O   1 
ATOM   317 C CB  . THR A 1 38  ? -9.834  3.706   -12.397 1.00 37.20  ? 38  THR A CB  1 
ATOM   318 O OG1 . THR A 1 38  ? -9.363  2.676   -11.503 1.00 41.00  ? 38  THR A OG1 1 
ATOM   319 C CG2 . THR A 1 38  ? -9.486  3.330   -13.848 1.00 44.51  ? 38  THR A CG2 1 
ATOM   320 N N   . THR A 1 39  ? -9.711  5.683   -9.724  1.00 30.18  ? 39  THR A N   1 
ATOM   321 C CA  . THR A 1 39  ? -10.569 6.294   -8.734  1.00 30.43  ? 39  THR A CA  1 
ATOM   322 C C   . THR A 1 39  ? -10.061 7.608   -8.232  1.00 31.33  ? 39  THR A C   1 
ATOM   323 O O   . THR A 1 39  ? -9.064  7.682   -7.515  1.00 28.90  ? 39  THR A O   1 
ATOM   324 C CB  . THR A 1 39  ? -10.806 5.372   -7.572  1.00 30.81  ? 39  THR A CB  1 
ATOM   325 O OG1 . THR A 1 39  ? -11.238 4.105   -8.081  1.00 32.01  ? 39  THR A OG1 1 
ATOM   326 C CG2 . THR A 1 39  ? -11.874 5.962   -6.655  1.00 32.13  ? 39  THR A CG2 1 
ATOM   327 N N   . LYS A 1 40  ? -10.773 8.657   -8.604  1.00 32.80  ? 40  LYS A N   1 
ATOM   328 C CA  . LYS A 1 40  ? -10.384 9.976   -8.168  1.00 36.54  ? 40  LYS A CA  1 
ATOM   329 C C   . LYS A 1 40  ? -10.504 10.031  -6.645  1.00 36.12  ? 40  LYS A C   1 
ATOM   330 O O   . LYS A 1 40  ? -11.437 9.455   -6.062  1.00 35.95  ? 40  LYS A O   1 
ATOM   331 C CB  . LYS A 1 40  ? -11.265 11.055  -8.807  1.00 43.43  ? 40  LYS A CB  1 
ATOM   332 C CG  . LYS A 1 40  ? -10.563 12.408  -8.841  1.00 55.53  ? 40  LYS A CG  1 
ATOM   333 C CD  . LYS A 1 40  ? -11.460 13.544  -9.309  1.00 67.68  ? 40  LYS A CD  1 
ATOM   334 C CE  . LYS A 1 40  ? -10.762 14.893  -9.113  1.00 71.59  ? 40  LYS A CE  1 
ATOM   335 N NZ  . LYS A 1 40  ? -11.536 15.767  -8.182  1.00 76.87  ? 40  LYS A NZ  1 
ATOM   336 N N   . GLY A 1 41  ? -9.504  10.644  -6.015  1.00 34.77  ? 41  GLY A N   1 
ATOM   337 C CA  . GLY A 1 41  ? -9.513  10.783  -4.576  1.00 33.85  ? 41  GLY A CA  1 
ATOM   338 C C   . GLY A 1 41  ? -9.258  9.525   -3.758  1.00 32.27  ? 41  GLY A C   1 
ATOM   339 O O   . GLY A 1 41  ? -9.519  9.526   -2.550  1.00 34.80  ? 41  GLY A O   1 
ATOM   340 N N   . ALA A 1 42  ? -8.840  8.436   -4.399  1.00 27.85  ? 42  ALA A N   1 
ATOM   341 C CA  . ALA A 1 42  ? -8.515  7.227   -3.662  1.00 22.59  ? 42  ALA A CA  1 
ATOM   342 C C   . ALA A 1 42  ? -7.038  6.983   -3.884  1.00 21.16  ? 42  ALA A C   1 
ATOM   343 O O   . ALA A 1 42  ? -6.441  7.516   -4.848  1.00 20.64  ? 42  ALA A O   1 
ATOM   344 C CB  . ALA A 1 42  ? -9.332  6.043   -4.130  1.00 20.73  ? 42  ALA A CB  1 
ATOM   345 N N   . TYR A 1 43  ? -6.417  6.286   -2.943  1.00 17.09  ? 43  TYR A N   1 
ATOM   346 C CA  . TYR A 1 43  ? -5.015  5.945   -3.076  1.00 14.31  ? 43  TYR A CA  1 
ATOM   347 C C   . TYR A 1 43  ? -4.960  4.444   -3.220  1.00 13.16  ? 43  TYR A C   1 
ATOM   348 O O   . TYR A 1 43  ? -5.956  3.737   -3.023  1.00 12.71  ? 43  TYR A O   1 
ATOM   349 C CB  . TYR A 1 43  ? -4.211  6.370   -1.857  1.00 16.66  ? 43  TYR A CB  1 
ATOM   350 C CG  . TYR A 1 43  ? -4.142  7.842   -1.711  1.00 17.57  ? 43  TYR A CG  1 
ATOM   351 C CD1 . TYR A 1 43  ? -4.959  8.503   -0.802  1.00 26.67  ? 43  TYR A CD1 1 
ATOM   352 C CD2 . TYR A 1 43  ? -3.257  8.579   -2.487  1.00 22.63  ? 43  TYR A CD2 1 
ATOM   353 C CE1 . TYR A 1 43  ? -4.892  9.884   -0.659  1.00 38.54  ? 43  TYR A CE1 1 
ATOM   354 C CE2 . TYR A 1 43  ? -3.171  9.942   -2.370  1.00 33.49  ? 43  TYR A CE2 1 
ATOM   355 C CZ  . TYR A 1 43  ? -3.985  10.606  -1.451  1.00 43.62  ? 43  TYR A CZ  1 
ATOM   356 O OH  . TYR A 1 43  ? -3.870  11.985  -1.323  1.00 53.60  ? 43  TYR A OH  1 
ATOM   357 N N   . CYS A 1 44  ? -3.763  3.981   -3.525  1.00 11.93  ? 44  CYS A N   1 
ATOM   358 C CA  . CYS A 1 44  ? -3.525  2.595   -3.744  1.00 10.84  ? 44  CYS A CA  1 
ATOM   359 C C   . CYS A 1 44  ? -2.273  2.162   -3.000  1.00 9.59   ? 44  CYS A C   1 
ATOM   360 O O   . CYS A 1 44  ? -1.227  2.793   -3.128  1.00 10.03  ? 44  CYS A O   1 
ATOM   361 C CB  . CYS A 1 44  ? -3.330  2.360   -5.229  1.00 15.02  ? 44  CYS A CB  1 
ATOM   362 S SG  . CYS A 1 44  ? -3.829  0.666   -5.630  1.00 30.52  ? 44  CYS A SG  1 
ATOM   363 N N   . LEU A 1 45  ? -2.400  1.105   -2.208  1.00 10.62  ? 45  LEU A N   1 
ATOM   364 C CA  . LEU A 1 45  ? -1.293  0.552   -1.462  1.00 9.02   ? 45  LEU A CA  1 
ATOM   365 C C   . LEU A 1 45  ? -0.883  -0.718  -2.214  1.00 8.88   ? 45  LEU A C   1 
ATOM   366 O O   . LEU A 1 45  ? -1.657  -1.695  -2.266  1.00 9.94   ? 45  LEU A O   1 
ATOM   367 C CB  . LEU A 1 45  ? -1.768  0.175   -0.053  1.00 9.63   ? 45  LEU A CB  1 
ATOM   368 C CG  . LEU A 1 45  ? -0.842  -0.625  0.881   1.00 10.65  ? 45  LEU A CG  1 
ATOM   369 C CD1 . LEU A 1 45  ? 0.392   0.185   1.224   1.00 9.62   ? 45  LEU A CD1 1 
ATOM   370 C CD2 . LEU A 1 45  ? -1.610  -0.992  2.149   1.00 13.62  ? 45  LEU A CD2 1 
ATOM   371 N N   . SER A 1 46  ? 0.312   -0.701  -2.785  1.00 7.18   ? 46  SER A N   1 
ATOM   372 C CA  . SER A 1 46  ? 0.832   -1.836  -3.550  1.00 8.11   ? 46  SER A CA  1 
ATOM   373 C C   . SER A 1 46  ? 1.849   -2.555  -2.683  1.00 7.86   ? 46  SER A C   1 
ATOM   374 O O   . SER A 1 46  ? 2.788   -1.942  -2.168  1.00 8.00   ? 46  SER A O   1 
ATOM   375 C CB  . SER A 1 46  ? 1.420   -1.307  -4.853  1.00 8.78   ? 46  SER A CB  1 
ATOM   376 O OG  . SER A 1 46  ? 0.361   -0.661  -5.565  1.00 8.25   ? 46  SER A OG  1 
ATOM   377 N N   . VAL A 1 47  ? 1.668   -3.864  -2.552  1.00 7.47   ? 47  VAL A N   1 
ATOM   378 C CA  . VAL A 1 47  ? 2.475   -4.654  -1.628  1.00 10.23  ? 47  VAL A CA  1 
ATOM   379 C C   . VAL A 1 47  ? 3.037   -5.934  -2.260  1.00 10.93  ? 47  VAL A C   1 
ATOM   380 O O   . VAL A 1 47  ? 2.305   -6.641  -2.964  1.00 12.56  ? 47  VAL A O   1 
ATOM   381 C CB  . VAL A 1 47  ? 1.588   -5.092  -0.381  1.00 9.44   ? 47  VAL A CB  1 
ATOM   382 C CG1 . VAL A 1 47  ? 2.452   -5.718  0.722   1.00 13.04  ? 47  VAL A CG1 1 
ATOM   383 C CG2 . VAL A 1 47  ? 0.801   -3.913  0.178   1.00 11.97  ? 47  VAL A CG2 1 
ATOM   384 N N   . SER A 1 48  ? 4.327   -6.216  -2.034  1.00 10.60  ? 48  SER A N   1 
ATOM   385 C CA  . SER A 1 48  ? 4.912   -7.431  -2.565  1.00 12.82  ? 48  SER A CA  1 
ATOM   386 C C   . SER A 1 48  ? 4.611   -8.594  -1.614  1.00 13.52  ? 48  SER A C   1 
ATOM   387 O O   . SER A 1 48  ? 4.474   -8.418  -0.387  1.00 12.75  ? 48  SER A O   1 
ATOM   388 C CB  . SER A 1 48  ? 6.417   -7.281  -2.789  1.00 9.76   ? 48  SER A CB  1 
ATOM   389 O OG  . SER A 1 48  ? 7.163   -7.336  -1.580  1.00 14.86  ? 48  SER A OG  1 
ATOM   390 N N   . ASP A 1 49  ? 4.455   -9.779  -2.188  1.00 13.89  ? 49  ASP A N   1 
ATOM   391 C CA  . ASP A 1 49  ? 4.193   -10.970 -1.398  1.00 12.93  ? 49  ASP A CA  1 
ATOM   392 C C   . ASP A 1 49  ? 5.018   -12.104 -2.004  1.00 13.27  ? 49  ASP A C   1 
ATOM   393 O O   . ASP A 1 49  ? 5.610   -11.938 -3.086  1.00 14.00  ? 49  ASP A O   1 
ATOM   394 C CB  . ASP A 1 49  ? 2.716   -11.317 -1.446  1.00 11.89  ? 49  ASP A CB  1 
ATOM   395 C CG  . ASP A 1 49  ? 2.308   -12.344 -0.383  1.00 18.93  ? 49  ASP A CG  1 
ATOM   396 O OD1 . ASP A 1 49  ? 2.982   -12.497 0.673   1.00 15.34  ? 49  ASP A OD1 1 
ATOM   397 O OD2 . ASP A 1 49  ? 1.278   -12.998 -0.626  1.00 24.43  ? 49  ASP A OD2 1 
ATOM   398 N N   . PHE A 1 50  ? 5.107   -13.210 -1.268  1.00 12.60  ? 50  PHE A N   1 
ATOM   399 C CA  . PHE A 1 50  ? 5.815   -14.386 -1.720  1.00 14.45  ? 50  PHE A CA  1 
ATOM   400 C C   . PHE A 1 50  ? 5.258   -15.631 -1.051  1.00 16.44  ? 50  PHE A C   1 
ATOM   401 O O   . PHE A 1 50  ? 5.105   -15.655 0.165   1.00 15.46  ? 50  PHE A O   1 
ATOM   402 C CB  . PHE A 1 50  ? 7.314   -14.292 -1.399  1.00 13.82  ? 50  PHE A CB  1 
ATOM   403 C CG  . PHE A 1 50  ? 8.116   -15.449 -1.922  1.00 14.22  ? 50  PHE A CG  1 
ATOM   404 C CD1 . PHE A 1 50  ? 8.165   -16.652 -1.227  1.00 17.84  ? 50  PHE A CD1 1 
ATOM   405 C CD2 . PHE A 1 50  ? 8.752   -15.363 -3.143  1.00 16.29  ? 50  PHE A CD2 1 
ATOM   406 C CE1 . PHE A 1 50  ? 8.834   -17.754 -1.751  1.00 22.30  ? 50  PHE A CE1 1 
ATOM   407 C CE2 . PHE A 1 50  ? 9.429   -16.456 -3.681  1.00 20.84  ? 50  PHE A CE2 1 
ATOM   408 C CZ  . PHE A 1 50  ? 9.468   -17.658 -2.989  1.00 19.41  ? 50  PHE A CZ  1 
ATOM   409 N N   . ASP A 1 51  ? 4.856   -16.614 -1.851  1.00 19.02  ? 51  ASP A N   1 
ATOM   410 C CA  . ASP A 1 51  ? 4.465   -17.907 -1.298  1.00 22.96  ? 51  ASP A CA  1 
ATOM   411 C C   . ASP A 1 51  ? 4.949   -18.986 -2.266  1.00 24.09  ? 51  ASP A C   1 
ATOM   412 O O   . ASP A 1 51  ? 5.312   -18.677 -3.399  1.00 25.03  ? 51  ASP A O   1 
ATOM   413 C CB  . ASP A 1 51  ? 2.974   -18.016 -0.915  1.00 25.72  ? 51  ASP A CB  1 
ATOM   414 C CG  . ASP A 1 51  ? 2.041   -17.912 -2.080  1.00 29.75  ? 51  ASP A CG  1 
ATOM   415 O OD1 . ASP A 1 51  ? 0.861   -17.569 -1.866  1.00 28.69  ? 51  ASP A OD1 1 
ATOM   416 O OD2 . ASP A 1 51  ? 2.482   -18.161 -3.194  1.00 36.55  ? 51  ASP A OD2 1 
ATOM   417 N N   . ASN A 1 52  ? 5.049   -20.228 -1.806  1.00 25.88  ? 52  ASN A N   1 
ATOM   418 C CA  . ASN A 1 52  ? 5.551   -21.305 -2.664  1.00 27.39  ? 52  ASN A CA  1 
ATOM   419 C C   . ASN A 1 52  ? 4.578   -21.618 -3.802  1.00 27.79  ? 52  ASN A C   1 
ATOM   420 O O   . ASN A 1 52  ? 4.995   -22.098 -4.856  1.00 30.37  ? 52  ASN A O   1 
ATOM   421 C CB  . ASN A 1 52  ? 5.877   -22.592 -1.848  1.00 29.27  ? 52  ASN A CB  1 
ATOM   422 C CG  . ASN A 1 52  ? 7.187   -22.490 -0.991  1.00 30.42  ? 52  ASN A CG  1 
ATOM   423 O OD1 . ASN A 1 52  ? 8.127   -21.753 -1.303  1.00 30.72  ? 52  ASN A OD1 1 
ATOM   424 N ND2 . ASN A 1 52  ? 7.243   -23.290 0.063   1.00 29.31  ? 52  ASN A ND2 1 
ATOM   425 N N   . ALA A 1 53  ? 3.296   -21.316 -3.604  1.00 26.44  ? 53  ALA A N   1 
ATOM   426 C CA  . ALA A 1 53  ? 2.296   -21.567 -4.634  1.00 25.36  ? 53  ALA A CA  1 
ATOM   427 C C   . ALA A 1 53  ? 2.500   -20.604 -5.783  1.00 25.32  ? 53  ALA A C   1 
ATOM   428 O O   . ALA A 1 53  ? 2.797   -21.012 -6.884  1.00 27.14  ? 53  ALA A O   1 
ATOM   429 C CB  . ALA A 1 53  ? 0.886   -21.400 -4.065  1.00 22.83  ? 53  ALA A CB  1 
ATOM   430 N N   . LYS A 1 54  ? 2.435   -19.321 -5.480  1.00 23.21  ? 54  LYS A N   1 
ATOM   431 C CA  . LYS A 1 54  ? 2.563   -18.268 -6.466  1.00 23.68  ? 54  LYS A CA  1 
ATOM   432 C C   . LYS A 1 54  ? 3.920   -17.644 -6.664  1.00 22.14  ? 54  LYS A C   1 
ATOM   433 O O   . LYS A 1 54  ? 4.086   -16.906 -7.629  1.00 24.81  ? 54  LYS A O   1 
ATOM   434 C CB  . LYS A 1 54  ? 1.636   -17.113 -6.128  1.00 25.45  ? 54  LYS A CB  1 
ATOM   435 C CG  . LYS A 1 54  ? 0.186   -17.432 -6.186  1.00 28.75  ? 54  LYS A CG  1 
ATOM   436 C CD  . LYS A 1 54  ? -0.591  -16.191 -5.886  1.00 33.79  ? 54  LYS A CD  1 
ATOM   437 C CE  . LYS A 1 54  ? -2.056  -16.436 -6.080  1.00 40.88  ? 54  LYS A CE  1 
ATOM   438 N NZ  . LYS A 1 54  ? -2.807  -15.160 -5.932  1.00 48.42  ? 54  LYS A NZ  1 
ATOM   439 N N   . GLY A 1 55  ? 4.853   -17.880 -5.749  1.00 19.46  ? 55  GLY A N   1 
ATOM   440 C CA  . GLY A 1 55  ? 6.155   -17.241 -5.836  1.00 16.51  ? 55  GLY A CA  1 
ATOM   441 C C   . GLY A 1 55  ? 5.963   -15.748 -5.525  1.00 16.47  ? 55  GLY A C   1 
ATOM   442 O O   . GLY A 1 55  ? 4.978   -15.367 -4.860  1.00 14.83  ? 55  GLY A O   1 
ATOM   443 N N   . LEU A 1 56  ? 6.839   -14.901 -6.071  1.00 14.33  ? 56  LEU A N   1 
ATOM   444 C CA  . LEU A 1 56  ? 6.786   -13.448 -5.860  1.00 16.35  ? 56  LEU A CA  1 
ATOM   445 C C   . LEU A 1 56  ? 5.596   -12.820 -6.616  1.00 16.54  ? 56  LEU A C   1 
ATOM   446 O O   . LEU A 1 56  ? 5.417   -13.062 -7.816  1.00 16.20  ? 56  LEU A O   1 
ATOM   447 C CB  . LEU A 1 56  ? 8.092   -12.819 -6.348  1.00 18.05  ? 56  LEU A CB  1 
ATOM   448 C CG  . LEU A 1 56  ? 8.323   -11.323 -6.143  1.00 19.62  ? 56  LEU A CG  1 
ATOM   449 C CD1 . LEU A 1 56  ? 8.458   -10.967 -4.676  1.00 19.68  ? 56  LEU A CD1 1 
ATOM   450 C CD2 . LEU A 1 56  ? 9.598   -10.941 -6.902  1.00 21.18  ? 56  LEU A CD2 1 
ATOM   451 N N   . ASN A 1 57  ? 4.781   -12.014 -5.942  1.00 15.00  ? 57  ASN A N   1 
ATOM   452 C CA  . ASN A 1 57  ? 3.631   -11.437 -6.623  1.00 15.68  ? 57  ASN A CA  1 
ATOM   453 C C   . ASN A 1 57  ? 3.249   -10.171 -5.914  1.00 15.30  ? 57  ASN A C   1 
ATOM   454 O O   . ASN A 1 57  ? 3.711   -9.934  -4.810  1.00 16.15  ? 57  ASN A O   1 
ATOM   455 C CB  . ASN A 1 57  ? 2.454   -12.421 -6.655  1.00 18.09  ? 57  ASN A CB  1 
ATOM   456 C CG  . ASN A 1 57  ? 1.901   -12.728 -5.278  1.00 23.09  ? 57  ASN A CG  1 
ATOM   457 O OD1 . ASN A 1 57  ? 0.842   -12.236 -4.920  1.00 26.33  ? 57  ASN A OD1 1 
ATOM   458 N ND2 . ASN A 1 57  ? 2.601   -13.559 -4.506  1.00 18.02  ? 57  ASN A ND2 1 
ATOM   459 N N   . VAL A 1 58  ? 2.402   -9.365  -6.539  1.00 13.79  ? 58  VAL A N   1 
ATOM   460 C CA  . VAL A 1 58  ? 2.000   -8.073  -5.971  1.00 13.12  ? 58  VAL A CA  1 
ATOM   461 C C   . VAL A 1 58  ? 0.495   -7.971  -5.746  1.00 13.29  ? 58  VAL A C   1 
ATOM   462 O O   . VAL A 1 58  ? -0.284  -8.446  -6.573  1.00 13.42  ? 58  VAL A O   1 
ATOM   463 C CB  . VAL A 1 58  ? 2.441   -6.933  -6.919  1.00 13.30  ? 58  VAL A CB  1 
ATOM   464 C CG1 . VAL A 1 58  ? 2.030   -5.564  -6.373  1.00 12.17  ? 58  VAL A CG1 1 
ATOM   465 C CG2 . VAL A 1 58  ? 3.931   -7.002  -7.133  1.00 14.37  ? 58  VAL A CG2 1 
ATOM   466 N N   . LYS A 1 59  ? 0.101   -7.398  -4.612  1.00 10.90  ? 59  LYS A N   1 
ATOM   467 C CA  . LYS A 1 59  ? -1.296  -7.176  -4.270  1.00 11.09  ? 59  LYS A CA  1 
ATOM   468 C C   . LYS A 1 59  ? -1.498  -5.671  -4.200  1.00 10.90  ? 59  LYS A C   1 
ATOM   469 O O   . LYS A 1 59  ? -0.571  -4.941  -3.821  1.00 11.80  ? 59  LYS A O   1 
ATOM   470 C CB  . LYS A 1 59  ? -1.628  -7.751  -2.899  1.00 13.60  ? 59  LYS A CB  1 
ATOM   471 C CG  . LYS A 1 59  ? -1.650  -9.262  -2.848  1.00 24.38  ? 59  LYS A CG  1 
ATOM   472 C CD  . LYS A 1 59  ? -2.742  -9.785  -3.739  1.00 34.36  ? 59  LYS A CD  1 
ATOM   473 C CE  . LYS A 1 59  ? -3.031  -11.227 -3.420  1.00 48.07  ? 59  LYS A CE  1 
ATOM   474 N NZ  . LYS A 1 59  ? -3.769  -11.909 -4.523  1.00 60.54  ? 59  LYS A NZ  1 
ATOM   475 N N   . HIS A 1 60  ? -2.698  -5.223  -4.554  1.00 10.95  ? 60  HIS A N   1 
ATOM   476 C CA  . HIS A 1 60  ? -3.072  -3.792  -4.539  1.00 11.28  ? 60  HIS A CA  1 
ATOM   477 C C   . HIS A 1 60  ? -4.329  -3.608  -3.700  1.00 9.29   ? 60  HIS A C   1 
ATOM   478 O O   . HIS A 1 60  ? -5.294  -4.352  -3.849  1.00 9.97   ? 60  HIS A O   1 
ATOM   479 C CB  . HIS A 1 60  ? -3.352  -3.294  -5.954  1.00 11.98  ? 60  HIS A CB  1 
ATOM   480 C CG  . HIS A 1 60  ? -2.221  -3.512  -6.906  1.00 9.04   ? 60  HIS A CG  1 
ATOM   481 N ND1 . HIS A 1 60  ? -1.127  -2.686  -6.959  1.00 7.98   ? 60  HIS A ND1 1 
ATOM   482 C CD2 . HIS A 1 60  ? -2.015  -4.471  -7.837  1.00 8.76   ? 60  HIS A CD2 1 
ATOM   483 C CE1 . HIS A 1 60  ? -0.287  -3.114  -7.880  1.00 7.32   ? 60  HIS A CE1 1 
ATOM   484 N NE2 . HIS A 1 60  ? -0.805  -4.201  -8.431  1.00 12.17  ? 60  HIS A NE2 1 
ATOM   485 N N   . TYR A 1 61  ? -4.303  -2.643  -2.789  1.00 8.73   ? 61  TYR A N   1 
ATOM   486 C CA  . TYR A 1 61  ? -5.437  -2.370  -1.920  1.00 8.67   ? 61  TYR A CA  1 
ATOM   487 C C   . TYR A 1 61  ? -5.847  -0.919  -2.069  1.00 8.80   ? 61  TYR A C   1 
ATOM   488 O O   . TYR A 1 61  ? -5.005  -0.020  -2.115  1.00 11.86  ? 61  TYR A O   1 
ATOM   489 C CB  . TYR A 1 61  ? -5.068  -2.639  -0.444  1.00 9.01   ? 61  TYR A CB  1 
ATOM   490 C CG  . TYR A 1 61  ? -4.618  -4.058  -0.203  1.00 11.71  ? 61  TYR A CG  1 
ATOM   491 C CD1 . TYR A 1 61  ? -3.258  -4.371  -0.152  1.00 12.19  ? 61  TYR A CD1 1 
ATOM   492 C CD2 . TYR A 1 61  ? -5.553  -5.109  -0.086  1.00 10.83  ? 61  TYR A CD2 1 
ATOM   493 C CE1 . TYR A 1 61  ? -2.824  -5.697  0.007   1.00 13.65  ? 61  TYR A CE1 1 
ATOM   494 C CE2 . TYR A 1 61  ? -5.130  -6.448  0.072   1.00 10.76  ? 61  TYR A CE2 1 
ATOM   495 C CZ  . TYR A 1 61  ? -3.767  -6.715  0.120   1.00 13.88  ? 61  TYR A CZ  1 
ATOM   496 O OH  . TYR A 1 61  ? -3.320  -7.982  0.306   1.00 11.42  ? 61  TYR A OH  1 
ATOM   497 N N   . LYS A 1 62  ? -7.138  -0.680  -2.154  1.00 10.05  ? 62  LYS A N   1 
ATOM   498 C CA  . LYS A 1 62  ? -7.657  0.662   -2.302  1.00 9.68   ? 62  LYS A CA  1 
ATOM   499 C C   . LYS A 1 62  ? -7.835  1.333   -0.950  1.00 10.63  ? 62  LYS A C   1 
ATOM   500 O O   . LYS A 1 62  ? -8.433  0.747   -0.047  1.00 11.24  ? 62  LYS A O   1 
ATOM   501 C CB  . LYS A 1 62  ? -8.988  0.608   -3.018  1.00 11.57  ? 62  LYS A CB  1 
ATOM   502 C CG  . LYS A 1 62  ? -9.458  1.971   -3.428  1.00 27.61  ? 62  LYS A CG  1 
ATOM   503 C CD  . LYS A 1 62  ? -10.247 1.918   -4.708  1.00 39.33  ? 62  LYS A CD  1 
ATOM   504 C CE  . LYS A 1 62  ? -9.442  1.217   -5.803  1.00 46.93  ? 62  LYS A CE  1 
ATOM   505 N NZ  . LYS A 1 62  ? -9.887  1.687   -7.137  1.00 55.83  ? 62  LYS A NZ  1 
ATOM   506 N N   . ILE A 1 63  ? -7.238  2.506   -0.783  1.00 11.38  ? 63  ILE A N   1 
ATOM   507 C CA  . ILE A 1 63  ? -7.339  3.260   0.458   1.00 12.10  ? 63  ILE A CA  1 
ATOM   508 C C   . ILE A 1 63  ? -8.328  4.390   0.164   1.00 15.28  ? 63  ILE A C   1 
ATOM   509 O O   . ILE A 1 63  ? -8.086  5.229   -0.721  1.00 15.92  ? 63  ILE A O   1 
ATOM   510 C CB  . ILE A 1 63  ? -6.011  3.933   0.844   1.00 13.48  ? 63  ILE A CB  1 
ATOM   511 C CG1 . ILE A 1 63  ? -4.903  2.901   1.091   1.00 13.05  ? 63  ILE A CG1 1 
ATOM   512 C CG2 . ILE A 1 63  ? -6.217  4.790   2.092   1.00 12.66  ? 63  ILE A CG2 1 
ATOM   513 C CD1 . ILE A 1 63  ? -3.585  3.542   1.542   1.00 11.55  ? 63  ILE A CD1 1 
ATOM   514 N N   . ARG A 1 64  ? -9.447  4.396   0.872   1.00 15.88  ? 64  ARG A N   1 
ATOM   515 C CA  . ARG A 1 64  ? -10.455 5.419   0.687   1.00 17.87  ? 64  ARG A CA  1 
ATOM   516 C C   . ARG A 1 64  ? -10.280 6.547   1.701   1.00 20.41  ? 64  ARG A C   1 
ATOM   517 O O   . ARG A 1 64  ? -9.764  6.350   2.806   1.00 14.91  ? 64  ARG A O   1 
ATOM   518 C CB  . ARG A 1 64  ? -11.841 4.800   0.760   1.00 18.81  ? 64  ARG A CB  1 
ATOM   519 C CG  . ARG A 1 64  ? -12.055 3.745   -0.335  1.00 32.55  ? 64  ARG A CG  1 
ATOM   520 C CD  . ARG A 1 64  ? -13.490 3.758   -0.896  1.00 46.22  ? 64  ARG A CD  1 
ATOM   521 N NE  . ARG A 1 64  ? -13.773 2.646   -1.810  1.00 51.68  ? 64  ARG A NE  1 
ATOM   522 C CZ  . ARG A 1 64  ? -13.629 1.361   -1.497  1.00 54.47  ? 64  ARG A CZ  1 
ATOM   523 N NH1 . ARG A 1 64  ? -13.201 1.006   -0.291  1.00 60.29  ? 64  ARG A NH1 1 
ATOM   524 N NH2 . ARG A 1 64  ? -13.920 0.428   -2.387  1.00 56.53  ? 64  ARG A NH2 1 
ATOM   525 N N   . LYS A 1 65  ? -10.693 7.742   1.305   1.00 23.35  ? 65  LYS A N   1 
ATOM   526 C CA  . LYS A 1 65  ? -10.563 8.907   2.166   1.00 28.53  ? 65  LYS A CA  1 
ATOM   527 C C   . LYS A 1 65  ? -11.936 9.555   2.249   1.00 32.20  ? 65  LYS A C   1 
ATOM   528 O O   . LYS A 1 65  ? -12.580 9.796   1.225   1.00 32.68  ? 65  LYS A O   1 
ATOM   529 C CB  . LYS A 1 65  ? -9.514  9.848   1.558   1.00 31.09  ? 65  LYS A CB  1 
ATOM   530 C CG  . LYS A 1 65  ? -9.655  11.319  1.891   1.00 39.97  ? 65  LYS A CG  1 
ATOM   531 C CD  . LYS A 1 65  ? -9.533  11.618  3.384   1.00 48.27  ? 65  LYS A CD  1 
ATOM   532 C CE  . LYS A 1 65  ? -9.565  13.124  3.630   1.00 54.16  ? 65  LYS A CE  1 
ATOM   533 N NZ  . LYS A 1 65  ? -8.569  13.843  2.754   1.00 59.34  ? 65  LYS A NZ  1 
ATOM   534 N N   . LEU A 1 66  ? -12.415 9.754   3.467   1.00 35.16  ? 66  LEU A N   1 
ATOM   535 C CA  . LEU A 1 66  ? -13.714 10.373  3.692   1.00 39.70  ? 66  LEU A CA  1 
ATOM   536 C C   . LEU A 1 66  ? -13.578 11.878  3.699   1.00 43.14  ? 66  LEU A C   1 
ATOM   537 O O   . LEU A 1 66  ? -12.549 12.411  4.128   1.00 41.12  ? 66  LEU A O   1 
ATOM   538 C CB  . LEU A 1 66  ? -14.282 9.958   5.045   1.00 39.75  ? 66  LEU A CB  1 
ATOM   539 C CG  . LEU A 1 66  ? -14.707 8.512   5.258   1.00 43.02  ? 66  LEU A CG  1 
ATOM   540 C CD1 . LEU A 1 66  ? -14.648 8.197   6.742   1.00 43.20  ? 66  LEU A CD1 1 
ATOM   541 C CD2 . LEU A 1 66  ? -16.108 8.283   4.689   1.00 44.20  ? 66  LEU A CD2 1 
ATOM   542 N N   . ASP A 1 67  ? -14.622 12.567  3.243   1.00 47.98  ? 67  ASP A N   1 
ATOM   543 C CA  . ASP A 1 67  ? -14.612 14.020  3.252   1.00 52.10  ? 67  ASP A CA  1 
ATOM   544 C C   . ASP A 1 67  ? -14.572 14.437  4.692   1.00 52.46  ? 67  ASP A C   1 
ATOM   545 O O   . ASP A 1 67  ? -13.921 15.413  5.048   1.00 53.81  ? 67  ASP A O   1 
ATOM   546 C CB  . ASP A 1 67  ? -15.854 14.567  2.582   1.00 62.15  ? 67  ASP A CB  1 
ATOM   547 C CG  . ASP A 1 67  ? -15.576 15.017  1.171   1.00 76.54  ? 67  ASP A CG  1 
ATOM   548 O OD1 . ASP A 1 67  ? -14.911 16.070  1.005   1.00 84.38  ? 67  ASP A OD1 1 
ATOM   549 O OD2 . ASP A 1 67  ? -15.996 14.297  0.240   1.00 84.28  ? 67  ASP A OD2 1 
ATOM   550 N N   . SER A 1 68  ? -15.259 13.654  5.514   1.00 53.09  ? 68  SER A N   1 
ATOM   551 C CA  . SER A 1 68  ? -15.302 13.847  6.964   1.00 54.13  ? 68  SER A CA  1 
ATOM   552 C C   . SER A 1 68  ? -13.867 13.779  7.533   1.00 53.20  ? 68  SER A C   1 
ATOM   553 O O   . SER A 1 68  ? -13.616 14.203  8.664   1.00 55.39  ? 68  SER A O   1 
ATOM   554 C CB  . SER A 1 68  ? -16.173 12.751  7.580   1.00 58.04  ? 68  SER A CB  1 
ATOM   555 O OG  . SER A 1 68  ? -17.246 12.433  6.682   1.00 65.76  ? 68  SER A OG  1 
ATOM   556 N N   . GLY A 1 69  ? -12.960 13.158  6.783   1.00 51.24  ? 69  GLY A N   1 
ATOM   557 C CA  . GLY A 1 69  ? -11.564 13.105  7.184   1.00 47.28  ? 69  GLY A CA  1 
ATOM   558 C C   . GLY A 1 69  ? -11.019 11.852  7.832   1.00 43.72  ? 69  GLY A C   1 
ATOM   559 O O   . GLY A 1 69  ? -10.322 11.937  8.836   1.00 48.40  ? 69  GLY A O   1 
ATOM   560 N N   . GLY A 1 70  ? -11.252 10.701  7.224   1.00 37.88  ? 70  GLY A N   1 
ATOM   561 C CA  . GLY A 1 70  ? -10.760 9.457   7.778   1.00 30.72  ? 70  GLY A CA  1 
ATOM   562 C C   . GLY A 1 70  ? -10.210 8.656   6.622   1.00 25.69  ? 70  GLY A C   1 
ATOM   563 O O   . GLY A 1 70  ? -10.637 8.853   5.490   1.00 25.17  ? 70  GLY A O   1 
ATOM   564 N N   . PHE A 1 71  ? -9.205  7.834   6.885   1.00 20.51  ? 71  PHE A N   1 
ATOM   565 C CA  . PHE A 1 71  ? -8.591  6.988   5.856   1.00 17.30  ? 71  PHE A CA  1 
ATOM   566 C C   . PHE A 1 71  ? -8.823  5.533   6.218   1.00 14.85  ? 71  PHE A C   1 
ATOM   567 O O   . PHE A 1 71  ? -8.712  5.179   7.381   1.00 13.35  ? 71  PHE A O   1 
ATOM   568 C CB  . PHE A 1 71  ? -7.079  7.207   5.789   1.00 16.12  ? 71  PHE A CB  1 
ATOM   569 C CG  . PHE A 1 71  ? -6.688  8.510   5.211   1.00 16.89  ? 71  PHE A CG  1 
ATOM   570 C CD1 . PHE A 1 71  ? -6.620  9.642   6.017   1.00 19.27  ? 71  PHE A CD1 1 
ATOM   571 C CD2 . PHE A 1 71  ? -6.407  8.615   3.858   1.00 15.90  ? 71  PHE A CD2 1 
ATOM   572 C CE1 . PHE A 1 71  ? -6.263  10.877  5.479   1.00 19.66  ? 71  PHE A CE1 1 
ATOM   573 C CE2 . PHE A 1 71  ? -6.050  9.842   3.299   1.00 23.94  ? 71  PHE A CE2 1 
ATOM   574 C CZ  . PHE A 1 71  ? -5.981  10.979  4.115   1.00 21.07  ? 71  PHE A CZ  1 
ATOM   575 N N   . TYR A 1 72  ? -9.108  4.692   5.226   1.00 14.41  ? 72  TYR A N   1 
ATOM   576 C CA  . TYR A 1 72  ? -9.307  3.267   5.496   1.00 11.73  ? 72  TYR A CA  1 
ATOM   577 C C   . TYR A 1 72  ? -9.270  2.382   4.273   1.00 12.15  ? 72  TYR A C   1 
ATOM   578 O O   . TYR A 1 72  ? -9.447  2.864   3.133   1.00 9.41   ? 72  TYR A O   1 
ATOM   579 C CB  . TYR A 1 72  ? -10.646 3.032   6.201   1.00 9.40   ? 72  TYR A CB  1 
ATOM   580 C CG  . TYR A 1 72  ? -11.832 3.421   5.360   1.00 15.84  ? 72  TYR A CG  1 
ATOM   581 C CD1 . TYR A 1 72  ? -12.442 2.492   4.497   1.00 15.32  ? 72  TYR A CD1 1 
ATOM   582 C CD2 . TYR A 1 72  ? -12.373 4.698   5.447   1.00 19.57  ? 72  TYR A CD2 1 
ATOM   583 C CE1 . TYR A 1 72  ? -13.571 2.828   3.746   1.00 16.72  ? 72  TYR A CE1 1 
ATOM   584 C CE2 . TYR A 1 72  ? -13.492 5.044   4.710   1.00 23.88  ? 72  TYR A CE2 1 
ATOM   585 C CZ  . TYR A 1 72  ? -14.079 4.102   3.871   1.00 22.39  ? 72  TYR A CZ  1 
ATOM   586 O OH  . TYR A 1 72  ? -15.181 4.448   3.180   1.00 28.01  ? 72  TYR A OH  1 
ATOM   587 N N   . ILE A 1 73  ? -8.962  1.103   4.521   1.00 10.52  ? 73  ILE A N   1 
ATOM   588 C CA  . ILE A 1 73  ? -9.007  0.062   3.501   1.00 11.08  ? 73  ILE A CA  1 
ATOM   589 C C   . ILE A 1 73  ? -10.375 -0.621  3.767   1.00 13.25  ? 73  ILE A C   1 
ATOM   590 O O   . ILE A 1 73  ? -11.169 -0.838  2.836   1.00 13.06  ? 73  ILE A O   1 
ATOM   591 C CB  . ILE A 1 73  ? -7.841  -0.922  3.605   1.00 10.05  ? 73  ILE A CB  1 
ATOM   592 C CG1 . ILE A 1 73  ? -6.537  -0.225  3.211   1.00 10.80  ? 73  ILE A CG1 1 
ATOM   593 C CG2 . ILE A 1 73  ? -8.067  -2.093  2.648   1.00 11.22  ? 73  ILE A CG2 1 
ATOM   594 C CD1 . ILE A 1 73  ? -5.314  -1.118  3.333   1.00 14.85  ? 73  ILE A CD1 1 
ATOM   595 N N   . THR A 1 74  ? -10.664 -0.930  5.031   1.00 12.21  ? 74  THR A N   1 
ATOM   596 C CA  . THR A 1 74  ? -11.967 -1.486  5.409   1.00 12.01  ? 74  THR A CA  1 
ATOM   597 C C   . THR A 1 74  ? -12.635 -0.435  6.300   1.00 12.27  ? 74  THR A C   1 
ATOM   598 O O   . THR A 1 74  ? -11.986 0.097   7.195   1.00 11.68  ? 74  THR A O   1 
ATOM   599 C CB  . THR A 1 74  ? -11.873 -2.840  6.143   1.00 11.63  ? 74  THR A CB  1 
ATOM   600 O OG1 . THR A 1 74  ? -13.167 -3.184  6.639   1.00 15.02  ? 74  THR A OG1 1 
ATOM   601 C CG2 . THR A 1 74  ? -10.879 -2.803  7.301   1.00 10.67  ? 74  THR A CG2 1 
ATOM   602 N N   . SER A 1 75  ? -13.913 -0.133  6.055   1.00 12.34  ? 75  SER A N   1 
ATOM   603 C CA  . SER A 1 75  ? -14.639 0.895   6.808   1.00 13.56  ? 75  SER A CA  1 
ATOM   604 C C   . SER A 1 75  ? -14.706 0.626   8.290   1.00 14.76  ? 75  SER A C   1 
ATOM   605 O O   . SER A 1 75  ? -14.919 1.541   9.078   1.00 15.82  ? 75  SER A O   1 
ATOM   606 C CB  . SER A 1 75  ? -16.058 1.120   6.253   1.00 15.59  ? 75  SER A CB  1 
ATOM   607 O OG  . SER A 1 75  ? -16.909 0.018   6.519   1.00 18.99  ? 75  SER A OG  1 
ATOM   608 N N   . ARG A 1 76  ? -14.466 -0.615  8.692   1.00 16.08  ? 76  ARG A N   1 
ATOM   609 C CA  . ARG A 1 76  ? -14.494 -0.940  10.116  1.00 17.74  ? 76  ARG A CA  1 
ATOM   610 C C   . ARG A 1 76  ? -13.223 -0.524  10.856  1.00 17.00  ? 76  ARG A C   1 
ATOM   611 O O   . ARG A 1 76  ? -13.247 -0.383  12.066  1.00 18.30  ? 76  ARG A O   1 
ATOM   612 C CB  . ARG A 1 76  ? -14.778 -2.432  10.321  1.00 24.14  ? 76  ARG A CB  1 
ATOM   613 C CG  . ARG A 1 76  ? -15.998 -2.859  9.512   1.00 42.70  ? 76  ARG A CG  1 
ATOM   614 C CD  . ARG A 1 76  ? -16.820 -3.981  10.103  1.00 57.06  ? 76  ARG A CD  1 
ATOM   615 N NE  . ARG A 1 76  ? -17.832 -4.397  9.124   1.00 70.77  ? 76  ARG A NE  1 
ATOM   616 C CZ  . ARG A 1 76  ? -18.746 -5.349  9.327   1.00 75.45  ? 76  ARG A CZ  1 
ATOM   617 N NH1 . ARG A 1 76  ? -18.785 -5.993  10.486  1.00 78.59  ? 76  ARG A NH1 1 
ATOM   618 N NH2 . ARG A 1 76  ? -19.603 -5.669  8.359   1.00 73.18  ? 76  ARG A NH2 1 
ATOM   619 N N   . THR A 1 77  ? -12.155 -0.221  10.127  1.00 12.99  ? 77  THR A N   1 
ATOM   620 C CA  . THR A 1 77  ? -10.887 0.141   10.747  1.00 12.56  ? 77  THR A CA  1 
ATOM   621 C C   . THR A 1 77  ? -10.367 1.404   10.099  1.00 11.69  ? 77  THR A C   1 
ATOM   622 O O   . THR A 1 77  ? -9.679  1.339   9.099   1.00 12.29  ? 77  THR A O   1 
ATOM   623 C CB  . THR A 1 77  ? -9.889  -1.041  10.574  1.00 13.45  ? 77  THR A CB  1 
ATOM   624 O OG1 . THR A 1 77  ? -10.536 -2.247  10.986  1.00 13.64  ? 77  THR A OG1 1 
ATOM   625 C CG2 . THR A 1 77  ? -8.627  -0.853  11.396  1.00 11.12  ? 77  THR A CG2 1 
ATOM   626 N N   . GLN A 1 78  ? -10.686 2.550   10.702  1.00 11.82  ? 78  GLN A N   1 
ATOM   627 C CA  . GLN A 1 78  ? -10.326 3.860   10.170  1.00 11.07  ? 78  GLN A CA  1 
ATOM   628 C C   . GLN A 1 78  ? -9.229  4.580   10.925  1.00 11.41  ? 78  GLN A C   1 
ATOM   629 O O   . GLN A 1 78  ? -9.038  4.353   12.122  1.00 12.61  ? 78  GLN A O   1 
ATOM   630 C CB  . GLN A 1 78  ? -11.564 4.730   10.153  1.00 13.06  ? 78  GLN A CB  1 
ATOM   631 C CG  . GLN A 1 78  ? -12.756 4.042   9.548   1.00 12.56  ? 78  GLN A CG  1 
ATOM   632 C CD  . GLN A 1 78  ? -13.910 4.989   9.304   1.00 22.01  ? 78  GLN A CD  1 
ATOM   633 O OE1 . GLN A 1 78  ? -14.972 4.568   8.866   1.00 26.24  ? 78  GLN A OE1 1 
ATOM   634 N NE2 . GLN A 1 78  ? -13.706 6.272   9.568   1.00 21.08  ? 78  GLN A NE2 1 
ATOM   635 N N   . PHE A 1 79  ? -8.551  5.498   10.247  1.00 11.56  ? 79  PHE A N   1 
ATOM   636 C CA  . PHE A 1 79  ? -7.439  6.257   10.827  1.00 12.87  ? 79  PHE A CA  1 
ATOM   637 C C   . PHE A 1 79  ? -7.595  7.734   10.503  1.00 14.45  ? 79  PHE A C   1 
ATOM   638 O O   . PHE A 1 79  ? -8.214  8.108   9.511   1.00 13.57  ? 79  PHE A O   1 
ATOM   639 C CB  . PHE A 1 79  ? -6.097  5.728   10.273  1.00 9.68   ? 79  PHE A CB  1 
ATOM   640 C CG  . PHE A 1 79  ? -5.924  4.248   10.478  1.00 10.62  ? 79  PHE A CG  1 
ATOM   641 C CD1 . PHE A 1 79  ? -6.445  3.349   9.562   1.00 11.07  ? 79  PHE A CD1 1 
ATOM   642 C CD2 . PHE A 1 79  ? -5.396  3.754   11.662  1.00 10.03  ? 79  PHE A CD2 1 
ATOM   643 C CE1 . PHE A 1 79  ? -6.455  1.977   9.832   1.00 11.63  ? 79  PHE A CE1 1 
ATOM   644 C CE2 . PHE A 1 79  ? -5.407  2.386   11.927  1.00 14.45  ? 79  PHE A CE2 1 
ATOM   645 C CZ  . PHE A 1 79  ? -5.938  1.504   11.019  1.00 9.31   ? 79  PHE A CZ  1 
ATOM   646 N N   . ASN A 1 80  ? -7.009  8.569   11.339  1.00 14.15  ? 80  ASN A N   1 
ATOM   647 C CA  . ASN A 1 80  ? -7.080  9.998   11.143  1.00 16.52  ? 80  ASN A CA  1 
ATOM   648 C C   . ASN A 1 80  ? -6.119  10.471  10.048  1.00 17.56  ? 80  ASN A C   1 
ATOM   649 O O   . ASN A 1 80  ? -6.282  11.560  9.510   1.00 19.75  ? 80  ASN A O   1 
ATOM   650 C CB  . ASN A 1 80  ? -6.827  10.727  12.475  1.00 18.59  ? 80  ASN A CB  1 
ATOM   651 C CG  . ASN A 1 80  ? -7.932  10.488  13.489  1.00 21.60  ? 80  ASN A CG  1 
ATOM   652 O OD1 . ASN A 1 80  ? -9.094  10.341  13.132  1.00 20.46  ? 80  ASN A OD1 1 
ATOM   653 N ND2 . ASN A 1 80  ? -7.562  10.426  14.767  1.00 24.34  ? 80  ASN A ND2 1 
ATOM   654 N N   . SER A 1 81  ? -5.110  9.668   9.719   1.00 17.07  ? 81  SER A N   1 
ATOM   655 C CA  . SER A 1 81  ? -4.174  10.054  8.672   1.00 14.64  ? 81  SER A CA  1 
ATOM   656 C C   . SER A 1 81  ? -3.647  8.819   7.959   1.00 15.51  ? 81  SER A C   1 
ATOM   657 O O   . SER A 1 81  ? -3.693  7.696   8.486   1.00 13.79  ? 81  SER A O   1 
ATOM   658 C CB  . SER A 1 81  ? -2.998  10.834  9.242   1.00 13.63  ? 81  SER A CB  1 
ATOM   659 O OG  . SER A 1 81  ? -2.202  10.001  10.081  1.00 15.11  ? 81  SER A OG  1 
ATOM   660 N N   . LEU A 1 82  ? -3.090  9.043   6.782   1.00 14.50  ? 82  LEU A N   1 
ATOM   661 C CA  . LEU A 1 82  ? -2.521  7.970   5.989   1.00 15.09  ? 82  LEU A CA  1 
ATOM   662 C C   . LEU A 1 82  ? -1.330  7.379   6.733   1.00 13.68  ? 82  LEU A C   1 
ATOM   663 O O   . LEU A 1 82  ? -1.123  6.181   6.733   1.00 13.65  ? 82  LEU A O   1 
ATOM   664 C CB  . LEU A 1 82  ? -2.118  8.523   4.623   1.00 16.55  ? 82  LEU A CB  1 
ATOM   665 C CG  . LEU A 1 82  ? -2.020  7.534   3.482   1.00 23.00  ? 82  LEU A CG  1 
ATOM   666 C CD1 . LEU A 1 82  ? -3.249  6.667   3.426   1.00 24.95  ? 82  LEU A CD1 1 
ATOM   667 C CD2 . LEU A 1 82  ? -1.891  8.330   2.221   1.00 25.93  ? 82  LEU A CD2 1 
ATOM   668 N N   . GLN A 1 83  ? -0.528  8.248   7.339   1.00 12.29  ? 83  GLN A N   1 
ATOM   669 C CA  . GLN A 1 83  ? 0.632   7.851   8.144   1.00 13.24  ? 83  GLN A CA  1 
ATOM   670 C C   . GLN A 1 83  ? 0.223   6.885   9.270   1.00 11.61  ? 83  GLN A C   1 
ATOM   671 O O   . GLN A 1 83  ? 0.951   5.967   9.579   1.00 11.52  ? 83  GLN A O   1 
ATOM   672 C CB  . GLN A 1 83  ? 1.307   9.077   8.785   1.00 16.61  ? 83  GLN A CB  1 
ATOM   673 C CG  . GLN A 1 83  ? 1.981   10.046  7.796   1.00 22.82  ? 83  GLN A CG  1 
ATOM   674 C CD  . GLN A 1 83  ? 1.075   11.124  7.155   1.00 24.73  ? 83  GLN A CD  1 
ATOM   675 O OE1 . GLN A 1 83  ? 1.581   12.094  6.600   1.00 33.09  ? 83  GLN A OE1 1 
ATOM   676 N NE2 . GLN A 1 83  ? -0.232  10.969  7.241   1.00 21.06  ? 83  GLN A NE2 1 
ATOM   677 N N   . GLN A 1 84  ? -0.905  7.125   9.933   1.00 10.80  ? 84  GLN A N   1 
ATOM   678 C CA  . GLN A 1 84  ? -1.376  6.225   10.991  1.00 11.70  ? 84  GLN A CA  1 
ATOM   679 C C   . GLN A 1 84  ? -1.829  4.882   10.432  1.00 9.81   ? 84  GLN A C   1 
ATOM   680 O O   . GLN A 1 84  ? -1.644  3.834   11.067  1.00 11.43  ? 84  GLN A O   1 
ATOM   681 C CB  . GLN A 1 84  ? -2.482  6.899   11.820  1.00 12.31  ? 84  GLN A CB  1 
ATOM   682 C CG  . GLN A 1 84  ? -1.908  7.901   12.793  1.00 23.57  ? 84  GLN A CG  1 
ATOM   683 C CD  . GLN A 1 84  ? -2.936  8.851   13.341  1.00 31.85  ? 84  GLN A CD  1 
ATOM   684 O OE1 . GLN A 1 84  ? -3.780  9.357   12.605  1.00 37.83  ? 84  GLN A OE1 1 
ATOM   685 N NE2 . GLN A 1 84  ? -2.873  9.104   14.641  1.00 32.24  ? 84  GLN A NE2 1 
ATOM   686 N N   . LEU A 1 85  ? -2.418  4.920   9.245   1.00 8.18   ? 85  LEU A N   1 
ATOM   687 C CA  . LEU A 1 85  ? -2.840  3.698   8.576   1.00 9.24   ? 85  LEU A CA  1 
ATOM   688 C C   . LEU A 1 85  ? -1.603  2.820   8.253   1.00 7.82   ? 85  LEU A C   1 
ATOM   689 O O   . LEU A 1 85  ? -1.589  1.616   8.514   1.00 9.18   ? 85  LEU A O   1 
ATOM   690 C CB  . LEU A 1 85  ? -3.620  4.034   7.296   1.00 8.80   ? 85  LEU A CB  1 
ATOM   691 C CG  . LEU A 1 85  ? -4.241  2.874   6.483   1.00 11.86  ? 85  LEU A CG  1 
ATOM   692 C CD1 . LEU A 1 85  ? -5.522  3.371   5.804   1.00 13.29  ? 85  LEU A CD1 1 
ATOM   693 C CD2 . LEU A 1 85  ? -3.231  2.308   5.455   1.00 10.36  ? 85  LEU A CD2 1 
ATOM   694 N N   . VAL A 1 86  ? -0.567  3.430   7.691   1.00 9.95   ? 86  VAL A N   1 
ATOM   695 C CA  . VAL A 1 86  ? 0.654   2.710   7.364   1.00 10.99  ? 86  VAL A CA  1 
ATOM   696 C C   . VAL A 1 86  ? 1.272   2.165   8.637   1.00 12.47  ? 86  VAL A C   1 
ATOM   697 O O   . VAL A 1 86  ? 1.647   1.002   8.690   1.00 11.24  ? 86  VAL A O   1 
ATOM   698 C CB  . VAL A 1 86  ? 1.658   3.609   6.588   1.00 12.81  ? 86  VAL A CB  1 
ATOM   699 C CG1 . VAL A 1 86  ? 3.039   2.950   6.525   1.00 14.30  ? 86  VAL A CG1 1 
ATOM   700 C CG2 . VAL A 1 86  ? 1.125   3.860   5.152   1.00 11.35  ? 86  VAL A CG2 1 
ATOM   701 N N   . ALA A 1 87  ? 1.305   2.964   9.700   1.00 11.29  ? 87  ALA A N   1 
ATOM   702 C CA  . ALA A 1 87  ? 1.885   2.478   10.941  1.00 11.81  ? 87  ALA A CA  1 
ATOM   703 C C   . ALA A 1 87  ? 1.105   1.287   11.493  1.00 12.18  ? 87  ALA A C   1 
ATOM   704 O O   . ALA A 1 87  ? 1.712   0.302   11.951  1.00 11.70  ? 87  ALA A O   1 
ATOM   705 C CB  . ALA A 1 87  ? 2.007   3.609   11.991  1.00 9.97   ? 87  ALA A CB  1 
ATOM   706 N N   . TYR A 1 88  ? -0.223  1.344   11.429  1.00 10.51  ? 88  TYR A N   1 
ATOM   707 C CA  . TYR A 1 88  ? -1.045  0.227   11.919  1.00 10.99  ? 88  TYR A CA  1 
ATOM   708 C C   . TYR A 1 88  ? -0.808  -1.083  11.128  1.00 10.79  ? 88  TYR A C   1 
ATOM   709 O O   . TYR A 1 88  ? -0.669  -2.161  11.724  1.00 11.69  ? 88  TYR A O   1 
ATOM   710 C CB  . TYR A 1 88  ? -2.532  0.609   11.872  1.00 7.14   ? 88  TYR A CB  1 
ATOM   711 C CG  . TYR A 1 88  ? -3.475  -0.496  12.242  1.00 8.71   ? 88  TYR A CG  1 
ATOM   712 C CD1 . TYR A 1 88  ? -3.932  -0.631  13.546  1.00 10.71  ? 88  TYR A CD1 1 
ATOM   713 C CD2 . TYR A 1 88  ? -3.913  -1.408  11.285  1.00 9.36   ? 88  TYR A CD2 1 
ATOM   714 C CE1 . TYR A 1 88  ? -4.806  -1.657  13.898  1.00 11.51  ? 88  TYR A CE1 1 
ATOM   715 C CE2 . TYR A 1 88  ? -4.770  -2.415  11.608  1.00 13.54  ? 88  TYR A CE2 1 
ATOM   716 C CZ  . TYR A 1 88  ? -5.224  -2.544  12.924  1.00 14.43  ? 88  TYR A CZ  1 
ATOM   717 O OH  . TYR A 1 88  ? -6.083  -3.571  13.252  1.00 14.32  ? 88  TYR A OH  1 
ATOM   718 N N   . TYR A 1 89  ? -0.791  -1.004  9.793   1.00 11.90  ? 89  TYR A N   1 
ATOM   719 C CA  . TYR A 1 89  ? -0.588  -2.198  8.960   1.00 11.11  ? 89  TYR A CA  1 
ATOM   720 C C   . TYR A 1 89  ? 0.849   -2.710  8.931   1.00 9.98   ? 89  TYR A C   1 
ATOM   721 O O   . TYR A 1 89  ? 1.137   -3.730  8.342   1.00 11.43  ? 89  TYR A O   1 
ATOM   722 C CB  . TYR A 1 89  ? -1.177  -2.028  7.558   1.00 8.81   ? 89  TYR A CB  1 
ATOM   723 C CG  . TYR A 1 89  ? -2.695  -2.039  7.566   1.00 8.52   ? 89  TYR A CG  1 
ATOM   724 C CD1 . TYR A 1 89  ? -3.423  -0.864  7.338   1.00 11.39  ? 89  TYR A CD1 1 
ATOM   725 C CD2 . TYR A 1 89  ? -3.403  -3.205  7.869   1.00 8.23   ? 89  TYR A CD2 1 
ATOM   726 C CE1 . TYR A 1 89  ? -4.818  -0.843  7.421   1.00 8.63   ? 89  TYR A CE1 1 
ATOM   727 C CE2 . TYR A 1 89  ? -4.796  -3.204  7.949   1.00 8.09   ? 89  TYR A CE2 1 
ATOM   728 C CZ  . TYR A 1 89  ? -5.494  -2.010  7.729   1.00 11.18  ? 89  TYR A CZ  1 
ATOM   729 O OH  . TYR A 1 89  ? -6.856  -1.975  7.855   1.00 11.86  ? 89  TYR A OH  1 
ATOM   730 N N   . SER A 1 90  ? 1.755   -1.981  9.565   1.00 11.75  ? 90  SER A N   1 
ATOM   731 C CA  . SER A 1 90  ? 3.136   -2.432  9.681   1.00 12.12  ? 90  SER A CA  1 
ATOM   732 C C   . SER A 1 90  ? 3.234   -3.368  10.886  1.00 15.38  ? 90  SER A C   1 
ATOM   733 O O   . SER A 1 90  ? 4.250   -4.037  11.057  1.00 17.22  ? 90  SER A O   1 
ATOM   734 C CB  . SER A 1 90  ? 4.070   -1.246  9.885   1.00 14.56  ? 90  SER A CB  1 
ATOM   735 O OG  . SER A 1 90  ? 4.057   -0.394  8.743   1.00 17.57  ? 90  SER A OG  1 
ATOM   736 N N   . LYS A 1 91  ? 2.189   -3.376  11.725  1.00 12.93  ? 91  LYS A N   1 
ATOM   737 C CA  . LYS A 1 91  ? 2.110   -4.200  12.931  1.00 15.55  ? 91  LYS A CA  1 
ATOM   738 C C   . LYS A 1 91  ? 1.050   -5.296  12.835  1.00 15.24  ? 91  LYS A C   1 
ATOM   739 O O   . LYS A 1 91  ? 1.163   -6.334  13.470  1.00 19.53  ? 91  LYS A O   1 
ATOM   740 C CB  . LYS A 1 91  ? 1.758   -3.329  14.149  1.00 16.98  ? 91  LYS A CB  1 
ATOM   741 C CG  . LYS A 1 91  ? 2.764   -2.284  14.550  1.00 22.67  ? 91  LYS A CG  1 
ATOM   742 C CD  . LYS A 1 91  ? 3.932   -2.979  15.143  1.00 33.82  ? 91  LYS A CD  1 
ATOM   743 C CE  . LYS A 1 91  ? 4.748   -2.064  16.025  1.00 45.01  ? 91  LYS A CE  1 
ATOM   744 N NZ  . LYS A 1 91  ? 5.696   -2.923  16.827  1.00 54.48  ? 91  LYS A NZ  1 
ATOM   745 N N   . HIS A 1 92  ? -0.010  -5.065  12.084  1.00 14.60  ? 92  HIS A N   1 
ATOM   746 C CA  . HIS A 1 92  ? -1.079  -6.058  11.986  1.00 12.90  ? 92  HIS A CA  1 
ATOM   747 C C   . HIS A 1 92  ? -1.269  -6.440  10.551  1.00 13.63  ? 92  HIS A C   1 
ATOM   748 O O   . HIS A 1 92  ? -1.330  -5.556  9.701   1.00 14.99  ? 92  HIS A O   1 
ATOM   749 C CB  . HIS A 1 92  ? -2.411  -5.470  12.462  1.00 14.28  ? 92  HIS A CB  1 
ATOM   750 C CG  . HIS A 1 92  ? -2.306  -4.674  13.725  1.00 16.29  ? 92  HIS A CG  1 
ATOM   751 N ND1 . HIS A 1 92  ? -2.871  -5.082  14.912  1.00 19.96  ? 92  HIS A ND1 1 
ATOM   752 C CD2 . HIS A 1 92  ? -1.672  -3.507  13.993  1.00 16.53  ? 92  HIS A CD2 1 
ATOM   753 C CE1 . HIS A 1 92  ? -2.584  -4.210  15.859  1.00 14.18  ? 92  HIS A CE1 1 
ATOM   754 N NE2 . HIS A 1 92  ? -1.852  -3.243  15.327  1.00 20.63  ? 92  HIS A NE2 1 
ATOM   755 N N   . ALA A 1 93  ? -1.362  -7.730  10.264  1.00 14.02  ? 93  ALA A N   1 
ATOM   756 C CA  . ALA A 1 93  ? -1.597  -8.140  8.891   1.00 14.08  ? 93  ALA A CA  1 
ATOM   757 C C   . ALA A 1 93  ? -3.105  -7.998  8.619   1.00 12.76  ? 93  ALA A C   1 
ATOM   758 O O   . ALA A 1 93  ? -3.489  -7.489  7.583   1.00 13.48  ? 93  ALA A O   1 
ATOM   759 C CB  . ALA A 1 93  ? -1.153  -9.571  8.663   1.00 13.18  ? 93  ALA A CB  1 
ATOM   760 N N   . ASP A 1 94  ? -3.947  -8.352  9.593   1.00 12.67  ? 94  ASP A N   1 
ATOM   761 C CA  . ASP A 1 94  ? -5.400  -8.321  9.428   1.00 12.18  ? 94  ASP A CA  1 
ATOM   762 C C   . ASP A 1 94  ? -5.763  -8.998  8.118   1.00 12.09  ? 94  ASP A C   1 
ATOM   763 O O   . ASP A 1 94  ? -5.448  -10.181 7.951   1.00 13.38  ? 94  ASP A O   1 
ATOM   764 C CB  . ASP A 1 94  ? -5.980  -6.899  9.516   1.00 14.10  ? 94  ASP A CB  1 
ATOM   765 C CG  . ASP A 1 94  ? -6.021  -6.372  10.933  1.00 17.33  ? 94  ASP A CG  1 
ATOM   766 O OD1 . ASP A 1 94  ? -5.477  -7.036  11.828  1.00 14.45  ? 94  ASP A OD1 1 
ATOM   767 O OD2 . ASP A 1 94  ? -6.607  -5.297  11.135  1.00 16.49  ? 94  ASP A OD2 1 
ATOM   768 N N   . GLY A 1 95  ? -6.374  -8.269  7.184   1.00 10.97  ? 95  GLY A N   1 
ATOM   769 C CA  . GLY A 1 95  ? -6.757  -8.873  5.911   1.00 11.59  ? 95  GLY A CA  1 
ATOM   770 C C   . GLY A 1 95  ? -5.769  -8.727  4.759   1.00 11.71  ? 95  GLY A C   1 
ATOM   771 O O   . GLY A 1 95  ? -6.019  -9.201  3.646   1.00 12.05  ? 95  GLY A O   1 
ATOM   772 N N   . LEU A 1 96  ? -4.625  -8.101  5.019   1.00 11.92  ? 96  LEU A N   1 
ATOM   773 C CA  . LEU A 1 96  ? -3.616  -7.891  3.978   1.00 11.72  ? 96  LEU A CA  1 
ATOM   774 C C   . LEU A 1 96  ? -2.800  -9.156  3.757   1.00 12.26  ? 96  LEU A C   1 
ATOM   775 O O   . LEU A 1 96  ? -2.765  -10.034 4.618   1.00 13.43  ? 96  LEU A O   1 
ATOM   776 C CB  . LEU A 1 96  ? -2.676  -6.740  4.348   1.00 10.11  ? 96  LEU A CB  1 
ATOM   777 C CG  . LEU A 1 96  ? -3.249  -5.351  4.682   1.00 16.39  ? 96  LEU A CG  1 
ATOM   778 C CD1 . LEU A 1 96  ? -2.108  -4.320  4.679   1.00 16.36  ? 96  LEU A CD1 1 
ATOM   779 C CD2 . LEU A 1 96  ? -4.365  -4.952  3.704   1.00 17.24  ? 96  LEU A CD2 1 
ATOM   780 N N   . CYS A 1 97  ? -2.119  -9.241  2.622   1.00 12.08  ? 97  CYS A N   1 
ATOM   781 C CA  . CYS A 1 97  ? -1.324  -10.416 2.309   1.00 12.16  ? 97  CYS A CA  1 
ATOM   782 C C   . CYS A 1 97  ? -0.145  -10.586 3.265   1.00 12.71  ? 97  CYS A C   1 
ATOM   783 O O   . CYS A 1 97  ? 0.355   -11.710 3.479   1.00 13.39  ? 97  CYS A O   1 
ATOM   784 C CB  . CYS A 1 97  ? -0.849  -10.365 0.835   1.00 10.31  ? 97  CYS A CB  1 
ATOM   785 S SG  . CYS A 1 97  ? 0.163   -8.931  0.397   1.00 15.21  ? 97  CYS A SG  1 
ATOM   786 N N   . HIS A 1 98  ? 0.278   -9.485  3.885   1.00 12.92  ? 98  HIS A N   1 
ATOM   787 C CA  . HIS A 1 98  ? 1.412   -9.511  4.798   1.00 12.46  ? 98  HIS A CA  1 
ATOM   788 C C   . HIS A 1 98  ? 1.467   -8.150  5.471   1.00 13.23  ? 98  HIS A C   1 
ATOM   789 O O   . HIS A 1 98  ? 0.913   -7.182  4.946   1.00 13.13  ? 98  HIS A O   1 
ATOM   790 C CB  . HIS A 1 98  ? 2.709   -9.727  3.997   1.00 12.36  ? 98  HIS A CB  1 
ATOM   791 C CG  . HIS A 1 98  ? 3.876   -10.148 4.830   1.00 13.92  ? 98  HIS A CG  1 
ATOM   792 N ND1 . HIS A 1 98  ? 4.707   -9.250  5.472   1.00 10.29  ? 98  HIS A ND1 1 
ATOM   793 C CD2 . HIS A 1 98  ? 4.322   -11.377 5.179   1.00 12.75  ? 98  HIS A CD2 1 
ATOM   794 C CE1 . HIS A 1 98  ? 5.601   -9.909  6.181   1.00 9.61   ? 98  HIS A CE1 1 
ATOM   795 N NE2 . HIS A 1 98  ? 5.388   -11.202 6.023   1.00 12.75  ? 98  HIS A NE2 1 
ATOM   796 N N   . ARG A 1 99  ? 2.078   -8.071  6.649   1.00 11.93  ? 99  ARG A N   1 
ATOM   797 C CA  . ARG A 1 99  ? 2.204   -6.778  7.290   1.00 12.95  ? 99  ARG A CA  1 
ATOM   798 C C   . ARG A 1 99  ? 3.221   -5.950  6.444   1.00 11.35  ? 99  ARG A C   1 
ATOM   799 O O   . ARG A 1 99  ? 4.083   -6.533  5.732   1.00 10.93  ? 99  ARG A O   1 
ATOM   800 C CB  . ARG A 1 99  ? 2.659   -6.931  8.750   1.00 11.81  ? 99  ARG A CB  1 
ATOM   801 C CG  . ARG A 1 99  ? 4.111   -7.154  8.921   1.00 16.48  ? 99  ARG A CG  1 
ATOM   802 C CD  . ARG A 1 99  ? 4.544   -7.075  10.369  1.00 22.04  ? 99  ARG A CD  1 
ATOM   803 N NE  . ARG A 1 99  ? 5.978   -7.351  10.466  1.00 19.78  ? 99  ARG A NE  1 
ATOM   804 C CZ  . ARG A 1 99  ? 6.928   -6.424  10.503  1.00 19.79  ? 99  ARG A CZ  1 
ATOM   805 N NH1 . ARG A 1 99  ? 6.630   -5.130  10.476  1.00 20.42  ? 99  ARG A NH1 1 
ATOM   806 N NH2 . ARG A 1 99  ? 8.201   -6.801  10.463  1.00 27.36  ? 99  ARG A NH2 1 
ATOM   807 N N   . LEU A 1 100 ? 3.097   -4.618  6.478   1.00 11.00  ? 100 LEU A N   1 
ATOM   808 C CA  . LEU A 1 100 ? 4.021   -3.754  5.734   1.00 11.85  ? 100 LEU A CA  1 
ATOM   809 C C   . LEU A 1 100 ? 5.381   -3.795  6.424   1.00 12.34  ? 100 LEU A C   1 
ATOM   810 O O   . LEU A 1 100 ? 5.491   -3.570  7.632   1.00 13.53  ? 100 LEU A O   1 
ATOM   811 C CB  . LEU A 1 100 ? 3.485   -2.316  5.641   1.00 10.31  ? 100 LEU A CB  1 
ATOM   812 C CG  . LEU A 1 100 ? 2.050   -2.228  5.099   1.00 8.30   ? 100 LEU A CG  1 
ATOM   813 C CD1 . LEU A 1 100 ? 1.595   -0.756  5.070   1.00 8.72   ? 100 LEU A CD1 1 
ATOM   814 C CD2 . LEU A 1 100 ? 2.022   -2.862  3.706   1.00 9.66   ? 100 LEU A CD2 1 
ATOM   815 N N   . THR A 1 101 ? 6.423   -4.052  5.649   1.00 10.95  ? 101 THR A N   1 
ATOM   816 C CA  . THR A 1 101 ? 7.756   -4.156  6.210   1.00 13.05  ? 101 THR A CA  1 
ATOM   817 C C   . THR A 1 101 ? 8.726   -3.082  5.771   1.00 15.01  ? 101 THR A C   1 
ATOM   818 O O   . THR A 1 101 ? 9.202   -2.285  6.577   1.00 18.29  ? 101 THR A O   1 
ATOM   819 C CB  . THR A 1 101 ? 8.390   -5.570  5.914   1.00 13.45  ? 101 THR A CB  1 
ATOM   820 O OG1 . THR A 1 101 ? 8.480   -5.784  4.496   1.00 12.62  ? 101 THR A OG1 1 
ATOM   821 C CG2 . THR A 1 101 ? 7.561   -6.686  6.536   1.00 8.56   ? 101 THR A CG2 1 
ATOM   822 N N   . THR A 1 102 ? 8.985   -3.020  4.478   1.00 14.64  ? 102 THR A N   1 
ATOM   823 C CA  . THR A 1 102 ? 9.965   -2.075  3.981   1.00 15.45  ? 102 THR A CA  1 
ATOM   824 C C   . THR A 1 102 ? 9.468   -1.246  2.789   1.00 13.56  ? 102 THR A C   1 
ATOM   825 O O   . THR A 1 102 ? 8.668   -1.714  1.985   1.00 12.09  ? 102 THR A O   1 
ATOM   826 C CB  . THR A 1 102 ? 11.325  -2.832  3.656   1.00 18.74  ? 102 THR A CB  1 
ATOM   827 O OG1 . THR A 1 102 ? 11.660  -2.707  2.277   1.00 29.41  ? 102 THR A OG1 1 
ATOM   828 C CG2 . THR A 1 102 ? 11.204  -4.310  3.945   1.00 17.16  ? 102 THR A CG2 1 
ATOM   829 N N   . VAL A 1 103 ? 9.869   0.019   2.755   1.00 12.54  ? 103 VAL A N   1 
ATOM   830 C CA  . VAL A 1 103 ? 9.525   0.896   1.645   1.00 13.27  ? 103 VAL A CA  1 
ATOM   831 C C   . VAL A 1 103 ? 10.254  0.426   0.360   1.00 13.93  ? 103 VAL A C   1 
ATOM   832 O O   . VAL A 1 103 ? 11.451  0.116   0.369   1.00 11.66  ? 103 VAL A O   1 
ATOM   833 C CB  . VAL A 1 103 ? 9.894   2.350   1.962   1.00 13.00  ? 103 VAL A CB  1 
ATOM   834 C CG1 . VAL A 1 103 ? 9.561   3.252   0.786   1.00 12.09  ? 103 VAL A CG1 1 
ATOM   835 C CG2 . VAL A 1 103 ? 9.148   2.791   3.216   1.00 19.73  ? 103 VAL A CG2 1 
ATOM   836 N N   . CYS A 1 104 ? 9.497   0.326   -0.722  1.00 11.35  ? 104 CYS A N   1 
ATOM   837 C CA  . CYS A 1 104 ? 10.033  -0.095  -2.002  1.00 15.03  ? 104 CYS A CA  1 
ATOM   838 C C   . CYS A 1 104 ? 11.259  0.708   -2.379  1.00 17.22  ? 104 CYS A C   1 
ATOM   839 O O   . CYS A 1 104 ? 11.220  1.944   -2.397  1.00 17.10  ? 104 CYS A O   1 
ATOM   840 C CB  . CYS A 1 104 ? 9.009   0.100   -3.110  1.00 16.34  ? 104 CYS A CB  1 
ATOM   841 S SG  . CYS A 1 104 ? 9.529   -0.719  -4.616  1.00 18.22  ? 104 CYS A SG  1 
ATOM   842 N N   . PRO A 1 105 ? 12.360  0.011   -2.691  1.00 17.64  ? 105 PRO A N   1 
ATOM   843 C CA  . PRO A 1 105 ? 13.618  0.644   -3.085  1.00 21.67  ? 105 PRO A CA  1 
ATOM   844 C C   . PRO A 1 105 ? 13.398  1.251   -4.466  1.00 25.57  ? 105 PRO A C   1 
ATOM   845 O O   . PRO A 1 105 ? 12.720  0.618   -5.321  1.00 28.20  ? 105 PRO A O   1 
ATOM   846 C CB  . PRO A 1 105 ? 14.582  -0.535  -3.168  1.00 23.43  ? 105 PRO A CB  1 
ATOM   847 C CG  . PRO A 1 105 ? 13.970  -1.561  -2.286  1.00 26.22  ? 105 PRO A CG  1 
ATOM   848 C CD  . PRO A 1 105 ? 12.519  -1.445  -2.609  1.00 21.93  ? 105 PRO A CD  1 
HETATM 849 C C1  . 262 B 2 .   ? -6.499  -1.381  -5.536  1.00 33.78  ? 300 262 A C1  1 
HETATM 850 C C2  . 262 B 2 .   ? -6.659  -2.748  -5.881  1.00 35.56  ? 300 262 A C2  1 
HETATM 851 C C3  . 262 B 2 .   ? -6.296  -3.167  -7.185  1.00 37.62  ? 300 262 A C3  1 
HETATM 852 C C4  . 262 B 2 .   ? -5.785  -2.205  -8.116  1.00 36.53  ? 300 262 A C4  1 
HETATM 853 C C5  . 262 B 2 .   ? -5.624  -0.829  -7.757  1.00 31.65  ? 300 262 A C5  1 
HETATM 854 C C6  . 262 B 2 .   ? -5.957  -0.415  -6.410  1.00 29.69  ? 300 262 A C6  1 
HETATM 855 C C7  . 262 B 2 .   ? -5.567  0.852   -5.758  1.00 26.28  ? 300 262 A C7  1 
HETATM 856 O O8  . 262 B 2 .   ? -4.903  -0.008  -8.669  1.00 31.96  ? 300 262 A O8  1 
HETATM 857 P P9  . 262 B 2 .   ? -5.683  0.999   -9.594  1.00 26.72  ? 300 262 A P9  1 
HETATM 858 O O10 . 262 B 2 .   ? -4.653  2.080   -9.943  1.00 23.80  ? 300 262 A O10 1 
HETATM 859 O O11 . 262 B 2 .   ? -6.849  1.634   -8.775  1.00 26.63  ? 300 262 A O11 1 
HETATM 860 O O14 . 262 B 2 .   ? -6.133  0.309   -10.859 1.00 35.13  ? 300 262 A O14 1 
HETATM 861 O O12 . 262 B 2 .   ? -5.675  2.078   -6.172  1.00 22.85  ? 300 262 A O12 1 
HETATM 862 O O   . HOH C 3 .   ? 9.274   -9.783  5.283   1.00 13.14  ? 301 HOH A O   1 
HETATM 863 O O   . HOH C 3 .   ? -0.618  -14.065 2.549   1.00 23.48  ? 302 HOH A O   1 
HETATM 864 O O   . HOH C 3 .   ? -7.960  -4.135  9.229   1.00 21.93  ? 303 HOH A O   1 
HETATM 865 O O   . HOH C 3 .   ? 4.287   5.388   -14.139 1.00 18.22  ? 304 HOH A O   1 
HETATM 866 O O   . HOH C 3 .   ? 7.931   -10.152 -1.606  1.00 15.35  ? 305 HOH A O   1 
HETATM 867 O O   . HOH C 3 .   ? 10.195  -12.202 -1.664  1.00 19.10  ? 306 HOH A O   1 
HETATM 868 O O   . HOH C 3 .   ? 8.040   6.785   7.301   1.00 26.42  ? 307 HOH A O   1 
HETATM 869 O O   . HOH C 3 .   ? -10.819 -0.416  0.235   1.00 20.82  ? 308 HOH A O   1 
HETATM 870 O O   . HOH C 3 .   ? -6.558  2.287   -15.962 1.00 21.20  ? 309 HOH A O   1 
HETATM 871 O O   . HOH C 3 .   ? -10.814 -2.241  14.039  1.00 27.66  ? 310 HOH A O   1 
HETATM 872 O O   . HOH C 3 .   ? -8.259  -2.574  14.841  1.00 34.76  ? 311 HOH A O   1 
HETATM 873 O O   . HOH C 3 .   ? 3.963   1.134   13.277  1.00 51.53  ? 312 HOH A O   1 
HETATM 874 O O   . HOH C 3 .   ? -10.638 -4.834  10.458  1.00 26.68  ? 313 HOH A O   1 
HETATM 875 O O   . HOH C 3 .   ? -5.105  -12.010 2.818   1.00 26.54  ? 314 HOH A O   1 
HETATM 876 O O   . HOH C 3 .   ? 10.527  -6.141  -12.325 1.00 31.76  ? 315 HOH A O   1 
HETATM 877 O O   . HOH C 3 .   ? 6.733   0.944   8.252   1.00 37.80  ? 316 HOH A O   1 
HETATM 878 O O   . HOH C 3 .   ? 1.904   -10.258 -9.341  1.00 31.62  ? 317 HOH A O   1 
HETATM 879 O O   . HOH C 3 .   ? 3.367   -6.121  -14.271 1.00 41.71  ? 318 HOH A O   1 
HETATM 880 O O   . HOH C 3 .   ? 5.704   -4.469  -14.615 1.00 32.62  ? 319 HOH A O   1 
HETATM 881 O O   . HOH C 3 .   ? -1.770  5.754   -10.787 1.00 49.22  ? 320 HOH A O   1 
HETATM 882 O O   . HOH C 3 .   ? 7.488   -1.911  9.009   1.00 35.30  ? 321 HOH A O   1 
HETATM 883 O O   . HOH C 3 .   ? -8.324  0.245   -15.470 1.00 28.59  ? 322 HOH A O   1 
HETATM 884 O O   . HOH C 3 .   ? -3.444  9.004   -11.223 1.00 39.62  ? 323 HOH A O   1 
HETATM 885 O O   . HOH C 3 .   ? 0.893   -15.370 0.227   1.00 53.57  ? 324 HOH A O   1 
HETATM 886 O O   . HOH C 3 .   ? 12.538  3.611   5.136   1.00 36.14  ? 325 HOH A O   1 
HETATM 887 O O   . HOH C 3 .   ? 6.159   1.061   -16.395 1.00 31.02  ? 326 HOH A O   1 
HETATM 888 O O   . HOH C 3 .   ? 12.668  -2.032  -6.738  1.00 30.30  ? 327 HOH A O   1 
HETATM 889 O O   . HOH C 3 .   ? 4.806   7.959   8.162   1.00 47.59  ? 328 HOH A O   1 
HETATM 890 O O   . HOH C 3 .   ? 7.412   11.569  -1.649  1.00 41.05  ? 329 HOH A O   1 
HETATM 891 O O   . HOH C 3 .   ? -4.778  11.864  15.419  1.00 64.17  ? 330 HOH A O   1 
HETATM 892 O O   . HOH C 3 .   ? -0.495  -12.630 -2.642  1.00 31.96  ? 331 HOH A O   1 
HETATM 893 O O   . HOH C 3 .   ? 12.569  4.246   -1.909  1.00 29.93  ? 332 HOH A O   1 
HETATM 894 O O   . HOH C 3 .   ? -2.803  -8.016  -7.950  1.00 50.41  ? 333 HOH A O   1 
HETATM 895 O O   . HOH C 3 .   ? 17.087  -3.267  -4.104  1.00 87.87  ? 334 HOH A O   1 
HETATM 896 O O   . HOH C 3 .   ? 3.531   6.060   9.468   1.00 32.16  ? 335 HOH A O   1 
HETATM 897 O O   . HOH C 3 .   ? -12.982 5.861   -3.266  1.00 59.13  ? 336 HOH A O   1 
HETATM 898 O O   . HOH C 3 .   ? 11.281  1.287   5.077   1.00 37.88  ? 337 HOH A O   1 
HETATM 899 O O   . HOH C 3 .   ? 14.620  -9.662  -9.517  1.00 38.72  ? 338 HOH A O   1 
HETATM 900 O O   . HOH C 3 .   ? -1.241  -11.369 -6.502  1.00 33.44  ? 339 HOH A O   1 
HETATM 901 O O   . HOH C 3 .   ? 13.677  5.263   3.289   1.00 51.24  ? 340 HOH A O   1 
HETATM 902 O O   . HOH C 3 .   ? 11.499  6.719   -1.452  1.00 36.50  ? 341 HOH A O   1 
HETATM 903 O O   . HOH C 3 .   ? -16.781 -6.304  6.410   1.00 56.42  ? 342 HOH A O   1 
HETATM 904 O O   . HOH C 3 .   ? 14.129  1.565   1.138   1.00 61.23  ? 343 HOH A O   1 
HETATM 905 O O   . HOH C 3 .   ? -18.570 -8.326  10.793  1.00 62.69  ? 344 HOH A O   1 
HETATM 906 O O   . HOH C 3 .   ? -3.230  13.770  12.258  1.00 50.58  ? 345 HOH A O   1 
HETATM 907 O O   . HOH C 3 .   ? -19.062 0.789   8.440   1.00 51.68  ? 346 HOH A O   1 
HETATM 908 O O   . HOH C 3 .   ? 7.200   10.860  -5.395  1.00 45.18  ? 347 HOH A O   1 
HETATM 909 O O   . HOH C 3 .   ? 4.259   -13.336 7.966   1.00 41.40  ? 348 HOH A O   1 
HETATM 910 O O   . HOH C 3 .   ? 4.844   8.976   -13.932 1.00 59.48  ? 349 HOH A O   1 
HETATM 911 O O   . HOH C 3 .   ? 13.519  -6.871  -10.901 1.00 56.57  ? 350 HOH A O   1 
HETATM 912 O O   . HOH C 3 .   ? -9.082  -5.862  3.746   1.00 45.70  ? 351 HOH A O   1 
HETATM 913 O O   . HOH C 3 .   ? -15.009 -0.390  14.798  1.00 60.48  ? 352 HOH A O   1 
HETATM 914 O O   . HOH C 3 .   ? -4.021  14.255  8.393   1.00 73.09  ? 353 HOH A O   1 
HETATM 915 O O   . HOH C 3 .   ? 13.955  -3.970  -5.393  1.00 46.20  ? 354 HOH A O   1 
HETATM 916 O O   . HOH C 3 .   ? 13.549  6.680   0.444   1.00 56.40  ? 355 HOH A O   1 
HETATM 917 O O   . HOH C 3 .   ? 8.590   5.314   -10.095 1.00 57.32  ? 356 HOH A O   1 
HETATM 918 O O   . HOH C 3 .   ? 15.382  2.133   -7.807  1.00 50.08  ? 357 HOH A O   1 
HETATM 919 O O   . HOH C 3 .   ? 16.883  2.791   -5.843  1.00 54.20  ? 358 HOH A O   1 
HETATM 920 O O   . HOH C 3 .   ? 9.431   7.677   -4.839  1.00 56.73  ? 359 HOH A O   1 
HETATM 921 O O   . HOH C 3 .   ? -14.566 1.126   -12.595 1.00 100.00 ? 360 HOH A O   1 
HETATM 922 O O   . HOH C 3 .   ? 8.425   -20.083 1.380   1.00 43.62  ? 361 HOH A O   1 
HETATM 923 O O   . HOH C 3 .   ? -0.493  13.465  -10.331 1.00 47.50  ? 362 HOH A O   1 
HETATM 924 O O   . HOH C 3 .   ? -6.631  -9.572  -1.879  1.00 66.21  ? 363 HOH A O   1 
HETATM 925 O O   . HOH C 3 .   ? -12.427 2.466   12.967  1.00 17.62  ? 364 HOH A O   1 
HETATM 926 O O   . HOH C 3 .   ? -5.307  -9.719  0.652   1.00 25.34  ? 365 HOH A O   1 
HETATM 927 O O   . HOH C 3 .   ? -5.310  -9.106  13.602  1.00 45.34  ? 366 HOH A O   1 
HETATM 928 O O   . HOH C 3 .   ? 12.335  -12.722 -3.490  1.00 37.84  ? 367 HOH A O   1 
HETATM 929 O O   . HOH C 3 .   ? 13.906  4.307   -6.313  1.00 59.41  ? 368 HOH A O   1 
HETATM 930 O O   . HOH C 3 .   ? 13.030  -3.195  -13.913 1.00 80.01  ? 369 HOH A O   1 
HETATM 931 O O   . HOH C 3 .   ? 7.002   -13.305 6.686   1.00 54.68  ? 370 HOH A O   1 
HETATM 932 O O   . HOH C 3 .   ? 3.377   12.234  -8.619  1.00 40.84  ? 371 HOH A O   1 
HETATM 933 O O   . HOH C 3 .   ? 0.378   12.620  -5.817  1.00 35.22  ? 372 HOH A O   1 
HETATM 934 O O   . HOH C 3 .   ? 1.421   11.168  -15.913 1.00 49.76  ? 373 HOH A O   1 
HETATM 935 O O   . HOH C 3 .   ? 9.250   -16.327 -7.334  1.00 27.65  ? 374 HOH A O   1 
HETATM 936 O O   . HOH C 3 .   ? -7.468  5.243   14.314  1.00 10.46  ? 375 HOH A O   1 
HETATM 937 O O   . HOH C 3 .   ? 13.508  -2.140  -9.514  1.00 70.93  ? 376 HOH A O   1 
HETATM 938 O O   . HOH C 3 .   ? 16.604  -8.161  0.622   1.00 16.21  ? 377 HOH A O   1 
HETATM 939 O O   . HOH C 3 .   ? 1.925   -15.163 -2.563  1.00 61.32  ? 378 HOH A O   1 
HETATM 940 O O   . HOH C 3 .   ? 4.219   -21.536 1.157   1.00 38.56  ? 379 HOH A O   1 
HETATM 941 O O   . HOH C 3 .   ? -4.595  -7.065  -6.134  1.00 21.59  ? 380 HOH A O   1 
HETATM 942 O O   . HOH C 3 .   ? -8.635  -0.105  7.118   1.00 9.79   ? 381 HOH A O   1 
HETATM 943 O O   . HOH C 3 .   ? -2.719  11.857  5.992   1.00 19.36  ? 382 HOH A O   1 
HETATM 944 O O   . HOH C 3 .   ? -4.525  -11.692 5.795   1.00 10.93  ? 383 HOH A O   1 
HETATM 945 O O   . HOH C 3 .   ? 7.811   8.056   -8.526  1.00 53.80  ? 384 HOH A O   1 
HETATM 946 O O   . HOH C 3 .   ? 7.663   -3.077  -16.623 1.00 53.81  ? 385 HOH A O   1 
HETATM 947 O O   . HOH C 3 .   ? 20.342  -10.073 -6.490  1.00 65.18  ? 386 HOH A O   1 
HETATM 948 O O   . HOH C 3 .   ? -11.511 7.832   -1.386  1.00 34.66  ? 387 HOH A O   1 
HETATM 949 O O   . HOH C 3 .   ? 2.258   -15.107 -9.566  1.00 36.24  ? 388 HOH A O   1 
HETATM 950 O O   . HOH C 3 .   ? -8.779  -2.826  -2.156  1.00 59.51  ? 389 HOH A O   1 
HETATM 951 O O   . HOH C 3 .   ? -5.928  7.478   13.667  1.00 32.80  ? 390 HOH A O   1 
HETATM 952 O O   . HOH C 3 .   ? 6.035   -15.671 8.083   1.00 58.66  ? 391 HOH A O   1 
HETATM 953 O O   . HOH C 3 .   ? 13.609  1.244   -11.184 1.00 63.46  ? 392 HOH A O   1 
HETATM 954 O O   . HOH C 3 .   ? -7.932  5.213   -15.045 1.00 52.77  ? 393 HOH A O   1 
HETATM 955 O O   . HOH C 3 .   ? -0.567  -12.146 -9.087  1.00 49.57  ? 394 HOH A O   1 
HETATM 956 O O   . HOH C 3 .   ? 7.690   -20.156 -5.701  1.00 49.86  ? 395 HOH A O   1 
HETATM 957 O O   . HOH C 3 .   ? 18.409  -12.387 -9.215  1.00 60.65  ? 396 HOH A O   1 
HETATM 958 O O   . HOH C 3 .   ? -10.778 -9.015  3.327   1.00 70.53  ? 397 HOH A O   1 
HETATM 959 O O   . HOH C 3 .   ? 8.958   8.839   -2.677  1.00 54.04  ? 398 HOH A O   1 
HETATM 960 O O   . HOH C 3 .   ? 6.992   9.491   -15.256 1.00 100.00 ? 399 HOH A O   1 
HETATM 961 O O   . HOH C 3 .   ? 11.683  5.424   -9.178  1.00 84.50  ? 400 HOH A O   1 
HETATM 962 O O   . HOH C 3 .   ? -1.229  18.637  -8.812  1.00 84.28  ? 401 HOH A O   1 
HETATM 963 O O   . HOH C 3 .   ? 6.874   -7.146  -14.697 1.00 71.05  ? 402 HOH A O   1 
HETATM 964 O O   . HOH C 3 .   ? 4.206   -9.314  -13.859 1.00 79.93  ? 403 HOH A O   1 
HETATM 965 O O   . HOH C 3 .   ? -1.572  -16.396 -9.796  1.00 97.76  ? 404 HOH A O   1 
HETATM 966 O O   . HOH C 3 .   ? -6.492  -9.010  -5.004  1.00 63.79  ? 405 HOH A O   1 
HETATM 967 O O   . HOH C 3 .   ? 1.315   9.627   12.536  1.00 82.42  ? 406 HOH A O   1 
HETATM 968 O O   . HOH C 3 .   ? 12.630  -1.674  6.291   1.00 35.24  ? 407 HOH A O   1 
HETATM 969 O O   . HOH C 3 .   ? -8.217  -5.870  6.844   1.00 21.64  ? 408 HOH A O   1 
# 
